data_9ATP
#
_entry.id   9ATP
#
_cell.length_a   1.00
_cell.length_b   1.00
_cell.length_c   1.00
_cell.angle_alpha   90.00
_cell.angle_beta   90.00
_cell.angle_gamma   90.00
#
_symmetry.space_group_name_H-M   'P 1'
#
loop_
_entity.id
_entity.type
_entity.pdbx_description
1 polymer 'Spike glycoprotein'
2 polymer Nanosota-3C
#
loop_
_entity_poly.entity_id
_entity_poly.type
_entity_poly.pdbx_seq_one_letter_code
_entity_poly.pdbx_strand_id
1 'polypeptide(L)'
;QCVNLITRTQSYTNSFTRGVYYPDKVFRSSVLHSTQDLFLPFFSNVTWFHAIHVSGTNGTKRFDNPALPFNDGVYFASTE
KSNIIRGWIFGTTLDSKTQSLLIVNNATNVVIKVCEFQFCNDPFLDVYQKNNKSWMESEFRVYSSANNCTFEYVSQPFLM
DLEGKEGNFKNLREFVFKNIDGYFKIYSKHTPINLERDLPQGFSALEPLVDLPIGINITRFQTLLALHRSYLTPGDSSSG
WTAGAAAYYVGYLQPRTFLLKYNENGTITDAVDCALDPLSETKCTLKSFTVEKGIYQTSNFRVQPTESIVRFPNITNLCP
FHEVFNATTFASVYAWNRKRISNCVADYSVIYNFAPFFAFKCYGVSPTKLNDLCFTNVYADSFVIRGNEVSQIAPGQTGN
IADYNYKLPDDFTGCVIAWNSNKLDSKPSGNYNYLYRLFRKSKLKPFERDISTEIYQAGNKPCNGVAGPNCYSPLQSYGF
RPTYGVGHQPYRVVVLSFELLHAPATVCGPKKSTNLVKNKCVNFNFNGLTGTGVLTESNKKFLPFQQFGRDIADTTDAVR
DPQTLEILDITPCSFGGVSVITPGTNTSNQVAVLYQGVNCTEVPVAIHADQLTPTWRVYSTGSNVFQTRAGCLIGAEYVN
NSYECDIPIGAGICASYQTQTKSHAGARSVASQSIIAYTMSLGAENSVAYSNNSIAIPTNFTISVTTEILPVSMTKTSVD
CTMYICGDSTECSNLLLQYGSFCTQLKRALTGIAVEQDKNTQEVFAQVKQIYKTPPIKYFGGFNFSQILPDPSKPSKRSP
IEDLLFNKVTLADAGFIKQYGDCLGDIAARDLICAQKFNGLTVLPPLLTDEMIAQYTSALLAGTITSGWTFGAGPALQIP
FPMQMAYRFNGIGVTQNVLYENQKLIANQFNSAIGKIQDSLSSTPSALGKLQDVVNHNAQALNTLVKQLSSKFGAISSVL
NDILSRLDPPEAEVQIDRLITGRLQSLQTYVTQQLIRAAEIRASANLAATKMSECVLGQSKRVDFCGKGYHLMSFPQSAP
HGVVFLHVTYVPAQEKNFTTAPAICHDGKAHFPREGVFVSNGTHWFVTQRNFYEPQIITTDNTFVSGNCDVVIGIVNNTV
YDPLQPELDSFKEELDKYFKNHTSPDVDLGDISGINASVVNIQKEIDRLNEVAKNLNESLIDLQELGKYEQYIKGSGYIP
EAPRDGQAYVRKDGEWVLLSTFLGHHHHHH
;
A,B,C
2 'polypeptide(L)'
;QVQLQESGGGLVQAGGSLRLSCAASGSIFSPNTMGWFRQALGKQREGVAFISSIASTSYWLPVKGRFTITRDNTKNTVHL
QMNSLIPEDTAVYYCYAVDKSQDYWGQGTQVTVSSGGQHHHHHHGAYPYDVPDYAS
;
D,E,L
#
# COMPACT_ATOMS: atom_id res chain seq x y z
N THR A 9 -50.80 -42.15 -9.77
CA THR A 9 -52.10 -41.68 -9.31
C THR A 9 -51.98 -40.99 -7.96
N GLN A 10 -51.85 -39.68 -7.99
CA GLN A 10 -51.58 -38.92 -6.78
C GLN A 10 -52.79 -38.93 -5.84
N SER A 11 -52.58 -38.36 -4.67
CA SER A 11 -53.60 -38.16 -3.65
C SER A 11 -53.01 -37.24 -2.60
N TYR A 12 -53.84 -36.83 -1.65
CA TYR A 12 -53.41 -35.94 -0.58
C TYR A 12 -53.77 -36.54 0.76
N THR A 13 -53.01 -36.18 1.79
CA THR A 13 -53.29 -36.60 3.15
C THR A 13 -52.59 -35.65 4.10
N ASN A 14 -52.56 -36.01 5.38
CA ASN A 14 -52.04 -35.17 6.44
C ASN A 14 -50.76 -35.76 6.99
N SER A 15 -49.77 -34.90 7.24
CA SER A 15 -48.47 -35.36 7.69
C SER A 15 -48.42 -35.59 9.19
N PHE A 16 -49.32 -34.99 9.94
CA PHE A 16 -49.36 -35.14 11.40
C PHE A 16 -48.01 -34.67 11.94
N THR A 17 -47.56 -35.23 13.06
CA THR A 17 -46.29 -34.86 13.65
C THR A 17 -45.26 -35.96 13.37
N ARG A 18 -44.64 -35.88 12.19
CA ARG A 18 -43.64 -36.86 11.80
C ARG A 18 -42.46 -36.13 11.20
N GLY A 19 -41.32 -36.83 11.15
CA GLY A 19 -40.18 -36.34 10.42
C GLY A 19 -39.29 -35.39 11.18
N VAL A 20 -38.83 -35.81 12.36
CA VAL A 20 -37.89 -35.04 13.16
C VAL A 20 -36.64 -35.89 13.34
N TYR A 21 -35.49 -35.31 13.03
CA TYR A 21 -34.23 -36.05 13.05
C TYR A 21 -33.21 -35.32 13.90
N TYR A 22 -32.27 -36.07 14.44
CA TYR A 22 -31.22 -35.47 15.26
C TYR A 22 -30.39 -34.54 14.40
N PRO A 23 -30.41 -33.24 14.65
CA PRO A 23 -29.70 -32.31 13.75
C PRO A 23 -28.21 -32.53 13.69
N ASP A 24 -27.57 -32.97 14.77
CA ASP A 24 -26.12 -33.06 14.81
C ASP A 24 -25.74 -34.23 15.72
N LYS A 25 -24.48 -34.29 16.12
CA LYS A 25 -23.97 -35.46 16.82
C LYS A 25 -23.45 -35.15 18.21
N VAL A 26 -24.22 -34.40 19.00
CA VAL A 26 -23.85 -34.08 20.37
C VAL A 26 -24.88 -34.68 21.31
N PHE A 27 -24.41 -35.41 22.31
CA PHE A 27 -25.30 -36.03 23.29
C PHE A 27 -25.89 -34.97 24.20
N ARG A 28 -27.18 -35.07 24.48
CA ARG A 28 -27.84 -34.21 25.44
C ARG A 28 -28.88 -35.03 26.18
N SER A 29 -29.23 -34.57 27.39
CA SER A 29 -30.20 -35.28 28.19
C SER A 29 -30.91 -34.31 29.12
N SER A 30 -32.23 -34.47 29.24
CA SER A 30 -33.03 -33.67 30.15
C SER A 30 -32.80 -32.18 29.94
N VAL A 31 -32.89 -31.75 28.70
CA VAL A 31 -32.68 -30.35 28.35
C VAL A 31 -33.53 -30.02 27.13
N LEU A 32 -34.10 -28.82 27.12
CA LEU A 32 -34.92 -28.34 26.03
C LEU A 32 -34.07 -27.46 25.13
N HIS A 33 -33.98 -27.81 23.85
CA HIS A 33 -33.04 -27.15 22.95
C HIS A 33 -33.80 -26.58 21.77
N SER A 34 -33.26 -25.52 21.18
CA SER A 34 -33.87 -24.84 20.05
C SER A 34 -32.96 -24.92 18.84
N THR A 35 -33.50 -25.41 17.73
CA THR A 35 -32.69 -25.69 16.54
C THR A 35 -33.32 -25.07 15.32
N GLN A 36 -32.49 -24.49 14.45
CA GLN A 36 -32.94 -23.86 13.21
C GLN A 36 -32.35 -24.62 12.05
N ASP A 37 -33.20 -25.29 11.27
CA ASP A 37 -32.71 -26.15 10.19
C ASP A 37 -33.88 -26.54 9.31
N LEU A 38 -33.60 -27.40 8.32
CA LEU A 38 -34.65 -27.89 7.45
C LEU A 38 -35.45 -28.98 8.16
N PHE A 39 -36.77 -28.87 8.11
CA PHE A 39 -37.65 -29.84 8.73
C PHE A 39 -38.92 -29.94 7.91
N LEU A 40 -39.71 -30.97 8.18
CA LEU A 40 -41.01 -31.11 7.56
C LEU A 40 -42.05 -30.46 8.45
N PRO A 41 -42.71 -29.39 8.00
CA PRO A 41 -43.63 -28.67 8.88
C PRO A 41 -44.77 -29.54 9.37
N PHE A 42 -45.15 -29.32 10.62
CA PHE A 42 -46.26 -30.07 11.20
C PHE A 42 -47.54 -29.80 10.44
N PHE A 43 -48.38 -30.84 10.34
CA PHE A 43 -49.71 -30.72 9.74
C PHE A 43 -49.64 -30.10 8.35
N SER A 44 -48.89 -30.74 7.46
CA SER A 44 -48.74 -30.26 6.11
C SER A 44 -49.21 -31.35 5.15
N ASN A 45 -49.40 -30.95 3.88
CA ASN A 45 -49.79 -31.90 2.86
C ASN A 45 -48.60 -32.75 2.44
N VAL A 46 -48.77 -34.05 2.46
CA VAL A 46 -47.77 -34.98 1.95
C VAL A 46 -48.43 -35.79 0.87
N THR A 47 -47.89 -35.72 -0.34
CA THR A 47 -48.54 -36.37 -1.47
C THR A 47 -48.44 -37.88 -1.32
N TRP A 48 -49.57 -38.56 -1.47
CA TRP A 48 -49.64 -40.01 -1.39
C TRP A 48 -49.72 -40.58 -2.80
N PHE A 49 -48.72 -41.38 -3.18
CA PHE A 49 -48.68 -41.89 -4.54
C PHE A 49 -49.15 -43.34 -4.58
N HIS A 50 -49.13 -43.91 -5.77
CA HIS A 50 -49.54 -45.29 -5.98
C HIS A 50 -48.75 -45.95 -7.09
N LEU A 68 -40.23 -36.23 -10.26
CA LEU A 68 -40.54 -35.56 -9.00
C LEU A 68 -39.44 -34.59 -8.64
N PRO A 69 -39.80 -33.34 -8.37
CA PRO A 69 -38.78 -32.36 -7.99
C PRO A 69 -38.15 -32.73 -6.66
N PHE A 70 -36.90 -32.30 -6.48
CA PHE A 70 -36.17 -32.55 -5.24
C PHE A 70 -36.28 -31.39 -4.26
N ASN A 71 -36.17 -30.16 -4.76
CA ASN A 71 -36.21 -28.96 -3.91
C ASN A 71 -35.09 -29.08 -2.87
N ASP A 72 -35.32 -28.70 -1.62
CA ASP A 72 -34.27 -28.64 -0.63
C ASP A 72 -34.08 -29.95 0.13
N GLY A 73 -34.98 -30.91 -0.03
CA GLY A 73 -34.87 -32.17 0.70
C GLY A 73 -36.15 -32.96 0.58
N VAL A 74 -36.14 -34.24 0.95
CA VAL A 74 -37.31 -35.08 0.75
C VAL A 74 -37.52 -35.97 1.95
N TYR A 75 -38.75 -36.02 2.45
CA TYR A 75 -39.16 -37.01 3.44
C TYR A 75 -39.97 -38.07 2.72
N PHE A 76 -39.49 -39.31 2.79
CA PHE A 76 -40.08 -40.41 2.04
C PHE A 76 -40.47 -41.52 3.01
N ALA A 77 -41.72 -41.94 2.98
CA ALA A 77 -42.17 -42.88 3.99
C ALA A 77 -43.04 -43.95 3.36
N SER A 78 -42.85 -45.20 3.75
CA SER A 78 -43.61 -46.27 3.14
C SER A 78 -43.82 -47.40 4.13
N THR A 79 -44.58 -48.41 3.68
CA THR A 79 -44.95 -49.52 4.54
C THR A 79 -44.92 -50.87 3.84
N GLU A 80 -44.46 -50.95 2.59
CA GLU A 80 -44.57 -52.17 1.80
C GLU A 80 -43.51 -53.17 2.26
N LYS A 81 -43.92 -54.20 3.00
CA LYS A 81 -42.98 -55.19 3.51
C LYS A 81 -43.05 -56.41 2.58
N SER A 82 -42.50 -56.25 1.38
CA SER A 82 -42.02 -57.38 0.61
C SER A 82 -40.87 -56.89 -0.27
N ASN A 83 -40.21 -55.82 0.19
CA ASN A 83 -39.09 -55.17 -0.49
C ASN A 83 -39.45 -54.68 -1.90
N ILE A 84 -40.73 -54.40 -2.15
CA ILE A 84 -41.14 -53.85 -3.43
C ILE A 84 -40.40 -52.54 -3.70
N ILE A 85 -40.27 -51.70 -2.69
CA ILE A 85 -39.45 -50.51 -2.81
C ILE A 85 -38.02 -50.92 -2.50
N ARG A 86 -37.11 -50.68 -3.45
CA ARG A 86 -35.74 -51.08 -3.21
C ARG A 86 -34.70 -50.12 -3.79
N GLY A 87 -34.94 -48.81 -3.72
CA GLY A 87 -33.90 -47.91 -4.15
C GLY A 87 -34.38 -46.62 -4.76
N TRP A 88 -33.44 -45.79 -5.21
CA TRP A 88 -33.76 -44.44 -5.64
C TRP A 88 -32.69 -43.96 -6.62
N ILE A 89 -33.08 -43.02 -7.46
CA ILE A 89 -32.17 -42.41 -8.43
C ILE A 89 -32.30 -40.90 -8.32
N PHE A 90 -31.20 -40.23 -8.04
CA PHE A 90 -31.17 -38.78 -7.92
C PHE A 90 -30.27 -38.21 -8.99
N GLY A 91 -30.66 -37.06 -9.56
CA GLY A 91 -29.85 -36.48 -10.60
C GLY A 91 -30.37 -35.11 -10.97
N THR A 92 -29.61 -34.44 -11.84
CA THR A 92 -29.98 -33.10 -12.27
C THR A 92 -30.73 -33.12 -13.59
N THR A 93 -30.08 -33.61 -14.64
CA THR A 93 -30.73 -33.69 -15.94
C THR A 93 -31.08 -35.11 -16.33
N LEU A 94 -30.61 -36.10 -15.56
CA LEU A 94 -31.01 -37.49 -15.72
C LEU A 94 -30.62 -38.01 -17.12
N ASP A 95 -29.32 -37.96 -17.37
CA ASP A 95 -28.69 -38.46 -18.59
C ASP A 95 -27.18 -38.47 -18.34
N SER A 96 -26.43 -38.99 -19.31
CA SER A 96 -24.97 -38.97 -19.20
C SER A 96 -24.47 -37.56 -18.90
N LYS A 97 -25.15 -36.56 -19.44
CA LYS A 97 -24.82 -35.16 -19.19
C LYS A 97 -24.69 -34.83 -17.71
N THR A 98 -25.22 -35.68 -16.82
CA THR A 98 -25.04 -35.49 -15.39
C THR A 98 -24.89 -36.83 -14.70
N GLN A 99 -23.89 -36.95 -13.84
CA GLN A 99 -23.77 -38.13 -12.99
C GLN A 99 -24.99 -38.26 -12.11
N SER A 100 -25.57 -39.46 -12.07
CA SER A 100 -26.82 -39.71 -11.36
C SER A 100 -26.55 -40.64 -10.19
N LEU A 101 -26.67 -40.11 -8.97
CA LEU A 101 -26.53 -40.91 -7.76
C LEU A 101 -27.59 -42.00 -7.75
N LEU A 102 -27.20 -43.21 -7.36
CA LEU A 102 -28.12 -44.34 -7.33
C LEU A 102 -27.91 -45.13 -6.06
N ILE A 103 -29.01 -45.37 -5.33
CA ILE A 103 -29.00 -46.20 -4.13
C ILE A 103 -29.84 -47.45 -4.41
N VAL A 104 -29.25 -48.62 -4.23
CA VAL A 104 -29.96 -49.88 -4.43
C VAL A 104 -29.91 -50.69 -3.13
N ASN A 105 -31.07 -51.08 -2.65
CA ASN A 105 -31.19 -51.98 -1.52
C ASN A 105 -31.26 -53.43 -1.99
N ASN A 106 -31.00 -54.34 -1.05
CA ASN A 106 -31.16 -55.77 -1.28
C ASN A 106 -31.19 -56.52 0.05
N ALA A 107 -31.05 -57.83 0.01
CA ALA A 107 -30.86 -58.62 1.22
C ALA A 107 -29.40 -58.80 1.59
N THR A 108 -28.49 -58.75 0.63
CA THR A 108 -27.07 -58.97 0.93
C THR A 108 -26.40 -57.69 1.42
N ASN A 109 -26.35 -56.66 0.59
CA ASN A 109 -25.59 -55.46 0.89
C ASN A 109 -26.16 -54.26 0.15
N VAL A 110 -26.38 -53.18 0.88
CA VAL A 110 -26.80 -51.93 0.24
C VAL A 110 -25.64 -51.37 -0.59
N VAL A 111 -26.00 -50.80 -1.75
CA VAL A 111 -25.01 -50.34 -2.71
C VAL A 111 -25.33 -48.90 -3.11
N ILE A 112 -24.30 -48.06 -3.16
CA ILE A 112 -24.43 -46.67 -3.58
C ILE A 112 -23.39 -46.42 -4.66
N LYS A 113 -23.83 -45.92 -5.81
CA LYS A 113 -22.90 -45.56 -6.88
C LYS A 113 -23.23 -44.17 -7.39
N VAL A 114 -22.25 -43.53 -8.02
CA VAL A 114 -22.42 -42.16 -8.45
C VAL A 114 -21.86 -42.01 -9.85
N CYS A 115 -21.74 -43.12 -10.57
CA CYS A 115 -21.10 -43.06 -11.88
C CYS A 115 -22.00 -42.37 -12.88
N GLU A 116 -21.36 -41.77 -13.90
CA GLU A 116 -22.02 -40.95 -14.89
C GLU A 116 -22.83 -41.86 -15.82
N PHE A 117 -23.92 -42.38 -15.28
CA PHE A 117 -24.77 -43.27 -16.03
C PHE A 117 -25.48 -42.49 -17.12
N GLN A 118 -25.25 -42.88 -18.37
CA GLN A 118 -26.08 -42.37 -19.46
C GLN A 118 -27.50 -42.88 -19.25
N PHE A 119 -28.38 -41.99 -18.83
CA PHE A 119 -29.68 -42.41 -18.35
C PHE A 119 -30.58 -42.79 -19.52
N CYS A 120 -31.34 -43.87 -19.34
CA CYS A 120 -32.34 -44.29 -20.29
C CYS A 120 -33.64 -43.53 -20.07
N ASN A 121 -34.61 -43.78 -20.95
CA ASN A 121 -35.89 -43.09 -20.85
C ASN A 121 -36.65 -43.48 -19.59
N ASP A 122 -36.70 -44.78 -19.29
CA ASP A 122 -37.44 -45.29 -18.14
C ASP A 122 -36.57 -46.22 -17.31
N PRO A 123 -36.27 -45.85 -16.06
CA PRO A 123 -35.40 -46.68 -15.23
C PRO A 123 -36.14 -47.84 -14.58
N PHE A 124 -35.49 -49.00 -14.57
CA PHE A 124 -35.94 -50.18 -13.85
C PHE A 124 -34.86 -51.25 -13.96
N LEU A 125 -34.81 -52.13 -12.97
CA LEU A 125 -33.86 -53.24 -12.95
C LEU A 125 -34.57 -54.50 -13.43
N ASP A 126 -33.94 -55.20 -14.37
CA ASP A 126 -34.62 -56.30 -15.06
C ASP A 126 -34.88 -57.48 -14.14
N VAL A 127 -34.17 -57.58 -13.02
CA VAL A 127 -34.21 -58.72 -12.10
C VAL A 127 -34.52 -60.05 -12.78
N GLU A 137 -31.15 -58.53 -13.36
CA GLU A 137 -30.81 -57.38 -12.54
C GLU A 137 -29.88 -56.45 -13.30
N SER A 138 -29.92 -56.54 -14.62
CA SER A 138 -29.03 -55.74 -15.45
C SER A 138 -29.33 -54.26 -15.29
N GLU A 139 -28.28 -53.45 -15.25
CA GLU A 139 -28.38 -52.01 -15.13
C GLU A 139 -28.59 -51.33 -16.47
N PHE A 140 -28.66 -52.09 -17.56
CA PHE A 140 -28.72 -51.49 -18.88
C PHE A 140 -30.01 -50.69 -19.07
N ARG A 141 -31.13 -51.20 -18.59
CA ARG A 141 -32.38 -50.46 -18.68
C ARG A 141 -32.35 -49.20 -17.83
N VAL A 142 -31.58 -49.21 -16.75
CA VAL A 142 -31.35 -47.99 -16.01
C VAL A 142 -30.46 -47.05 -16.80
N TYR A 143 -29.39 -47.58 -17.39
CA TYR A 143 -28.38 -46.72 -18.00
C TYR A 143 -27.58 -47.51 -19.02
N SER A 144 -26.97 -46.79 -19.96
CA SER A 144 -26.27 -47.44 -21.05
C SER A 144 -24.94 -48.04 -20.60
N SER A 145 -24.00 -47.22 -20.14
CA SER A 145 -22.63 -47.67 -19.94
C SER A 145 -22.07 -47.12 -18.63
N ALA A 146 -21.48 -48.01 -17.84
CA ALA A 146 -20.77 -47.59 -16.64
C ALA A 146 -19.57 -46.74 -17.04
N ASN A 147 -19.37 -45.64 -16.33
CA ASN A 147 -18.37 -44.66 -16.72
C ASN A 147 -17.62 -44.18 -15.48
N ASN A 148 -16.88 -43.09 -15.64
CA ASN A 148 -16.02 -42.57 -14.59
C ASN A 148 -16.82 -42.26 -13.33
N CYS A 149 -16.39 -42.84 -12.21
CA CYS A 149 -16.91 -42.48 -10.90
C CYS A 149 -15.81 -42.60 -9.87
N THR A 150 -15.54 -41.50 -9.18
CA THR A 150 -14.52 -41.47 -8.14
C THR A 150 -15.03 -41.99 -6.81
N PHE A 151 -16.31 -42.37 -6.74
CA PHE A 151 -16.89 -42.87 -5.51
C PHE A 151 -17.68 -44.14 -5.76
N GLU A 152 -17.79 -44.95 -4.71
CA GLU A 152 -18.52 -46.21 -4.70
C GLU A 152 -18.61 -46.65 -3.25
N TYR A 153 -19.74 -47.23 -2.88
CA TYR A 153 -19.97 -47.54 -1.47
C TYR A 153 -20.84 -48.77 -1.33
N VAL A 154 -20.54 -49.58 -0.31
CA VAL A 154 -21.32 -50.78 -0.02
C VAL A 154 -21.37 -50.93 1.50
N SER A 155 -22.51 -51.35 2.02
CA SER A 155 -22.65 -51.48 3.47
C SER A 155 -23.77 -52.46 3.81
N GLN A 156 -24.06 -52.56 5.11
CA GLN A 156 -25.11 -53.43 5.60
C GLN A 156 -26.46 -52.97 5.06
N PRO A 157 -27.36 -53.91 4.72
CA PRO A 157 -28.65 -53.54 4.14
C PRO A 157 -29.43 -52.53 4.98
N PHE A 158 -29.88 -51.45 4.35
CA PHE A 158 -30.70 -50.45 5.04
C PHE A 158 -31.94 -51.08 5.63
N LEU A 159 -32.68 -51.84 4.82
CA LEU A 159 -33.94 -52.41 5.27
C LEU A 159 -33.70 -53.47 6.34
N MET A 160 -34.71 -53.71 7.14
CA MET A 160 -34.59 -54.54 8.33
C MET A 160 -35.64 -55.65 8.36
N LYS A 170 -47.19 -53.70 8.52
CA LYS A 170 -47.20 -53.63 9.97
C LYS A 170 -46.06 -52.76 10.49
N ASN A 171 -45.09 -52.49 9.63
CA ASN A 171 -43.93 -51.70 9.98
C ASN A 171 -43.79 -50.54 8.99
N LEU A 172 -43.61 -49.34 9.51
CA LEU A 172 -43.42 -48.15 8.72
C LEU A 172 -41.93 -47.82 8.67
N ARG A 173 -41.43 -47.51 7.47
CA ARG A 173 -40.06 -47.03 7.32
C ARG A 173 -40.08 -45.61 6.79
N GLU A 174 -39.33 -44.74 7.45
CA GLU A 174 -39.24 -43.34 7.07
C GLU A 174 -37.79 -42.99 6.82
N PHE A 175 -37.56 -42.22 5.75
CA PHE A 175 -36.25 -41.73 5.40
C PHE A 175 -36.33 -40.24 5.17
N VAL A 176 -35.23 -39.55 5.43
CA VAL A 176 -35.09 -38.14 5.09
C VAL A 176 -33.78 -37.97 4.34
N PHE A 177 -33.88 -37.51 3.09
CA PHE A 177 -32.72 -37.28 2.25
C PHE A 177 -32.48 -35.79 2.13
N LYS A 178 -31.23 -35.36 2.30
CA LYS A 178 -30.91 -33.99 1.95
C LYS A 178 -29.42 -33.89 1.67
N ASN A 179 -29.07 -33.04 0.70
CA ASN A 179 -27.67 -32.75 0.40
C ASN A 179 -27.41 -31.27 0.62
N ILE A 180 -26.39 -30.97 1.42
CA ILE A 180 -26.05 -29.61 1.79
C ILE A 180 -24.53 -29.51 1.88
N ASP A 181 -23.99 -28.39 1.41
CA ASP A 181 -22.57 -28.06 1.52
C ASP A 181 -21.67 -29.18 0.99
N GLY A 182 -22.12 -29.81 -0.09
CA GLY A 182 -21.34 -30.87 -0.71
C GLY A 182 -21.33 -32.17 0.05
N TYR A 183 -22.30 -32.40 0.91
CA TYR A 183 -22.46 -33.65 1.62
C TYR A 183 -23.87 -34.17 1.37
N PHE A 184 -24.01 -35.48 1.32
CA PHE A 184 -25.31 -36.11 1.08
C PHE A 184 -25.66 -36.94 2.31
N LYS A 185 -26.67 -36.51 3.06
CA LYS A 185 -27.03 -37.14 4.32
C LYS A 185 -28.35 -37.87 4.18
N ILE A 186 -28.38 -39.10 4.68
CA ILE A 186 -29.57 -39.92 4.72
C ILE A 186 -29.84 -40.29 6.17
N TYR A 187 -31.01 -39.91 6.67
CA TYR A 187 -31.50 -40.31 7.98
C TYR A 187 -32.62 -41.31 7.80
N SER A 188 -32.76 -42.23 8.75
CA SER A 188 -33.74 -43.29 8.59
C SER A 188 -34.26 -43.73 9.95
N LYS A 189 -35.41 -44.40 9.91
CA LYS A 189 -36.01 -44.97 11.10
C LYS A 189 -37.13 -45.91 10.68
N HIS A 190 -37.47 -46.85 11.56
CA HIS A 190 -38.58 -47.73 11.31
C HIS A 190 -39.29 -48.04 12.61
N THR A 191 -40.59 -48.27 12.51
CA THR A 191 -41.43 -48.40 13.70
C THR A 191 -42.53 -49.40 13.42
N PRO A 192 -43.08 -50.04 14.45
CA PRO A 192 -44.29 -50.85 14.25
C PRO A 192 -45.51 -49.97 14.16
N ILE A 193 -46.57 -50.54 13.59
CA ILE A 193 -47.81 -49.80 13.37
C ILE A 193 -48.94 -50.77 13.12
N ASN A 194 -50.14 -50.39 13.55
CA ASN A 194 -51.37 -51.08 13.18
C ASN A 194 -51.78 -50.70 11.76
N LEU A 195 -52.51 -51.60 11.11
CA LEU A 195 -52.96 -51.37 9.74
C LEU A 195 -53.70 -50.04 9.64
N GLU A 196 -53.21 -49.18 8.74
CA GLU A 196 -53.70 -47.81 8.65
C GLU A 196 -53.42 -47.27 7.26
N ARG A 197 -54.31 -46.39 6.79
CA ARG A 197 -54.18 -45.83 5.45
C ARG A 197 -53.49 -44.47 5.44
N ASP A 198 -53.09 -43.94 6.59
CA ASP A 198 -52.43 -42.65 6.64
C ASP A 198 -51.36 -42.68 7.72
N LEU A 199 -50.63 -41.57 7.83
CA LEU A 199 -49.47 -41.52 8.71
C LEU A 199 -49.92 -41.69 10.16
N PRO A 200 -49.24 -42.52 10.95
CA PRO A 200 -49.67 -42.76 12.33
C PRO A 200 -49.57 -41.52 13.19
N GLN A 201 -50.53 -41.39 14.09
CA GLN A 201 -50.46 -40.39 15.15
C GLN A 201 -49.48 -40.85 16.21
N GLY A 202 -48.59 -39.96 16.61
CA GLY A 202 -47.58 -40.29 17.58
C GLY A 202 -46.31 -39.51 17.32
N PHE A 203 -45.18 -40.09 17.72
CA PHE A 203 -43.90 -39.41 17.58
C PHE A 203 -42.76 -40.42 17.61
N SER A 204 -41.82 -40.27 16.69
CA SER A 204 -40.57 -41.02 16.70
C SER A 204 -39.50 -40.22 15.98
N ALA A 205 -38.31 -40.19 16.56
CA ALA A 205 -37.21 -39.44 16.00
C ALA A 205 -36.45 -40.28 14.99
N LEU A 206 -35.70 -39.60 14.13
CA LEU A 206 -34.96 -40.24 13.05
C LEU A 206 -33.47 -40.11 13.30
N GLU A 207 -32.77 -41.23 13.31
CA GLU A 207 -31.34 -41.29 13.59
C GLU A 207 -30.55 -41.28 12.30
N PRO A 208 -29.36 -40.67 12.28
CA PRO A 208 -28.58 -40.64 11.04
C PRO A 208 -28.19 -42.04 10.60
N LEU A 209 -28.16 -42.24 9.29
CA LEU A 209 -27.76 -43.50 8.70
C LEU A 209 -26.47 -43.38 7.90
N VAL A 210 -26.42 -42.49 6.91
CA VAL A 210 -25.17 -42.31 6.16
C VAL A 210 -24.93 -40.84 5.90
N ASP A 211 -23.65 -40.50 5.72
CA ASP A 211 -23.20 -39.13 5.48
C ASP A 211 -22.08 -39.21 4.45
N LEU A 212 -22.42 -39.09 3.18
CA LEU A 212 -21.47 -39.30 2.10
C LEU A 212 -20.84 -37.98 1.68
N PRO A 213 -19.54 -37.94 1.43
CA PRO A 213 -18.88 -36.75 0.86
C PRO A 213 -18.84 -36.77 -0.67
N ILE A 214 -19.98 -36.51 -1.29
CA ILE A 214 -20.10 -36.63 -2.73
C ILE A 214 -19.95 -35.26 -3.38
N GLY A 215 -20.84 -34.34 -3.04
CA GLY A 215 -20.78 -33.01 -3.60
C GLY A 215 -21.09 -32.94 -5.08
N ILE A 216 -22.30 -33.34 -5.46
CA ILE A 216 -22.80 -33.14 -6.82
C ILE A 216 -24.19 -32.52 -6.69
N ASN A 217 -24.61 -31.84 -7.76
CA ASN A 217 -25.89 -31.15 -7.73
C ASN A 217 -27.02 -32.11 -8.11
N ILE A 218 -28.12 -32.01 -7.37
CA ILE A 218 -29.30 -32.83 -7.60
C ILE A 218 -30.52 -31.92 -7.61
N THR A 219 -31.39 -32.13 -8.59
CA THR A 219 -32.61 -31.35 -8.68
C THR A 219 -33.84 -32.16 -9.04
N ARG A 220 -33.73 -33.48 -9.17
CA ARG A 220 -34.85 -34.29 -9.59
C ARG A 220 -34.56 -35.74 -9.21
N PHE A 221 -35.52 -36.40 -8.57
CA PHE A 221 -35.29 -37.77 -8.17
C PHE A 221 -36.44 -38.64 -8.62
N GLN A 222 -36.25 -39.94 -8.49
CA GLN A 222 -37.24 -40.89 -8.94
C GLN A 222 -37.08 -42.17 -8.15
N THR A 223 -38.19 -42.76 -7.74
CA THR A 223 -38.14 -43.98 -6.98
C THR A 223 -37.91 -45.17 -7.91
N LEU A 224 -37.90 -46.36 -7.33
CA LEU A 224 -37.57 -47.57 -8.10
C LEU A 224 -38.16 -48.76 -7.38
N LEU A 225 -39.20 -49.35 -7.96
CA LEU A 225 -39.98 -50.40 -7.30
C LEU A 225 -39.49 -51.78 -7.76
N ALA A 226 -40.18 -52.82 -7.29
CA ALA A 226 -39.89 -54.21 -7.64
C ALA A 226 -41.21 -54.91 -7.99
N LEU A 227 -41.51 -54.95 -9.28
CA LEU A 227 -42.77 -55.53 -9.77
C LEU A 227 -43.03 -56.94 -9.24
N THR A 242 -44.48 -57.36 -16.50
CA THR A 242 -45.48 -57.48 -15.45
C THR A 242 -45.79 -56.11 -14.85
N ALA A 243 -47.07 -55.86 -14.58
CA ALA A 243 -47.51 -54.59 -14.04
C ALA A 243 -47.88 -54.75 -12.56
N GLY A 244 -48.30 -53.65 -11.95
CA GLY A 244 -48.67 -53.67 -10.55
C GLY A 244 -48.77 -52.26 -10.00
N ALA A 245 -48.85 -52.18 -8.67
CA ALA A 245 -48.91 -50.90 -7.98
C ALA A 245 -48.51 -51.09 -6.52
N ALA A 246 -48.14 -49.99 -5.88
CA ALA A 246 -47.70 -49.98 -4.49
C ALA A 246 -48.12 -48.65 -3.87
N ALA A 247 -47.55 -48.32 -2.72
CA ALA A 247 -47.93 -47.08 -2.04
C ALA A 247 -46.73 -46.48 -1.32
N TYR A 248 -46.66 -45.15 -1.31
CA TYR A 248 -45.68 -44.44 -0.52
C TYR A 248 -46.12 -42.98 -0.38
N TYR A 249 -45.49 -42.27 0.56
CA TYR A 249 -45.80 -40.89 0.86
C TYR A 249 -44.55 -40.05 0.68
N VAL A 250 -44.71 -38.85 0.12
CA VAL A 250 -43.59 -37.98 -0.19
C VAL A 250 -43.92 -36.56 0.27
N GLY A 251 -43.01 -35.96 1.02
CA GLY A 251 -43.18 -34.59 1.45
C GLY A 251 -41.86 -33.83 1.32
N TYR A 252 -41.95 -32.52 1.38
CA TYR A 252 -40.80 -31.65 1.13
C TYR A 252 -40.45 -30.86 2.37
N LEU A 253 -39.16 -30.73 2.63
CA LEU A 253 -38.68 -29.99 3.78
C LEU A 253 -38.61 -28.51 3.47
N GLN A 254 -38.67 -27.69 4.52
CA GLN A 254 -38.49 -26.26 4.44
C GLN A 254 -37.71 -25.81 5.66
N PRO A 255 -37.05 -24.66 5.60
CA PRO A 255 -36.36 -24.14 6.79
C PRO A 255 -37.37 -23.76 7.87
N ARG A 256 -37.09 -24.16 9.10
CA ARG A 256 -37.95 -23.92 10.24
C ARG A 256 -37.11 -23.85 11.50
N THR A 257 -37.78 -23.55 12.61
CA THR A 257 -37.17 -23.49 13.92
C THR A 257 -37.98 -24.37 14.87
N PHE A 258 -37.37 -25.46 15.33
CA PHE A 258 -38.04 -26.40 16.20
C PHE A 258 -37.50 -26.27 17.61
N LEU A 259 -38.27 -26.77 18.56
CA LEU A 259 -37.86 -26.89 19.96
C LEU A 259 -37.95 -28.36 20.33
N LEU A 260 -36.80 -28.99 20.54
CA LEU A 260 -36.70 -30.40 20.81
C LEU A 260 -36.50 -30.66 22.29
N LYS A 261 -37.09 -31.75 22.77
CA LYS A 261 -36.99 -32.13 24.17
C LYS A 261 -36.34 -33.50 24.28
N TYR A 262 -35.23 -33.56 25.02
CA TYR A 262 -34.50 -34.79 25.22
C TYR A 262 -34.80 -35.34 26.60
N ASN A 263 -35.14 -36.62 26.69
CA ASN A 263 -35.42 -37.22 27.98
C ASN A 263 -34.11 -37.59 28.66
N GLU A 264 -34.18 -38.37 29.74
CA GLU A 264 -32.99 -38.66 30.52
C GLU A 264 -32.00 -39.55 29.79
N ASN A 265 -32.47 -40.44 28.93
CA ASN A 265 -31.63 -41.41 28.28
C ASN A 265 -30.99 -40.89 27.00
N GLY A 266 -31.27 -39.64 26.63
CA GLY A 266 -30.64 -39.03 25.48
C GLY A 266 -31.42 -39.08 24.19
N THR A 267 -32.66 -39.58 24.21
CA THR A 267 -33.46 -39.74 23.01
C THR A 267 -34.51 -38.65 22.94
N ILE A 268 -34.67 -38.07 21.75
CA ILE A 268 -35.74 -37.10 21.53
C ILE A 268 -37.08 -37.79 21.76
N THR A 269 -37.95 -37.15 22.53
CA THR A 269 -39.26 -37.70 22.81
C THR A 269 -40.40 -36.74 22.50
N ASP A 270 -40.11 -35.50 22.16
CA ASP A 270 -41.15 -34.54 21.80
C ASP A 270 -40.49 -33.32 21.18
N ALA A 271 -41.27 -32.61 20.37
CA ALA A 271 -40.77 -31.43 19.70
C ALA A 271 -41.95 -30.57 19.29
N VAL A 272 -41.75 -29.26 19.36
CA VAL A 272 -42.80 -28.30 19.04
C VAL A 272 -42.29 -27.33 18.00
N ASP A 273 -43.16 -26.99 17.06
CA ASP A 273 -42.84 -26.06 16.01
C ASP A 273 -42.94 -24.64 16.53
N CYS A 274 -42.33 -23.70 15.81
CA CYS A 274 -42.31 -22.32 16.26
C CYS A 274 -43.02 -21.38 15.28
N ALA A 275 -43.76 -21.91 14.32
CA ALA A 275 -44.47 -21.04 13.40
C ALA A 275 -45.86 -21.56 13.05
N LEU A 276 -46.31 -22.65 13.66
CA LEU A 276 -47.57 -23.26 13.25
C LEU A 276 -48.75 -22.38 13.62
N ASP A 277 -48.81 -21.91 14.86
CA ASP A 277 -49.94 -21.12 15.34
C ASP A 277 -49.48 -20.36 16.59
N PRO A 278 -50.20 -19.31 16.97
CA PRO A 278 -49.70 -18.47 18.08
C PRO A 278 -49.41 -19.23 19.36
N LEU A 279 -50.16 -20.29 19.65
CA LEU A 279 -49.87 -21.07 20.85
C LEU A 279 -48.46 -21.66 20.77
N SER A 280 -48.08 -22.17 19.61
CA SER A 280 -46.73 -22.71 19.46
C SER A 280 -45.69 -21.61 19.56
N GLU A 281 -45.99 -20.42 19.06
CA GLU A 281 -45.06 -19.30 19.23
C GLU A 281 -44.85 -18.98 20.71
N THR A 282 -45.92 -19.00 21.48
CA THR A 282 -45.79 -18.77 22.92
C THR A 282 -44.97 -19.87 23.56
N LYS A 283 -45.23 -21.12 23.19
CA LYS A 283 -44.45 -22.24 23.74
C LYS A 283 -42.98 -22.06 23.44
N CYS A 284 -42.65 -21.58 22.24
CA CYS A 284 -41.25 -21.38 21.90
C CYS A 284 -40.64 -20.23 22.67
N THR A 285 -41.40 -19.15 22.87
CA THR A 285 -40.84 -18.00 23.57
C THR A 285 -40.59 -18.30 25.04
N LEU A 286 -41.58 -18.87 25.73
CA LEU A 286 -41.38 -19.23 27.13
C LEU A 286 -40.36 -20.34 27.32
N LYS A 287 -40.03 -21.08 26.27
CA LYS A 287 -39.16 -22.24 26.36
C LYS A 287 -39.73 -23.26 27.34
N SER A 288 -40.96 -23.69 27.08
CA SER A 288 -41.60 -24.70 27.90
C SER A 288 -42.71 -25.36 27.09
N PHE A 289 -43.15 -26.50 27.59
CA PHE A 289 -44.24 -27.24 26.96
C PHE A 289 -45.57 -27.07 27.67
N THR A 290 -45.68 -26.12 28.59
CA THR A 290 -46.93 -25.91 29.29
C THR A 290 -47.26 -24.42 29.40
N SER A 308 -41.06 0.89 -4.12
CA SER A 308 -39.87 1.73 -4.06
C SER A 308 -40.00 2.95 -4.96
N ILE A 309 -39.81 4.14 -4.38
CA ILE A 309 -39.92 5.39 -5.10
C ILE A 309 -38.56 6.07 -5.11
N VAL A 310 -38.25 6.75 -6.21
CA VAL A 310 -37.03 7.53 -6.33
C VAL A 310 -37.39 8.86 -6.98
N ARG A 311 -37.02 9.96 -6.32
CA ARG A 311 -37.23 11.29 -6.85
C ARG A 311 -35.93 12.05 -6.83
N PHE A 312 -35.67 12.80 -7.89
CA PHE A 312 -34.40 13.49 -8.06
C PHE A 312 -34.63 14.72 -8.93
N PRO A 313 -33.73 15.69 -8.90
CA PRO A 313 -33.98 16.94 -9.62
C PRO A 313 -34.15 16.72 -11.11
N ASN A 314 -34.93 17.60 -11.73
CA ASN A 314 -35.27 17.48 -13.13
C ASN A 314 -34.03 17.66 -13.98
N ILE A 315 -33.90 16.83 -15.01
CA ILE A 315 -32.68 16.78 -15.82
C ILE A 315 -32.73 17.88 -16.88
N THR A 316 -31.87 18.88 -16.74
CA THR A 316 -31.80 19.98 -17.71
C THR A 316 -30.43 20.09 -18.38
N ASN A 317 -29.36 20.17 -17.60
CA ASN A 317 -28.04 20.51 -18.14
C ASN A 317 -27.38 19.26 -18.71
N LEU A 318 -27.58 19.04 -20.01
CA LEU A 318 -26.96 17.93 -20.70
C LEU A 318 -25.62 18.35 -21.30
N CYS A 319 -24.59 17.56 -21.07
CA CYS A 319 -23.31 17.81 -21.72
C CYS A 319 -23.47 17.64 -23.22
N PRO A 320 -22.99 18.58 -24.03
CA PRO A 320 -23.16 18.47 -25.48
C PRO A 320 -22.14 17.54 -26.12
N PHE A 321 -22.58 16.35 -26.54
CA PHE A 321 -21.73 15.42 -27.27
C PHE A 321 -21.99 15.42 -28.76
N HIS A 322 -23.10 15.97 -29.22
CA HIS A 322 -23.40 16.04 -30.64
C HIS A 322 -22.61 17.16 -31.32
N GLU A 323 -21.80 17.90 -30.56
CA GLU A 323 -20.88 18.89 -31.10
C GLU A 323 -19.51 18.29 -31.37
N VAL A 324 -18.97 17.52 -30.43
CA VAL A 324 -17.71 16.83 -30.67
C VAL A 324 -17.87 15.77 -31.74
N PHE A 325 -19.10 15.33 -32.00
CA PHE A 325 -19.41 14.48 -33.13
C PHE A 325 -19.85 15.35 -34.31
N ASN A 326 -19.86 14.72 -35.50
CA ASN A 326 -20.26 15.28 -36.79
C ASN A 326 -19.87 16.74 -36.93
N ALA A 327 -18.66 17.09 -36.46
CA ALA A 327 -18.13 18.44 -36.55
C ALA A 327 -17.87 18.82 -38.01
N THR A 328 -17.72 17.81 -38.87
CA THR A 328 -17.43 17.96 -40.29
C THR A 328 -16.05 18.58 -40.52
N THR A 329 -15.35 18.93 -39.43
CA THR A 329 -14.00 19.50 -39.49
C THR A 329 -13.25 18.94 -38.28
N PHE A 330 -12.58 17.81 -38.49
CA PHE A 330 -11.81 17.16 -37.43
C PHE A 330 -10.34 17.58 -37.43
N ALA A 331 -9.96 18.51 -38.32
CA ALA A 331 -8.58 18.95 -38.46
C ALA A 331 -7.66 17.78 -38.77
N SER A 332 -6.35 17.98 -38.58
CA SER A 332 -5.37 16.94 -38.83
C SER A 332 -4.96 16.25 -37.53
N VAL A 333 -4.28 15.12 -37.67
CA VAL A 333 -3.85 14.37 -36.49
C VAL A 333 -2.76 15.13 -35.75
N TYR A 334 -1.85 15.79 -36.48
CA TYR A 334 -0.80 16.56 -35.82
C TYR A 334 -1.33 17.80 -35.14
N ALA A 335 -2.49 18.30 -35.54
CA ALA A 335 -3.15 19.44 -34.89
C ALA A 335 -4.54 18.96 -34.48
N TRP A 336 -4.62 18.32 -33.32
CA TRP A 336 -5.85 17.70 -32.85
C TRP A 336 -6.52 18.60 -31.82
N ASN A 337 -7.82 18.83 -31.99
CA ASN A 337 -8.54 19.68 -31.07
C ASN A 337 -8.83 18.94 -29.77
N ARG A 338 -8.61 19.62 -28.65
CA ARG A 338 -8.90 19.11 -27.33
C ARG A 338 -10.05 19.91 -26.73
N LYS A 339 -11.09 19.22 -26.29
CA LYS A 339 -12.24 19.87 -25.68
C LYS A 339 -12.40 19.37 -24.25
N ARG A 340 -12.59 20.30 -23.32
CA ARG A 340 -12.81 19.99 -21.91
C ARG A 340 -14.29 20.11 -21.60
N ILE A 341 -14.85 19.07 -20.99
CA ILE A 341 -16.27 19.02 -20.65
C ILE A 341 -16.39 18.94 -19.14
N SER A 342 -17.20 19.83 -18.57
CA SER A 342 -17.40 19.89 -17.13
C SER A 342 -18.68 20.64 -16.83
N ASN A 343 -19.13 20.51 -15.59
CA ASN A 343 -20.30 21.22 -15.06
C ASN A 343 -21.55 20.96 -15.91
N CYS A 344 -21.78 19.69 -16.22
CA CYS A 344 -23.00 19.28 -16.90
C CYS A 344 -23.22 17.80 -16.67
N VAL A 345 -24.42 17.34 -17.00
CA VAL A 345 -24.76 15.93 -16.92
C VAL A 345 -24.45 15.29 -18.26
N ALA A 346 -23.66 14.22 -18.23
CA ALA A 346 -23.16 13.59 -19.45
C ALA A 346 -23.89 12.26 -19.66
N ASP A 347 -24.70 12.19 -20.71
CA ASP A 347 -25.38 10.96 -21.10
C ASP A 347 -24.63 10.34 -22.27
N TYR A 348 -24.23 9.07 -22.11
CA TYR A 348 -23.47 8.38 -23.13
C TYR A 348 -24.33 7.60 -24.10
N SER A 349 -25.65 7.60 -23.93
CA SER A 349 -26.53 6.83 -24.80
C SER A 349 -26.47 7.33 -26.24
N VAL A 350 -26.48 8.65 -26.42
CA VAL A 350 -26.51 9.22 -27.76
C VAL A 350 -25.32 8.77 -28.59
N ILE A 351 -24.23 8.38 -27.94
CA ILE A 351 -23.06 7.88 -28.66
C ILE A 351 -23.44 6.71 -29.55
N TYR A 352 -24.24 5.79 -29.04
CA TYR A 352 -24.63 4.62 -29.83
C TYR A 352 -25.72 4.94 -30.85
N ASN A 353 -26.15 6.20 -30.95
CA ASN A 353 -27.16 6.55 -31.94
C ASN A 353 -26.58 6.76 -33.33
N PHE A 354 -25.27 6.69 -33.49
CA PHE A 354 -24.63 6.89 -34.79
C PHE A 354 -24.41 5.53 -35.46
N ALA A 355 -23.67 5.54 -36.57
CA ALA A 355 -23.45 4.34 -37.36
C ALA A 355 -22.60 3.35 -36.58
N PRO A 356 -22.66 2.06 -36.92
CA PRO A 356 -21.77 1.08 -36.32
C PRO A 356 -20.32 1.50 -36.47
N PHE A 357 -19.56 1.36 -35.39
CA PHE A 357 -18.22 1.94 -35.30
C PHE A 357 -17.17 0.92 -35.67
N PHE A 358 -16.20 1.35 -36.49
CA PHE A 358 -15.11 0.46 -36.88
C PHE A 358 -14.31 0.02 -35.66
N ALA A 359 -14.08 0.93 -34.72
CA ALA A 359 -13.41 0.62 -33.47
C ALA A 359 -14.19 1.22 -32.32
N PHE A 360 -14.46 0.41 -31.30
CA PHE A 360 -15.12 0.84 -30.07
C PHE A 360 -14.43 0.10 -28.92
N LYS A 361 -13.45 0.75 -28.29
CA LYS A 361 -12.64 0.07 -27.29
C LYS A 361 -12.56 0.90 -26.02
N CYS A 362 -12.96 0.32 -24.90
CA CYS A 362 -12.82 0.93 -23.59
C CYS A 362 -11.89 0.08 -22.73
N TYR A 363 -10.92 0.74 -22.09
CA TYR A 363 -9.84 0.04 -21.40
C TYR A 363 -10.02 0.04 -19.89
N GLY A 364 -10.12 1.22 -19.28
CA GLY A 364 -10.17 1.31 -17.84
C GLY A 364 -11.58 1.32 -17.27
N VAL A 365 -12.57 1.44 -18.15
CA VAL A 365 -13.96 1.52 -17.74
C VAL A 365 -14.79 0.57 -18.58
N SER A 366 -15.63 -0.22 -17.93
CA SER A 366 -16.57 -1.06 -18.65
C SER A 366 -17.66 -0.19 -19.27
N PRO A 367 -17.94 -0.33 -20.56
CA PRO A 367 -18.91 0.56 -21.20
C PRO A 367 -20.30 0.51 -20.58
N THR A 368 -20.64 -0.58 -19.90
CA THR A 368 -21.96 -0.68 -19.29
C THR A 368 -22.12 0.29 -18.13
N LYS A 369 -21.06 0.53 -17.36
CA LYS A 369 -21.17 1.25 -16.10
C LYS A 369 -20.66 2.69 -16.16
N LEU A 370 -20.56 3.27 -17.36
CA LEU A 370 -20.14 4.67 -17.46
C LEU A 370 -21.12 5.60 -16.74
N ASN A 371 -22.41 5.36 -16.91
CA ASN A 371 -23.41 6.18 -16.23
C ASN A 371 -23.39 6.00 -14.72
N ASP A 372 -22.85 4.88 -14.24
CA ASP A 372 -22.86 4.60 -12.81
C ASP A 372 -21.72 5.29 -12.06
N LEU A 373 -20.56 5.42 -12.68
CA LEU A 373 -19.39 6.02 -12.05
C LEU A 373 -19.08 7.34 -12.75
N CYS A 374 -18.80 8.37 -11.97
CA CYS A 374 -18.60 9.70 -12.52
C CYS A 374 -17.35 10.35 -11.93
N PHE A 375 -16.77 11.26 -12.71
CA PHE A 375 -15.48 11.87 -12.41
C PHE A 375 -15.55 13.39 -12.44
N THR A 376 -14.40 14.05 -12.38
CA THR A 376 -14.38 15.51 -12.31
C THR A 376 -14.59 16.16 -13.67
N ASN A 377 -13.69 15.89 -14.61
CA ASN A 377 -13.75 16.53 -15.92
C ASN A 377 -13.46 15.50 -17.00
N VAL A 378 -13.95 15.78 -18.20
CA VAL A 378 -13.79 14.90 -19.35
C VAL A 378 -12.98 15.62 -20.41
N TYR A 379 -12.20 14.88 -21.19
CA TYR A 379 -11.44 15.44 -22.29
C TYR A 379 -11.73 14.64 -23.55
N ALA A 380 -12.03 15.35 -24.63
CA ALA A 380 -12.34 14.72 -25.91
C ALA A 380 -11.36 15.21 -26.96
N ASP A 381 -10.75 14.28 -27.70
CA ASP A 381 -9.83 14.63 -28.77
C ASP A 381 -10.28 13.93 -30.05
N SER A 382 -10.47 14.72 -31.11
CA SER A 382 -10.97 14.20 -32.37
C SER A 382 -10.00 14.53 -33.49
N PHE A 383 -9.83 13.60 -34.43
CA PHE A 383 -8.97 13.81 -35.57
C PHE A 383 -9.34 12.81 -36.66
N VAL A 384 -8.62 12.87 -37.77
CA VAL A 384 -8.81 11.98 -38.91
C VAL A 384 -7.49 11.29 -39.21
N ILE A 385 -7.52 9.96 -39.25
CA ILE A 385 -6.33 9.16 -39.53
C ILE A 385 -6.68 8.12 -40.59
N ARG A 386 -5.65 7.44 -41.08
CA ARG A 386 -5.85 6.44 -42.12
C ARG A 386 -6.54 5.20 -41.56
N GLY A 387 -7.07 4.38 -42.47
CA GLY A 387 -7.82 3.20 -42.05
C GLY A 387 -6.95 2.17 -41.34
N ASN A 388 -5.75 1.93 -41.85
CA ASN A 388 -4.88 0.89 -41.29
C ASN A 388 -4.11 1.37 -40.06
N GLU A 389 -4.14 2.66 -39.76
CA GLU A 389 -3.42 3.21 -38.61
C GLU A 389 -4.25 3.21 -37.34
N VAL A 390 -5.47 2.66 -37.38
CA VAL A 390 -6.36 2.69 -36.22
C VAL A 390 -5.77 1.90 -35.06
N SER A 391 -5.17 0.74 -35.36
CA SER A 391 -4.63 -0.11 -34.30
C SER A 391 -3.51 0.57 -33.52
N GLN A 392 -2.83 1.56 -34.13
CA GLN A 392 -1.73 2.25 -33.47
C GLN A 392 -2.19 3.20 -32.38
N ILE A 393 -3.48 3.50 -32.29
CA ILE A 393 -4.00 4.44 -31.30
C ILE A 393 -4.44 3.62 -30.09
N ALA A 394 -3.48 3.36 -29.19
CA ALA A 394 -3.71 2.60 -27.97
C ALA A 394 -2.52 2.76 -27.04
N PRO A 395 -2.67 2.55 -25.73
CA PRO A 395 -1.51 2.60 -24.84
C PRO A 395 -0.51 1.51 -25.18
N GLY A 396 0.77 1.85 -25.05
CA GLY A 396 1.84 0.91 -25.34
C GLY A 396 2.16 0.72 -26.79
N GLN A 397 1.53 1.47 -27.68
CA GLN A 397 1.73 1.30 -29.12
C GLN A 397 2.90 2.14 -29.62
N THR A 398 3.50 1.70 -30.71
CA THR A 398 4.59 2.41 -31.36
C THR A 398 4.26 2.54 -32.84
N GLY A 399 4.52 3.71 -33.41
CA GLY A 399 4.26 3.94 -34.81
C GLY A 399 4.50 5.39 -35.15
N ASN A 400 4.43 5.68 -36.46
CA ASN A 400 4.61 7.04 -36.93
C ASN A 400 3.53 7.95 -36.36
N ILE A 401 2.27 7.46 -36.31
CA ILE A 401 1.20 8.22 -35.70
C ILE A 401 1.21 8.13 -34.18
N ALA A 402 1.94 7.17 -33.62
CA ALA A 402 1.91 6.93 -32.18
C ALA A 402 2.90 7.80 -31.40
N ASP A 403 4.06 8.10 -31.97
CA ASP A 403 5.07 8.88 -31.26
C ASP A 403 5.40 10.21 -31.93
N TYR A 404 4.85 10.50 -33.10
CA TYR A 404 5.12 11.75 -33.79
C TYR A 404 3.90 12.65 -33.94
N ASN A 405 2.70 12.13 -33.77
CA ASN A 405 1.49 12.92 -33.93
C ASN A 405 0.57 12.88 -32.71
N TYR A 406 0.49 11.74 -32.03
CA TYR A 406 -0.34 11.63 -30.83
C TYR A 406 0.16 10.45 -30.01
N LYS A 407 0.67 10.74 -28.81
CA LYS A 407 1.17 9.72 -27.91
C LYS A 407 0.20 9.57 -26.74
N LEU A 408 -0.07 8.33 -26.36
CA LEU A 408 -0.99 8.04 -25.27
C LEU A 408 -0.24 7.52 -24.05
N PRO A 409 -0.72 7.84 -22.85
CA PRO A 409 -0.10 7.28 -21.64
C PRO A 409 -0.38 5.80 -21.50
N ASP A 410 0.52 5.11 -20.79
CA ASP A 410 0.36 3.68 -20.56
C ASP A 410 -0.89 3.38 -19.74
N ASP A 411 -1.15 4.19 -18.71
CA ASP A 411 -2.26 3.98 -17.80
C ASP A 411 -3.50 4.78 -18.21
N PHE A 412 -3.69 4.99 -19.51
CA PHE A 412 -4.83 5.76 -19.98
C PHE A 412 -6.14 5.07 -19.60
N THR A 413 -7.06 5.86 -19.04
CA THR A 413 -8.40 5.40 -18.72
C THR A 413 -9.40 6.18 -19.58
N GLY A 414 -10.22 5.45 -20.32
CA GLY A 414 -11.18 6.08 -21.20
C GLY A 414 -11.57 5.14 -22.32
N CYS A 415 -12.06 5.74 -23.40
CA CYS A 415 -12.56 4.98 -24.53
C CYS A 415 -12.08 5.59 -25.84
N VAL A 416 -12.11 4.77 -26.88
CA VAL A 416 -11.71 5.17 -28.23
C VAL A 416 -12.81 4.75 -29.19
N ILE A 417 -13.23 5.68 -30.05
CA ILE A 417 -14.24 5.46 -31.07
C ILE A 417 -13.63 5.82 -32.42
N ALA A 418 -13.89 4.98 -33.42
CA ALA A 418 -13.36 5.23 -34.75
C ALA A 418 -14.34 4.70 -35.78
N TRP A 419 -14.61 5.51 -36.81
CA TRP A 419 -15.52 5.09 -37.86
C TRP A 419 -15.09 5.66 -39.20
N ASN A 420 -15.40 4.94 -40.27
CA ASN A 420 -15.03 5.36 -41.61
C ASN A 420 -15.79 6.62 -42.00
N SER A 421 -15.09 7.52 -42.68
CA SER A 421 -15.70 8.74 -43.23
C SER A 421 -15.22 8.94 -44.66
N ASN A 422 -15.09 7.85 -45.42
CA ASN A 422 -14.65 7.94 -46.80
C ASN A 422 -15.65 8.72 -47.65
N LYS A 423 -16.94 8.51 -47.39
CA LYS A 423 -17.98 9.21 -48.16
C LYS A 423 -17.96 10.71 -47.92
N LEU A 424 -17.39 11.17 -46.80
CA LEU A 424 -17.42 12.57 -46.43
C LEU A 424 -16.07 13.25 -46.50
N ASP A 425 -14.98 12.50 -46.64
CA ASP A 425 -13.62 13.06 -46.61
C ASP A 425 -12.81 12.55 -47.79
N SER A 426 -13.43 12.48 -48.97
CA SER A 426 -12.72 12.03 -50.17
C SER A 426 -13.39 12.64 -51.38
N LYS A 427 -12.57 13.07 -52.34
CA LYS A 427 -13.04 13.64 -53.59
C LYS A 427 -12.28 13.03 -54.75
N PRO A 428 -12.91 12.93 -55.93
CA PRO A 428 -12.20 12.32 -57.07
C PRO A 428 -10.91 13.03 -57.45
N SER A 429 -10.87 14.35 -57.35
CA SER A 429 -9.65 15.08 -57.70
C SER A 429 -8.54 14.82 -56.68
N GLY A 430 -8.88 14.81 -55.39
CA GLY A 430 -7.90 14.56 -54.36
C GLY A 430 -8.06 15.46 -53.15
N ASN A 431 -8.15 14.87 -51.97
CA ASN A 431 -8.30 15.61 -50.73
C ASN A 431 -6.97 15.61 -49.98
N TYR A 432 -6.35 16.79 -49.88
CA TYR A 432 -5.03 16.95 -49.28
C TYR A 432 -5.04 18.07 -48.24
N ASN A 433 -6.16 18.22 -47.54
CA ASN A 433 -6.24 19.15 -46.42
C ASN A 433 -5.98 18.47 -45.08
N TYR A 434 -5.64 17.19 -45.08
CA TYR A 434 -5.33 16.43 -43.87
C TYR A 434 -3.85 16.08 -43.91
N LEU A 435 -3.05 16.79 -43.11
CA LEU A 435 -1.61 16.59 -43.08
C LEU A 435 -1.21 15.82 -41.83
N TYR A 436 0.06 15.42 -41.78
CA TYR A 436 0.59 14.72 -40.62
C TYR A 436 2.10 14.89 -40.59
N ARG A 437 2.65 14.87 -39.38
CA ARG A 437 4.09 14.95 -39.20
C ARG A 437 4.76 13.69 -39.73
N LEU A 438 5.86 13.87 -40.46
CA LEU A 438 6.64 12.77 -41.00
C LEU A 438 8.03 12.65 -40.39
N PHE A 439 8.69 13.77 -40.14
CA PHE A 439 10.01 13.78 -39.53
C PHE A 439 9.99 14.63 -38.28
N ARG A 440 10.65 14.13 -37.23
CA ARG A 440 10.78 14.87 -35.98
C ARG A 440 12.10 14.48 -35.33
N LYS A 441 12.72 15.45 -34.67
CA LYS A 441 14.03 15.21 -34.05
C LYS A 441 13.94 14.15 -32.96
N SER A 442 12.89 14.21 -32.15
CA SER A 442 12.71 13.25 -31.06
C SER A 442 11.25 12.81 -31.05
N LYS A 443 10.86 12.10 -30.00
CA LYS A 443 9.50 11.58 -29.88
C LYS A 443 8.61 12.63 -29.21
N LEU A 444 7.39 12.24 -28.88
CA LEU A 444 6.42 13.11 -28.22
C LEU A 444 5.99 12.50 -26.90
N LYS A 445 5.94 13.33 -25.86
CA LYS A 445 5.42 12.87 -24.58
C LYS A 445 3.91 12.64 -24.69
N PRO A 446 3.36 11.77 -23.83
CA PRO A 446 1.91 11.52 -23.89
C PRO A 446 1.12 12.81 -23.67
N PHE A 447 0.03 12.93 -24.43
CA PHE A 447 -0.85 14.11 -24.38
C PHE A 447 -0.07 15.38 -24.71
N GLU A 448 0.52 15.40 -25.90
CA GLU A 448 1.28 16.55 -26.36
C GLU A 448 1.04 16.76 -27.85
N ARG A 449 1.23 18.00 -28.29
CA ARG A 449 1.12 18.36 -29.69
C ARG A 449 2.33 19.20 -30.09
N ASP A 450 2.69 19.12 -31.37
CA ASP A 450 3.74 19.95 -31.95
C ASP A 450 3.18 20.64 -33.18
N ILE A 451 3.39 21.95 -33.26
CA ILE A 451 2.80 22.76 -34.33
C ILE A 451 3.85 23.40 -35.24
N SER A 452 5.04 23.70 -34.72
CA SER A 452 6.05 24.41 -35.50
C SER A 452 6.43 23.64 -36.76
N THR A 453 6.68 24.37 -37.84
CA THR A 453 7.05 23.80 -39.13
C THR A 453 8.40 24.38 -39.54
N GLU A 454 9.46 23.62 -39.34
CA GLU A 454 10.81 24.00 -39.76
C GLU A 454 11.43 22.86 -40.54
N ILE A 455 12.38 23.21 -41.40
CA ILE A 455 13.05 22.21 -42.23
C ILE A 455 13.77 21.21 -41.34
N TYR A 456 13.45 19.93 -41.51
CA TYR A 456 14.10 18.86 -40.75
C TYR A 456 15.47 18.60 -41.34
N GLN A 457 16.52 19.02 -40.64
CA GLN A 457 17.87 18.88 -41.14
C GLN A 457 18.35 17.44 -40.99
N ALA A 458 18.87 16.88 -42.08
CA ALA A 458 19.35 15.50 -42.09
C ALA A 458 20.84 15.38 -42.30
N GLY A 459 21.45 16.27 -43.07
CA GLY A 459 22.87 16.24 -43.31
C GLY A 459 23.65 17.04 -42.29
N ASN A 460 24.99 16.94 -42.40
CA ASN A 460 25.86 17.69 -41.51
C ASN A 460 25.75 19.19 -41.75
N LYS A 461 25.66 19.59 -43.00
CA LYS A 461 25.59 21.01 -43.33
C LYS A 461 24.25 21.60 -42.87
N PRO A 462 24.25 22.88 -42.49
CA PRO A 462 22.98 23.51 -42.09
C PRO A 462 22.03 23.63 -43.26
N CYS A 463 20.74 23.51 -42.95
CA CYS A 463 19.71 23.67 -43.98
C CYS A 463 19.48 25.13 -44.34
N ASN A 464 19.72 26.04 -43.39
CA ASN A 464 19.56 27.48 -43.62
C ASN A 464 18.16 27.86 -44.07
N GLY A 465 17.15 27.16 -43.54
CA GLY A 465 15.78 27.51 -43.82
C GLY A 465 15.29 27.18 -45.21
N VAL A 466 16.04 26.38 -45.96
CA VAL A 466 15.66 26.01 -47.31
C VAL A 466 15.72 24.49 -47.45
N ALA A 467 15.03 23.99 -48.47
CA ALA A 467 15.03 22.56 -48.77
C ALA A 467 16.18 22.21 -49.70
N GLY A 468 16.26 20.95 -50.09
CA GLY A 468 17.29 20.49 -50.98
C GLY A 468 17.85 19.14 -50.60
N PRO A 469 19.17 19.03 -50.56
CA PRO A 469 19.82 17.76 -50.18
C PRO A 469 19.83 17.62 -48.67
N ASN A 470 19.17 16.58 -48.16
CA ASN A 470 19.04 16.32 -46.73
C ASN A 470 18.36 17.49 -46.01
N CYS A 471 17.42 18.14 -46.69
CA CYS A 471 16.61 19.22 -46.10
C CYS A 471 15.18 19.02 -46.58
N TYR A 472 14.38 18.35 -45.77
CA TYR A 472 13.01 18.00 -46.13
C TYR A 472 12.03 18.59 -45.11
N SER A 473 10.85 18.96 -45.61
CA SER A 473 9.82 19.49 -44.72
C SER A 473 9.29 18.38 -43.81
N PRO A 474 8.88 18.72 -42.59
CA PRO A 474 8.44 17.69 -41.65
C PRO A 474 7.00 17.22 -41.86
N LEU A 475 6.19 17.98 -42.59
CA LEU A 475 4.78 17.67 -42.76
C LEU A 475 4.54 17.05 -44.14
N GLN A 476 3.73 15.99 -44.19
CA GLN A 476 3.33 15.36 -45.43
C GLN A 476 1.81 15.30 -45.48
N SER A 477 1.25 15.51 -46.66
CA SER A 477 -0.19 15.61 -46.83
C SER A 477 -0.78 14.25 -47.23
N TYR A 478 -1.84 13.84 -46.53
CA TYR A 478 -2.55 12.63 -46.89
C TYR A 478 -3.39 12.84 -48.14
N GLY A 479 -3.73 11.74 -48.80
CA GLY A 479 -4.56 11.80 -49.99
C GLY A 479 -5.70 10.79 -49.96
N PHE A 480 -6.90 11.25 -50.26
CA PHE A 480 -8.09 10.40 -50.23
C PHE A 480 -8.88 10.57 -51.51
N ARG A 481 -9.23 9.45 -52.14
CA ARG A 481 -10.11 9.42 -53.29
C ARG A 481 -11.09 8.27 -53.12
N PRO A 482 -12.32 8.42 -53.62
CA PRO A 482 -13.35 7.41 -53.34
C PRO A 482 -13.05 6.04 -53.95
N THR A 483 -12.16 5.96 -54.94
CA THR A 483 -11.87 4.69 -55.59
C THR A 483 -10.86 3.83 -54.82
N TYR A 484 -10.37 4.31 -53.68
CA TYR A 484 -9.34 3.58 -52.96
C TYR A 484 -9.93 2.42 -52.17
N GLY A 485 -9.08 1.45 -51.85
CA GLY A 485 -9.48 0.28 -51.11
C GLY A 485 -9.45 0.50 -49.60
N VAL A 486 -9.88 -0.54 -48.88
CA VAL A 486 -9.93 -0.47 -47.42
C VAL A 486 -8.52 -0.41 -46.85
N GLY A 487 -8.37 0.27 -45.72
CA GLY A 487 -7.09 0.44 -45.07
C GLY A 487 -6.43 1.78 -45.31
N HIS A 488 -6.90 2.54 -46.30
CA HIS A 488 -6.37 3.87 -46.57
C HIS A 488 -7.45 4.94 -46.49
N GLN A 489 -8.72 4.58 -46.63
CA GLN A 489 -9.80 5.55 -46.62
C GLN A 489 -9.79 6.34 -45.31
N PRO A 490 -10.18 7.61 -45.34
CA PRO A 490 -10.17 8.43 -44.12
C PRO A 490 -11.07 7.87 -43.04
N TYR A 491 -10.61 7.97 -41.80
CA TYR A 491 -11.34 7.49 -40.64
C TYR A 491 -11.34 8.56 -39.55
N ARG A 492 -12.50 8.79 -38.95
CA ARG A 492 -12.64 9.75 -37.87
C ARG A 492 -12.48 9.03 -36.54
N VAL A 493 -11.60 9.56 -35.68
CA VAL A 493 -11.28 8.97 -34.40
C VAL A 493 -11.51 10.00 -33.31
N VAL A 494 -12.31 9.62 -32.31
CA VAL A 494 -12.59 10.43 -31.14
C VAL A 494 -12.22 9.63 -29.90
N VAL A 495 -11.34 10.17 -29.09
CA VAL A 495 -10.89 9.52 -27.85
C VAL A 495 -11.40 10.33 -26.67
N LEU A 496 -11.98 9.63 -25.71
CA LEU A 496 -12.50 10.22 -24.49
C LEU A 496 -11.61 9.79 -23.32
N SER A 497 -11.12 10.77 -22.58
CA SER A 497 -10.20 10.57 -21.47
C SER A 497 -10.81 11.15 -20.20
N PHE A 498 -10.62 10.42 -19.10
CA PHE A 498 -11.25 10.73 -17.82
C PHE A 498 -10.19 10.73 -16.74
N GLU A 499 -10.36 11.63 -15.76
CA GLU A 499 -9.35 11.83 -14.75
C GLU A 499 -10.00 12.26 -13.44
N LEU A 500 -9.25 12.08 -12.35
CA LEU A 500 -9.69 12.45 -11.01
C LEU A 500 -8.64 13.32 -10.36
N LEU A 501 -9.08 14.20 -9.46
CA LEU A 501 -8.18 15.07 -8.71
C LEU A 501 -8.91 15.52 -7.45
N HIS A 502 -8.21 16.32 -6.64
CA HIS A 502 -8.72 16.77 -5.34
C HIS A 502 -9.65 17.97 -5.53
N ALA A 503 -10.84 17.68 -6.05
CA ALA A 503 -11.87 18.68 -6.27
C ALA A 503 -13.20 17.97 -6.40
N PRO A 504 -14.32 18.67 -6.17
CA PRO A 504 -15.63 18.06 -6.39
C PRO A 504 -15.80 17.63 -7.85
N ALA A 505 -16.48 16.49 -8.04
CA ALA A 505 -16.62 15.93 -9.37
C ALA A 505 -17.41 16.86 -10.28
N THR A 506 -18.59 17.29 -9.83
CA THR A 506 -19.44 18.25 -10.55
C THR A 506 -19.87 17.75 -11.92
N VAL A 507 -19.54 16.50 -12.25
CA VAL A 507 -19.91 15.90 -13.53
C VAL A 507 -20.33 14.46 -13.26
N CYS A 508 -21.62 14.17 -13.39
CA CYS A 508 -22.12 12.81 -13.23
C CYS A 508 -23.24 12.56 -14.23
N GLY A 509 -23.50 11.28 -14.49
CA GLY A 509 -24.42 10.87 -15.52
C GLY A 509 -25.87 11.11 -15.18
N PRO A 510 -26.75 10.94 -16.16
CA PRO A 510 -28.18 11.13 -15.90
C PRO A 510 -28.70 10.16 -14.86
N LYS A 511 -29.65 10.63 -14.07
CA LYS A 511 -30.10 9.91 -12.88
C LYS A 511 -31.60 10.07 -12.73
N LYS A 512 -32.31 8.95 -12.71
CA LYS A 512 -33.76 8.94 -12.58
C LYS A 512 -34.10 9.09 -11.11
N THR B 9 33.67 -24.52 53.94
CA THR B 9 32.57 -25.35 54.42
C THR B 9 31.26 -24.59 54.38
N GLN B 10 30.14 -25.31 54.32
CA GLN B 10 28.83 -24.69 54.23
C GLN B 10 28.06 -24.80 55.54
N SER B 11 26.96 -24.08 55.60
CA SER B 11 26.02 -24.13 56.70
C SER B 11 24.74 -23.42 56.25
N TYR B 12 23.75 -23.43 57.13
CA TYR B 12 22.44 -22.88 56.78
C TYR B 12 21.88 -22.06 57.92
N THR B 13 21.05 -21.08 57.56
CA THR B 13 20.37 -20.23 58.53
C THR B 13 19.18 -19.59 57.84
N ASN B 14 18.35 -18.92 58.64
CA ASN B 14 17.08 -18.38 58.16
C ASN B 14 17.23 -16.92 57.79
N SER B 15 16.61 -16.53 56.68
CA SER B 15 16.74 -15.17 56.19
C SER B 15 16.07 -14.16 57.12
N PHE B 16 15.05 -14.56 57.85
CA PHE B 16 14.30 -13.68 58.76
C PHE B 16 13.72 -12.52 57.94
N THR B 17 13.60 -11.34 58.55
CA THR B 17 13.06 -10.18 57.88
C THR B 17 14.21 -9.37 57.28
N ARG B 18 14.60 -9.75 56.06
CA ARG B 18 15.75 -9.09 55.45
C ARG B 18 15.59 -9.08 53.94
N GLY B 19 16.18 -8.06 53.32
CA GLY B 19 16.24 -7.97 51.87
C GLY B 19 15.13 -7.16 51.25
N VAL B 20 14.91 -5.94 51.75
CA VAL B 20 13.87 -5.06 51.24
C VAL B 20 14.53 -3.75 50.80
N TYR B 21 14.28 -3.37 49.55
CA TYR B 21 14.94 -2.24 48.92
C TYR B 21 13.91 -1.36 48.22
N TYR B 22 14.16 -0.06 48.22
CA TYR B 22 13.24 0.88 47.60
C TYR B 22 13.04 0.54 46.13
N PRO B 23 11.86 0.11 45.71
CA PRO B 23 11.67 -0.27 44.31
C PRO B 23 11.96 0.86 43.33
N ASP B 24 11.63 2.10 43.68
CA ASP B 24 11.76 3.23 42.78
C ASP B 24 12.39 4.41 43.52
N LYS B 25 12.60 5.50 42.80
CA LYS B 25 13.17 6.72 43.35
C LYS B 25 12.08 7.75 43.64
N VAL B 26 10.88 7.28 43.91
CA VAL B 26 9.71 8.12 44.09
C VAL B 26 9.54 8.37 45.59
N PHE B 27 9.38 9.64 45.95
CA PHE B 27 9.15 9.97 47.35
C PHE B 27 7.69 9.71 47.73
N ARG B 28 7.49 9.15 48.92
CA ARG B 28 6.16 8.96 49.47
C ARG B 28 6.25 9.11 50.98
N SER B 29 5.11 9.34 51.63
CA SER B 29 5.09 9.50 53.07
C SER B 29 3.76 9.01 53.64
N SER B 30 3.84 8.19 54.69
CA SER B 30 2.68 7.75 55.45
C SER B 30 1.61 7.11 54.57
N VAL B 31 2.06 6.35 53.57
CA VAL B 31 1.16 5.65 52.68
C VAL B 31 1.65 4.23 52.49
N LEU B 32 0.74 3.27 52.60
CA LEU B 32 1.08 1.87 52.37
C LEU B 32 0.95 1.58 50.89
N HIS B 33 2.00 1.02 50.30
CA HIS B 33 2.07 0.86 48.85
C HIS B 33 2.31 -0.60 48.50
N SER B 34 1.61 -1.07 47.48
CA SER B 34 1.73 -2.46 47.03
C SER B 34 2.66 -2.51 45.83
N THR B 35 3.68 -3.34 45.91
CA THR B 35 4.66 -3.47 44.83
C THR B 35 4.75 -4.94 44.41
N GLN B 36 5.08 -5.16 43.15
CA GLN B 36 5.25 -6.50 42.61
C GLN B 36 6.61 -6.57 41.92
N ASP B 37 7.58 -7.19 42.56
CA ASP B 37 8.94 -7.13 42.06
C ASP B 37 9.74 -8.29 42.66
N LEU B 38 11.04 -8.33 42.36
CA LEU B 38 11.88 -9.40 42.85
C LEU B 38 12.38 -9.08 44.25
N PHE B 39 12.14 -10.00 45.17
CA PHE B 39 12.56 -9.86 46.56
C PHE B 39 13.05 -11.20 47.06
N LEU B 40 13.60 -11.19 48.27
CA LEU B 40 14.01 -12.43 48.93
C LEU B 40 12.93 -12.81 49.91
N PRO B 41 12.16 -13.87 49.67
CA PRO B 41 10.98 -14.16 50.50
C PRO B 41 11.35 -14.38 51.96
N PHE B 42 10.44 -13.97 52.84
CA PHE B 42 10.71 -14.00 54.27
C PHE B 42 10.87 -15.42 54.76
N PHE B 43 11.68 -15.58 55.81
CA PHE B 43 11.90 -16.85 56.47
C PHE B 43 12.28 -17.94 55.48
N SER B 44 13.41 -17.72 54.81
CA SER B 44 13.98 -18.69 53.90
C SER B 44 15.41 -18.98 54.32
N ASN B 45 15.94 -20.08 53.81
CA ASN B 45 17.29 -20.53 54.17
C ASN B 45 18.29 -19.90 53.20
N VAL B 46 19.28 -19.21 53.74
CA VAL B 46 20.33 -18.58 52.95
C VAL B 46 21.65 -19.26 53.31
N THR B 47 22.43 -19.60 52.29
CA THR B 47 23.60 -20.43 52.51
C THR B 47 24.72 -19.63 53.15
N TRP B 48 25.40 -20.25 54.11
CA TRP B 48 26.49 -19.62 54.85
C TRP B 48 27.78 -20.32 54.46
N PHE B 49 28.75 -19.56 53.96
CA PHE B 49 30.01 -20.12 53.50
C PHE B 49 31.15 -19.64 54.38
N HIS B 50 32.06 -20.56 54.70
CA HIS B 50 33.24 -20.23 55.48
C HIS B 50 34.49 -20.26 54.58
N PHE B 70 23.92 -17.75 40.34
CA PHE B 70 23.42 -16.38 40.23
C PHE B 70 21.91 -16.37 40.13
N ASN B 71 21.37 -17.07 39.14
CA ASN B 71 19.93 -17.15 38.87
C ASN B 71 19.45 -15.74 38.51
N ASP B 72 18.50 -15.15 39.25
CA ASP B 72 17.90 -13.88 38.85
C ASP B 72 18.25 -12.74 39.79
N GLY B 73 19.17 -12.93 40.71
CA GLY B 73 19.56 -11.88 41.63
C GLY B 73 20.30 -12.46 42.80
N VAL B 74 20.97 -11.59 43.53
CA VAL B 74 21.79 -12.02 44.66
C VAL B 74 21.54 -11.11 45.85
N TYR B 75 21.33 -11.71 47.01
CA TYR B 75 21.48 -11.03 48.29
C TYR B 75 22.80 -11.51 48.87
N PHE B 76 23.69 -10.58 49.19
CA PHE B 76 25.02 -10.89 49.68
C PHE B 76 25.21 -10.21 51.02
N ALA B 77 25.84 -10.89 51.98
CA ALA B 77 25.99 -10.26 53.29
C ALA B 77 27.25 -10.76 53.97
N SER B 78 27.84 -9.89 54.78
CA SER B 78 29.05 -10.23 55.51
C SER B 78 29.13 -9.35 56.75
N THR B 79 30.08 -9.66 57.64
CA THR B 79 30.18 -8.91 58.88
C THR B 79 31.62 -8.63 59.34
N GLU B 80 32.62 -8.96 58.53
CA GLU B 80 34.00 -8.79 58.97
C GLU B 80 34.42 -7.33 58.95
N LYS B 81 35.40 -7.00 59.78
CA LYS B 81 35.89 -5.64 59.95
C LYS B 81 37.25 -5.38 59.33
N SER B 82 38.09 -6.41 59.22
CA SER B 82 39.47 -6.25 58.74
C SER B 82 39.55 -5.94 57.25
N ASN B 83 38.45 -5.66 56.56
CA ASN B 83 38.43 -5.31 55.15
C ASN B 83 39.02 -6.41 54.27
N ILE B 84 39.05 -7.63 54.79
CA ILE B 84 39.61 -8.76 54.05
C ILE B 84 38.77 -9.06 52.83
N ILE B 85 37.46 -8.87 52.92
CA ILE B 85 36.55 -9.13 51.82
C ILE B 85 36.60 -7.93 50.87
N ARG B 86 36.66 -8.21 49.56
CA ARG B 86 36.65 -7.16 48.57
C ARG B 86 36.53 -7.78 47.18
N GLY B 87 35.94 -7.03 46.27
CA GLY B 87 35.88 -7.40 44.88
C GLY B 87 34.79 -8.40 44.57
N TRP B 88 34.33 -8.36 43.32
CA TRP B 88 33.32 -9.29 42.87
C TRP B 88 33.58 -9.60 41.40
N ILE B 89 33.40 -10.87 41.01
CA ILE B 89 33.54 -11.31 39.63
C ILE B 89 32.19 -11.84 39.18
N PHE B 90 31.70 -11.35 38.05
CA PHE B 90 30.47 -11.84 37.45
C PHE B 90 30.77 -12.28 36.03
N GLY B 91 30.18 -13.39 35.61
CA GLY B 91 30.42 -13.84 34.26
C GLY B 91 29.55 -15.04 33.91
N THR B 92 29.83 -15.57 32.72
CA THR B 92 29.18 -16.76 32.20
C THR B 92 30.12 -17.96 32.12
N THR B 93 31.34 -17.74 31.62
CA THR B 93 32.31 -18.80 31.47
C THR B 93 33.51 -18.66 32.38
N LEU B 94 33.70 -17.51 33.03
CA LEU B 94 34.86 -17.23 33.86
C LEU B 94 36.16 -17.43 33.06
N ASP B 95 36.08 -17.11 31.78
CA ASP B 95 37.20 -17.28 30.85
C ASP B 95 37.28 -16.05 29.97
N SER B 96 38.37 -15.95 29.22
CA SER B 96 38.57 -14.79 28.36
C SER B 96 37.72 -14.81 27.11
N LYS B 97 36.76 -15.72 26.93
CA LYS B 97 35.95 -15.76 25.72
C LYS B 97 34.66 -14.97 25.82
N THR B 98 34.29 -14.51 27.00
CA THR B 98 33.07 -13.74 27.18
C THR B 98 33.31 -12.64 28.21
N GLN B 99 32.57 -11.54 28.07
CA GLN B 99 32.74 -10.41 28.97
C GLN B 99 32.35 -10.77 30.40
N SER B 100 33.09 -10.20 31.35
CA SER B 100 32.92 -10.53 32.76
C SER B 100 32.99 -9.24 33.58
N LEU B 101 31.91 -8.93 34.30
CA LEU B 101 31.93 -7.80 35.21
C LEU B 101 32.98 -8.01 36.30
N LEU B 102 33.72 -6.95 36.60
CA LEU B 102 34.76 -7.01 37.62
C LEU B 102 34.63 -5.74 38.45
N ILE B 103 34.40 -5.91 39.75
CA ILE B 103 34.30 -4.80 40.68
C ILE B 103 35.44 -4.91 41.67
N VAL B 104 36.42 -4.02 41.56
CA VAL B 104 37.56 -3.99 42.45
C VAL B 104 37.34 -2.84 43.43
N ASN B 105 37.79 -3.04 44.66
CA ASN B 105 37.68 -2.03 45.69
C ASN B 105 39.01 -1.94 46.42
N ASN B 106 39.42 -0.72 46.75
CA ASN B 106 40.58 -0.47 47.58
C ASN B 106 40.31 0.78 48.41
N ALA B 107 41.28 1.17 49.23
CA ALA B 107 41.05 2.27 50.17
C ALA B 107 40.79 3.59 49.46
N THR B 108 41.19 3.71 48.19
CA THR B 108 41.05 4.97 47.47
C THR B 108 39.73 5.04 46.70
N ASN B 109 39.49 4.08 45.80
CA ASN B 109 38.39 4.20 44.85
C ASN B 109 37.77 2.82 44.61
N VAL B 110 36.72 2.81 43.79
CA VAL B 110 36.11 1.58 43.31
C VAL B 110 36.18 1.59 41.80
N VAL B 111 36.62 0.47 41.22
CA VAL B 111 36.85 0.33 39.79
C VAL B 111 35.91 -0.72 39.23
N ILE B 112 35.22 -0.39 38.16
CA ILE B 112 34.27 -1.29 37.52
C ILE B 112 34.71 -1.48 36.07
N LYS B 113 34.88 -2.74 35.67
CA LYS B 113 35.32 -3.05 34.31
C LYS B 113 34.51 -4.22 33.76
N VAL B 114 34.50 -4.33 32.43
CA VAL B 114 33.69 -5.34 31.75
C VAL B 114 34.58 -6.21 30.86
N CYS B 115 35.81 -6.47 31.29
CA CYS B 115 36.81 -7.09 30.43
C CYS B 115 36.85 -8.61 30.58
N GLU B 116 37.03 -9.28 29.44
CA GLU B 116 37.06 -10.75 29.40
C GLU B 116 38.39 -11.28 29.91
N PHE B 117 38.62 -11.20 31.21
CA PHE B 117 39.90 -11.59 31.77
C PHE B 117 40.07 -13.11 31.75
N GLN B 118 41.32 -13.54 31.76
CA GLN B 118 41.66 -14.96 31.86
C GLN B 118 41.84 -15.29 33.33
N PHE B 119 40.72 -15.56 34.01
CA PHE B 119 40.75 -15.77 35.44
C PHE B 119 41.38 -17.11 35.79
N CYS B 120 42.01 -17.16 36.97
CA CYS B 120 42.62 -18.38 37.46
C CYS B 120 41.60 -19.19 38.26
N ASN B 121 42.05 -20.35 38.77
CA ASN B 121 41.16 -21.21 39.52
C ASN B 121 40.71 -20.57 40.84
N ASP B 122 41.62 -19.94 41.55
CA ASP B 122 41.33 -19.32 42.85
C ASP B 122 41.88 -17.89 42.85
N PRO B 123 41.22 -16.98 42.13
CA PRO B 123 41.72 -15.60 42.06
C PRO B 123 41.71 -14.93 43.41
N PHE B 124 42.72 -14.10 43.66
CA PHE B 124 42.82 -13.36 44.91
C PHE B 124 43.85 -12.25 44.74
N LEU B 125 43.62 -11.15 45.45
CA LEU B 125 44.52 -9.99 45.37
C LEU B 125 45.81 -10.30 46.11
N ASP B 126 46.94 -10.00 45.47
CA ASP B 126 48.24 -10.34 46.05
C ASP B 126 48.54 -9.49 47.28
N VAL B 127 48.24 -8.18 47.21
CA VAL B 127 48.57 -7.18 48.23
C VAL B 127 49.83 -7.51 49.03
N GLU B 137 50.11 -6.10 45.30
CA GLU B 137 48.84 -5.59 44.81
C GLU B 137 48.61 -6.03 43.36
N SER B 138 49.51 -6.88 42.86
CA SER B 138 49.43 -7.30 41.48
C SER B 138 48.17 -8.11 41.22
N GLU B 139 47.63 -7.99 40.01
CA GLU B 139 46.42 -8.68 39.61
C GLU B 139 46.70 -9.88 38.71
N PHE B 140 47.97 -10.28 38.56
CA PHE B 140 48.29 -11.40 37.71
C PHE B 140 47.75 -12.71 38.27
N ARG B 141 47.58 -12.80 39.59
CA ARG B 141 46.94 -13.98 40.17
C ARG B 141 45.45 -13.97 39.94
N VAL B 142 44.83 -12.79 39.87
CA VAL B 142 43.42 -12.70 39.54
C VAL B 142 43.17 -13.14 38.10
N TYR B 143 44.01 -12.69 37.17
CA TYR B 143 43.79 -12.97 35.75
C TYR B 143 45.11 -12.81 35.01
N SER B 144 45.12 -13.27 33.76
CA SER B 144 46.33 -13.22 32.96
C SER B 144 46.61 -11.82 32.43
N SER B 145 45.69 -11.28 31.62
CA SER B 145 45.95 -10.03 30.92
C SER B 145 44.65 -9.34 30.56
N ALA B 146 44.77 -8.06 30.23
CA ALA B 146 43.63 -7.25 29.82
C ALA B 146 43.31 -7.47 28.35
N ASN B 147 42.06 -7.23 27.99
CA ASN B 147 41.58 -7.43 26.63
C ASN B 147 40.35 -6.56 26.39
N ASN B 148 39.60 -6.88 25.35
CA ASN B 148 38.44 -6.09 24.91
C ASN B 148 37.46 -5.82 26.04
N CYS B 149 37.11 -4.55 26.21
CA CYS B 149 36.06 -4.09 27.13
C CYS B 149 35.83 -2.61 26.92
N THR B 150 34.63 -2.17 27.30
CA THR B 150 34.15 -0.82 26.99
C THR B 150 34.00 0.01 28.25
N PHE B 151 33.17 -0.41 29.20
CA PHE B 151 32.82 0.40 30.35
C PHE B 151 33.93 0.33 31.38
N GLU B 152 34.56 1.47 31.66
CA GLU B 152 35.47 1.60 32.78
C GLU B 152 34.92 2.71 33.66
N TYR B 153 34.77 2.44 34.95
CA TYR B 153 34.12 3.36 35.85
C TYR B 153 34.91 3.44 37.15
N VAL B 154 34.99 4.64 37.72
CA VAL B 154 35.71 4.88 38.97
C VAL B 154 34.83 5.74 39.86
N SER B 155 34.75 5.39 41.14
CA SER B 155 33.97 6.24 42.05
C SER B 155 34.46 6.06 43.48
N GLN B 156 33.71 6.63 44.41
CA GLN B 156 33.89 6.42 45.84
C GLN B 156 33.57 4.97 46.18
N PRO B 157 34.48 4.22 46.80
CA PRO B 157 34.21 2.80 47.06
C PRO B 157 33.05 2.60 48.02
N PHE B 158 32.33 1.50 47.81
CA PHE B 158 31.18 1.19 48.65
C PHE B 158 31.59 0.99 50.10
N LEU B 159 32.61 0.17 50.33
CA LEU B 159 33.04 -0.13 51.69
C LEU B 159 33.65 1.11 52.34
N MET B 160 33.48 1.20 53.66
CA MET B 160 33.98 2.33 54.42
C MET B 160 34.65 1.88 55.71
N LYS B 170 31.30 -5.69 64.67
CA LYS B 170 30.31 -4.74 65.14
C LYS B 170 29.53 -4.12 63.98
N ASN B 171 29.96 -4.40 62.75
CA ASN B 171 29.33 -3.84 61.57
C ASN B 171 29.01 -4.95 60.59
N LEU B 172 27.83 -4.86 59.99
CA LEU B 172 27.37 -5.81 58.99
C LEU B 172 27.10 -5.07 57.70
N ARG B 173 27.41 -5.71 56.57
CA ARG B 173 27.22 -5.11 55.26
C ARG B 173 26.35 -6.02 54.41
N GLU B 174 25.30 -5.44 53.83
CA GLU B 174 24.35 -6.15 53.00
C GLU B 174 24.32 -5.50 51.62
N PHE B 175 24.22 -6.33 50.59
CA PHE B 175 24.17 -5.85 49.22
C PHE B 175 23.12 -6.64 48.47
N VAL B 176 22.49 -6.00 47.49
CA VAL B 176 21.57 -6.67 46.58
C VAL B 176 21.99 -6.33 45.17
N PHE B 177 22.27 -7.36 44.38
CA PHE B 177 22.67 -7.21 42.99
C PHE B 177 21.57 -7.77 42.11
N LYS B 178 21.09 -6.98 41.15
CA LYS B 178 20.10 -7.54 40.25
C LYS B 178 20.27 -7.01 38.84
N ASN B 179 20.15 -7.93 37.88
CA ASN B 179 20.35 -7.65 36.46
C ASN B 179 19.03 -7.83 35.73
N ILE B 180 18.62 -6.81 34.97
CA ILE B 180 17.36 -6.87 34.25
C ILE B 180 17.43 -5.91 33.08
N ASP B 181 16.95 -6.37 31.92
CA ASP B 181 16.92 -5.60 30.67
C ASP B 181 18.18 -4.77 30.45
N GLY B 182 19.32 -5.45 30.44
CA GLY B 182 20.57 -4.80 30.15
C GLY B 182 21.01 -3.78 31.18
N TYR B 183 20.48 -3.87 32.40
CA TYR B 183 20.77 -2.92 33.45
C TYR B 183 21.17 -3.67 34.71
N PHE B 184 22.22 -3.19 35.35
CA PHE B 184 22.84 -3.86 36.50
C PHE B 184 22.73 -2.91 37.68
N LYS B 185 21.91 -3.26 38.65
CA LYS B 185 21.60 -2.37 39.77
C LYS B 185 22.18 -2.93 41.05
N ILE B 186 22.88 -2.06 41.78
CA ILE B 186 23.52 -2.40 43.05
C ILE B 186 22.89 -1.55 44.13
N TYR B 187 22.28 -2.21 45.12
CA TYR B 187 21.75 -1.57 46.32
C TYR B 187 22.59 -2.03 47.50
N SER B 188 22.74 -1.15 48.49
CA SER B 188 23.63 -1.45 49.60
C SER B 188 23.03 -1.00 50.92
N LYS B 189 23.61 -1.49 52.00
CA LYS B 189 23.33 -0.96 53.33
C LYS B 189 24.39 -1.44 54.31
N HIS B 190 24.70 -0.59 55.28
CA HIS B 190 25.65 -0.91 56.34
C HIS B 190 24.97 -0.67 57.67
N THR B 191 25.00 -1.67 58.55
CA THR B 191 24.30 -1.59 59.81
C THR B 191 25.26 -1.82 60.96
N PRO B 192 25.07 -1.12 62.08
CA PRO B 192 25.84 -1.44 63.27
C PRO B 192 25.19 -2.59 64.02
N ILE B 193 25.86 -3.74 64.04
CA ILE B 193 25.30 -4.95 64.63
C ILE B 193 26.05 -5.23 65.92
N ASN B 194 25.29 -5.51 66.98
CA ASN B 194 25.91 -5.83 68.26
C ASN B 194 26.63 -7.18 68.18
N LEU B 195 27.18 -7.62 69.30
CA LEU B 195 27.86 -8.91 69.28
C LEU B 195 26.81 -10.00 69.13
N GLU B 196 26.53 -10.39 67.88
CA GLU B 196 25.54 -11.40 67.54
C GLU B 196 26.10 -12.33 66.46
N ARG B 197 25.93 -13.64 66.65
CA ARG B 197 26.48 -14.62 65.69
C ARG B 197 25.76 -14.58 64.35
N ASP B 198 24.43 -14.52 64.35
CA ASP B 198 23.64 -14.64 63.14
C ASP B 198 23.01 -13.29 62.76
N LEU B 199 22.25 -13.31 61.68
CA LEU B 199 21.62 -12.10 61.17
C LEU B 199 20.64 -11.54 62.20
N PRO B 200 20.65 -10.24 62.43
CA PRO B 200 19.83 -9.68 63.52
C PRO B 200 18.37 -9.58 63.12
N GLN B 201 17.51 -9.61 64.14
CA GLN B 201 16.08 -9.48 63.96
C GLN B 201 15.74 -7.99 63.92
N GLY B 202 15.41 -7.50 62.74
CA GLY B 202 15.11 -6.10 62.58
C GLY B 202 14.79 -5.82 61.13
N PHE B 203 14.59 -4.54 60.84
CA PHE B 203 14.27 -4.10 59.49
C PHE B 203 15.24 -3.04 59.04
N SER B 204 15.71 -3.16 57.79
CA SER B 204 16.63 -2.17 57.23
C SER B 204 16.39 -2.13 55.73
N ALA B 205 15.91 -0.99 55.24
CA ALA B 205 15.71 -0.81 53.81
C ALA B 205 17.05 -0.65 53.10
N LEU B 206 17.07 -0.95 51.81
CA LEU B 206 18.27 -0.91 51.01
C LEU B 206 18.13 0.18 49.94
N GLU B 207 18.92 1.25 50.08
CA GLU B 207 18.92 2.32 49.10
C GLU B 207 19.63 1.88 47.83
N PRO B 208 19.31 2.49 46.69
CA PRO B 208 20.12 2.28 45.49
C PRO B 208 21.51 2.88 45.68
N LEU B 209 22.50 2.22 45.09
CA LEU B 209 23.85 2.75 45.05
C LEU B 209 24.27 3.06 43.62
N VAL B 210 24.20 2.10 42.70
CA VAL B 210 24.55 2.39 41.31
C VAL B 210 23.60 1.67 40.38
N ASP B 211 23.50 2.19 39.16
CA ASP B 211 22.69 1.62 38.09
C ASP B 211 23.49 1.72 36.79
N LEU B 212 23.95 0.59 36.27
CA LEU B 212 24.85 0.62 35.13
C LEU B 212 24.18 0.02 33.90
N PRO B 213 24.35 0.62 32.72
CA PRO B 213 23.81 0.05 31.47
C PRO B 213 24.80 -0.89 30.78
N ILE B 214 25.08 -2.03 31.39
CA ILE B 214 26.11 -2.93 30.87
C ILE B 214 25.53 -3.85 29.80
N GLY B 215 24.62 -4.74 30.20
CA GLY B 215 24.05 -5.71 29.28
C GLY B 215 24.94 -6.87 28.93
N ILE B 216 25.24 -7.73 29.90
CA ILE B 216 26.06 -8.92 29.69
C ILE B 216 25.29 -10.13 30.22
N ASN B 217 25.30 -11.22 29.47
CA ASN B 217 24.68 -12.46 29.89
C ASN B 217 25.47 -13.05 31.04
N ILE B 218 24.82 -13.21 32.20
CA ILE B 218 25.49 -13.59 33.44
C ILE B 218 24.89 -14.90 33.93
N THR B 219 25.73 -15.81 34.36
CA THR B 219 25.23 -17.05 34.94
C THR B 219 25.82 -17.35 36.31
N ARG B 220 27.00 -16.80 36.63
CA ARG B 220 27.66 -17.11 37.89
C ARG B 220 28.46 -15.92 38.37
N PHE B 221 28.81 -15.94 39.66
CA PHE B 221 29.66 -14.94 40.25
C PHE B 221 30.50 -15.57 41.34
N GLN B 222 31.53 -14.84 41.77
CA GLN B 222 32.46 -15.32 42.77
C GLN B 222 33.05 -14.12 43.49
N THR B 223 33.51 -14.34 44.71
CA THR B 223 34.09 -13.28 45.52
C THR B 223 35.57 -13.54 45.75
N LEU B 224 36.36 -12.47 45.81
CA LEU B 224 37.79 -12.57 46.00
C LEU B 224 38.18 -12.22 47.42
N LEU B 225 39.40 -12.60 47.78
CA LEU B 225 39.99 -12.30 49.08
C LEU B 225 41.38 -11.73 48.87
N ALA B 226 41.87 -11.00 49.87
CA ALA B 226 43.15 -10.30 49.77
C ALA B 226 44.04 -10.68 50.96
N LEU B 227 44.98 -11.57 50.72
CA LEU B 227 45.93 -11.96 51.75
C LEU B 227 47.37 -11.66 51.32
N THR B 242 49.93 -15.86 53.48
CA THR B 242 49.43 -16.10 54.82
C THR B 242 47.96 -16.50 54.80
N ALA B 243 47.66 -17.64 55.43
CA ALA B 243 46.31 -18.17 55.41
C ALA B 243 45.39 -17.39 56.34
N GLY B 244 44.09 -17.51 56.10
CA GLY B 244 43.08 -16.85 56.89
C GLY B 244 41.74 -17.52 56.71
N ALA B 245 40.73 -16.99 57.40
CA ALA B 245 39.38 -17.52 57.33
C ALA B 245 38.37 -16.39 57.39
N ALA B 246 37.30 -16.51 56.60
CA ALA B 246 36.22 -15.54 56.59
C ALA B 246 34.98 -16.20 56.02
N ALA B 247 33.84 -15.55 56.25
CA ALA B 247 32.54 -16.15 55.96
C ALA B 247 31.64 -15.13 55.30
N TYR B 248 30.59 -15.62 54.64
CA TYR B 248 29.59 -14.72 54.07
C TYR B 248 28.32 -15.49 53.75
N TYR B 249 27.19 -14.78 53.78
CA TYR B 249 25.88 -15.35 53.52
C TYR B 249 25.38 -14.95 52.14
N VAL B 250 24.82 -15.92 51.42
CA VAL B 250 24.33 -15.71 50.06
C VAL B 250 22.91 -16.22 49.97
N GLY B 251 22.03 -15.41 49.39
CA GLY B 251 20.66 -15.82 49.15
C GLY B 251 20.21 -15.40 47.77
N TYR B 252 19.13 -16.03 47.31
CA TYR B 252 18.72 -15.95 45.92
C TYR B 252 17.33 -15.35 45.83
N LEU B 253 17.14 -14.42 44.89
CA LEU B 253 15.89 -13.68 44.77
C LEU B 253 14.85 -14.46 44.00
N GLN B 254 13.59 -14.09 44.21
CA GLN B 254 12.45 -14.63 43.49
C GLN B 254 11.42 -13.52 43.29
N PRO B 255 10.56 -13.65 42.27
CA PRO B 255 9.50 -12.65 42.07
C PRO B 255 8.39 -12.83 43.10
N ARG B 256 8.05 -11.74 43.80
CA ARG B 256 7.03 -11.77 44.84
C ARG B 256 6.25 -10.46 44.78
N THR B 257 5.30 -10.34 45.72
CA THR B 257 4.52 -9.12 45.90
C THR B 257 4.63 -8.70 47.35
N PHE B 258 4.97 -7.43 47.58
CA PHE B 258 5.20 -6.92 48.91
C PHE B 258 4.25 -5.76 49.18
N LEU B 259 4.00 -5.51 50.46
CA LEU B 259 3.25 -4.33 50.90
C LEU B 259 4.19 -3.54 51.80
N LEU B 260 4.65 -2.40 51.30
CA LEU B 260 5.63 -1.58 52.00
C LEU B 260 4.93 -0.45 52.74
N LYS B 261 5.45 -0.09 53.90
CA LYS B 261 4.92 1.00 54.71
C LYS B 261 5.98 2.09 54.80
N TYR B 262 5.68 3.25 54.22
CA TYR B 262 6.51 4.42 54.37
C TYR B 262 6.04 5.23 55.56
N ASN B 263 6.98 5.72 56.36
CA ASN B 263 6.63 6.60 57.45
C ASN B 263 6.59 8.03 56.92
N GLU B 264 6.45 9.01 57.82
CA GLU B 264 6.29 10.39 57.37
C GLU B 264 7.58 10.99 56.84
N ASN B 265 8.73 10.42 57.18
CA ASN B 265 10.01 10.95 56.75
C ASN B 265 10.44 10.41 55.39
N GLY B 266 9.69 9.47 54.82
CA GLY B 266 10.00 8.93 53.52
C GLY B 266 10.78 7.63 53.52
N THR B 267 11.09 7.08 54.69
CA THR B 267 11.92 5.89 54.80
C THR B 267 11.05 4.68 55.09
N ILE B 268 11.25 3.60 54.33
CA ILE B 268 10.54 2.36 54.59
C ILE B 268 10.87 1.88 55.99
N THR B 269 9.85 1.53 56.75
CA THR B 269 10.05 1.03 58.10
C THR B 269 9.61 -0.42 58.26
N ASP B 270 8.56 -0.83 57.56
CA ASP B 270 8.10 -2.21 57.66
C ASP B 270 7.48 -2.63 56.34
N ALA B 271 7.37 -3.94 56.15
CA ALA B 271 6.74 -4.48 54.96
C ALA B 271 6.25 -5.88 55.27
N VAL B 272 5.24 -6.31 54.51
CA VAL B 272 4.63 -7.61 54.71
C VAL B 272 4.57 -8.36 53.40
N ASP B 273 4.87 -9.65 53.46
CA ASP B 273 4.87 -10.52 52.31
C ASP B 273 3.45 -10.98 52.02
N CYS B 274 3.05 -10.94 50.76
CA CYS B 274 1.66 -11.24 50.43
C CYS B 274 1.39 -12.72 50.26
N ALA B 275 2.40 -13.58 50.30
CA ALA B 275 2.19 -15.00 50.08
C ALA B 275 2.98 -15.84 51.07
N LEU B 276 3.01 -15.43 52.34
CA LEU B 276 3.71 -16.19 53.36
C LEU B 276 2.76 -17.11 54.12
N ASP B 277 1.73 -16.54 54.76
CA ASP B 277 0.73 -17.31 55.47
C ASP B 277 -0.59 -16.57 55.34
N PRO B 278 -1.72 -17.25 55.56
CA PRO B 278 -3.02 -16.60 55.30
C PRO B 278 -3.21 -15.30 56.06
N LEU B 279 -2.62 -15.16 57.24
CA LEU B 279 -2.72 -13.88 57.95
C LEU B 279 -2.12 -12.77 57.11
N SER B 280 -0.94 -13.01 56.54
CA SER B 280 -0.31 -12.00 55.70
C SER B 280 -1.10 -11.76 54.43
N GLU B 281 -1.73 -12.78 53.88
CA GLU B 281 -2.58 -12.58 52.71
C GLU B 281 -3.75 -11.67 53.05
N THR B 282 -4.35 -11.88 54.23
CA THR B 282 -5.42 -11.00 54.68
C THR B 282 -4.91 -9.57 54.85
N LYS B 283 -3.72 -9.41 55.45
CA LYS B 283 -3.16 -8.08 55.60
C LYS B 283 -2.99 -7.41 54.25
N CYS B 284 -2.50 -8.16 53.25
CA CYS B 284 -2.30 -7.57 51.93
C CYS B 284 -3.62 -7.17 51.30
N THR B 285 -4.61 -8.05 51.30
CA THR B 285 -5.86 -7.72 50.61
C THR B 285 -6.61 -6.61 51.33
N LEU B 286 -6.49 -6.54 52.65
CA LEU B 286 -7.14 -5.47 53.40
C LEU B 286 -6.37 -4.17 53.35
N LYS B 287 -5.08 -4.21 52.99
CA LYS B 287 -4.23 -3.03 52.90
C LYS B 287 -4.08 -2.34 54.26
N SER B 288 -3.72 -3.14 55.26
CA SER B 288 -3.49 -2.62 56.60
C SER B 288 -2.61 -3.58 57.36
N PHE B 289 -2.10 -3.11 58.49
CA PHE B 289 -1.20 -3.90 59.32
C PHE B 289 -1.87 -4.48 60.55
N THR B 290 -3.20 -4.52 60.59
CA THR B 290 -3.89 -5.08 61.74
C THR B 290 -5.07 -5.95 61.32
N SER B 308 -0.22 -33.97 30.79
CA SER B 308 -0.79 -33.64 29.48
C SER B 308 -0.89 -34.87 28.59
N ILE B 309 -2.04 -35.05 27.96
CA ILE B 309 -2.30 -36.21 27.11
C ILE B 309 -2.84 -35.74 25.78
N VAL B 310 -2.50 -36.46 24.71
CA VAL B 310 -2.93 -36.16 23.36
C VAL B 310 -3.43 -37.45 22.73
N ARG B 311 -4.58 -37.39 22.06
CA ARG B 311 -5.26 -38.60 21.59
C ARG B 311 -5.67 -38.45 20.12
N PHE B 312 -4.74 -38.03 19.27
CA PHE B 312 -5.02 -37.91 17.86
C PHE B 312 -5.22 -39.29 17.23
N PRO B 313 -5.88 -39.35 16.08
CA PRO B 313 -6.17 -40.65 15.46
C PRO B 313 -4.92 -41.36 14.97
N ASN B 314 -5.06 -42.67 14.75
CA ASN B 314 -3.93 -43.54 14.44
C ASN B 314 -3.44 -43.39 13.01
N ILE B 315 -4.33 -43.00 12.08
CA ILE B 315 -4.00 -43.10 10.66
C ILE B 315 -2.82 -42.19 10.32
N THR B 316 -1.86 -42.73 9.58
CA THR B 316 -0.73 -41.97 9.08
C THR B 316 -0.75 -42.00 7.56
N ASN B 317 -0.60 -40.83 6.96
CA ASN B 317 -0.67 -40.66 5.52
C ASN B 317 0.01 -39.34 5.18
N LEU B 318 -0.09 -38.92 3.92
CA LEU B 318 0.46 -37.65 3.49
C LEU B 318 -0.57 -36.94 2.62
N CYS B 319 -0.95 -35.74 3.03
CA CYS B 319 -1.85 -34.95 2.21
C CYS B 319 -1.11 -34.51 0.95
N PRO B 320 -1.62 -34.82 -0.23
CA PRO B 320 -0.86 -34.55 -1.45
C PRO B 320 -0.76 -33.07 -1.79
N PHE B 321 -0.18 -32.28 -0.88
CA PHE B 321 0.06 -30.88 -1.18
C PHE B 321 1.05 -30.71 -2.31
N HIS B 322 1.97 -31.65 -2.47
CA HIS B 322 2.90 -31.61 -3.59
C HIS B 322 2.17 -31.66 -4.93
N GLU B 323 1.03 -32.34 -4.98
CA GLU B 323 0.27 -32.42 -6.23
C GLU B 323 -0.45 -31.12 -6.52
N VAL B 324 -0.91 -30.42 -5.49
CA VAL B 324 -1.59 -29.15 -5.71
C VAL B 324 -0.63 -28.12 -6.29
N PHE B 325 0.57 -28.04 -5.74
CA PHE B 325 1.59 -27.15 -6.28
C PHE B 325 2.31 -27.85 -7.42
N ASN B 326 3.20 -27.10 -8.09
CA ASN B 326 4.04 -27.56 -9.19
C ASN B 326 3.33 -28.49 -10.18
N ALA B 327 2.05 -28.22 -10.43
CA ALA B 327 1.31 -29.03 -11.38
C ALA B 327 1.58 -28.65 -12.82
N THR B 328 2.34 -27.57 -13.06
CA THR B 328 2.77 -27.12 -14.38
C THR B 328 1.60 -26.71 -15.28
N THR B 329 0.38 -26.78 -14.75
CA THR B 329 -0.81 -26.40 -15.50
C THR B 329 -1.82 -25.84 -14.51
N PHE B 330 -2.07 -24.54 -14.57
CA PHE B 330 -3.03 -23.90 -13.71
C PHE B 330 -4.21 -23.40 -14.54
N ALA B 331 -5.40 -23.47 -13.96
CA ALA B 331 -6.60 -23.08 -14.66
C ALA B 331 -6.75 -21.56 -14.66
N SER B 332 -7.42 -21.05 -15.69
CA SER B 332 -7.76 -19.64 -15.73
C SER B 332 -8.76 -19.31 -14.62
N VAL B 333 -8.81 -18.04 -14.24
CA VAL B 333 -9.55 -17.67 -13.04
C VAL B 333 -11.05 -17.88 -13.21
N TYR B 334 -11.59 -17.68 -14.41
CA TYR B 334 -13.04 -17.78 -14.55
C TYR B 334 -13.51 -19.22 -14.46
N ALA B 335 -12.59 -20.18 -14.55
CA ALA B 335 -12.86 -21.58 -14.23
C ALA B 335 -11.75 -22.07 -13.31
N TRP B 336 -11.89 -21.83 -12.02
CA TRP B 336 -10.84 -22.14 -11.07
C TRP B 336 -10.97 -23.57 -10.57
N ASN B 337 -9.86 -24.30 -10.57
CA ASN B 337 -9.88 -25.68 -10.12
C ASN B 337 -10.21 -25.77 -8.64
N ARG B 338 -10.84 -26.88 -8.26
CA ARG B 338 -11.22 -27.14 -6.87
C ARG B 338 -10.74 -28.55 -6.52
N LYS B 339 -10.01 -28.68 -5.41
CA LYS B 339 -9.50 -29.96 -4.98
C LYS B 339 -9.83 -30.13 -3.51
N ARG B 340 -10.42 -31.27 -3.15
CA ARG B 340 -10.80 -31.53 -1.77
C ARG B 340 -9.79 -32.46 -1.15
N ILE B 341 -9.37 -32.15 0.07
CA ILE B 341 -8.35 -32.92 0.77
C ILE B 341 -8.91 -33.34 2.11
N SER B 342 -8.79 -34.64 2.40
CA SER B 342 -9.28 -35.28 3.61
C SER B 342 -8.50 -36.56 3.82
N ASN B 343 -8.60 -37.09 5.05
CA ASN B 343 -8.07 -38.41 5.38
C ASN B 343 -6.57 -38.49 5.14
N CYS B 344 -5.82 -37.58 5.75
CA CYS B 344 -4.38 -37.61 5.62
C CYS B 344 -3.76 -36.76 6.72
N VAL B 345 -2.45 -36.92 6.88
CA VAL B 345 -1.68 -36.10 7.81
C VAL B 345 -1.31 -34.80 7.13
N ALA B 346 -1.70 -33.68 7.71
CA ALA B 346 -1.47 -32.37 7.11
C ALA B 346 -0.12 -31.85 7.59
N ASP B 347 0.87 -31.88 6.72
CA ASP B 347 2.19 -31.33 6.99
C ASP B 347 2.40 -30.12 6.09
N TYR B 348 2.72 -28.99 6.70
CA TYR B 348 2.80 -27.72 5.97
C TYR B 348 4.22 -27.23 5.78
N SER B 349 5.22 -28.08 6.05
CA SER B 349 6.60 -27.67 5.81
C SER B 349 6.86 -27.43 4.33
N VAL B 350 6.28 -28.27 3.47
CA VAL B 350 6.52 -28.19 2.03
C VAL B 350 6.10 -26.85 1.47
N ILE B 351 5.10 -26.21 2.09
CA ILE B 351 4.66 -24.89 1.64
C ILE B 351 5.83 -23.91 1.65
N TYR B 352 6.37 -23.63 2.85
CA TYR B 352 7.53 -22.77 2.92
C TYR B 352 8.70 -23.35 2.15
N ASN B 353 8.78 -24.67 2.04
CA ASN B 353 9.81 -25.31 1.23
C ASN B 353 9.70 -24.96 -0.25
N PHE B 354 8.57 -24.45 -0.70
CA PHE B 354 8.39 -24.26 -2.14
C PHE B 354 9.19 -23.07 -2.67
N ALA B 355 8.84 -21.86 -2.25
CA ALA B 355 9.35 -20.67 -2.93
C ALA B 355 9.21 -19.47 -2.01
N PRO B 356 9.95 -18.38 -2.28
CA PRO B 356 9.76 -17.14 -1.53
C PRO B 356 8.49 -16.42 -1.95
N PHE B 357 7.37 -16.80 -1.33
CA PHE B 357 6.06 -16.33 -1.76
C PHE B 357 5.94 -14.82 -1.64
N PHE B 358 5.43 -14.20 -2.70
CA PHE B 358 5.22 -12.75 -2.67
C PHE B 358 4.16 -12.37 -1.65
N ALA B 359 3.10 -13.16 -1.54
CA ALA B 359 2.07 -12.92 -0.54
C ALA B 359 1.69 -14.25 0.11
N PHE B 360 1.56 -14.24 1.43
CA PHE B 360 1.20 -15.44 2.19
C PHE B 360 0.45 -14.94 3.42
N LYS B 361 -0.87 -14.94 3.36
CA LYS B 361 -1.65 -14.34 4.44
C LYS B 361 -2.77 -15.28 4.85
N CYS B 362 -2.93 -15.47 6.16
CA CYS B 362 -3.97 -16.32 6.71
C CYS B 362 -4.91 -15.44 7.53
N TYR B 363 -6.22 -15.62 7.33
CA TYR B 363 -7.20 -14.72 7.92
C TYR B 363 -7.73 -15.23 9.26
N GLY B 364 -8.35 -16.40 9.26
CA GLY B 364 -8.98 -16.90 10.46
C GLY B 364 -8.08 -17.65 11.41
N VAL B 365 -6.82 -17.87 11.05
CA VAL B 365 -5.90 -18.61 11.90
C VAL B 365 -4.49 -18.09 11.63
N SER B 366 -3.63 -18.21 12.63
CA SER B 366 -2.27 -17.72 12.49
C SER B 366 -1.48 -18.65 11.57
N PRO B 367 -0.65 -18.10 10.68
CA PRO B 367 0.10 -18.95 9.75
C PRO B 367 1.04 -19.92 10.43
N THR B 368 1.47 -19.64 11.66
CA THR B 368 2.43 -20.50 12.34
C THR B 368 1.78 -21.73 12.97
N LYS B 369 0.49 -21.67 13.29
CA LYS B 369 -0.16 -22.70 14.08
C LYS B 369 -0.96 -23.69 13.24
N LEU B 370 -0.75 -23.72 11.92
CA LEU B 370 -1.41 -24.74 11.11
C LEU B 370 -0.95 -26.15 11.42
N ASN B 371 0.15 -26.31 12.14
CA ASN B 371 0.77 -27.61 12.33
C ASN B 371 0.33 -28.31 13.60
N ASP B 372 -0.65 -27.75 14.33
CA ASP B 372 -1.12 -28.42 15.53
C ASP B 372 -2.64 -28.32 15.71
N LEU B 373 -3.39 -28.20 14.62
CA LEU B 373 -4.84 -28.15 14.69
C LEU B 373 -5.42 -29.29 13.87
N CYS B 374 -6.74 -29.48 14.00
CA CYS B 374 -7.44 -30.51 13.27
C CYS B 374 -8.65 -29.90 12.58
N PHE B 375 -8.90 -30.32 11.34
CA PHE B 375 -9.94 -29.73 10.51
C PHE B 375 -10.82 -30.83 9.93
N THR B 376 -12.05 -30.46 9.60
CA THR B 376 -13.00 -31.44 9.07
C THR B 376 -12.67 -31.80 7.62
N ASN B 377 -12.49 -30.80 6.78
CA ASN B 377 -12.23 -31.02 5.36
C ASN B 377 -11.58 -29.75 4.81
N VAL B 378 -10.59 -29.90 3.93
CA VAL B 378 -9.95 -28.69 3.42
C VAL B 378 -10.10 -28.63 1.91
N TYR B 379 -10.14 -27.41 1.39
CA TYR B 379 -10.30 -27.17 -0.03
C TYR B 379 -9.14 -26.33 -0.56
N ALA B 380 -8.61 -26.74 -1.71
CA ALA B 380 -7.54 -26.02 -2.38
C ALA B 380 -8.04 -25.53 -3.73
N ASP B 381 -7.86 -24.24 -3.98
CA ASP B 381 -8.20 -23.61 -5.25
C ASP B 381 -6.93 -23.04 -5.86
N SER B 382 -6.84 -23.08 -7.19
CA SER B 382 -5.61 -22.65 -7.85
C SER B 382 -5.93 -21.96 -9.17
N PHE B 383 -5.27 -20.84 -9.43
CA PHE B 383 -5.44 -20.12 -10.69
C PHE B 383 -4.28 -19.14 -10.85
N VAL B 384 -4.38 -18.27 -11.86
CA VAL B 384 -3.34 -17.27 -12.13
C VAL B 384 -4.00 -15.90 -12.29
N ILE B 385 -3.37 -14.89 -11.69
CA ILE B 385 -3.89 -13.52 -11.60
C ILE B 385 -2.76 -12.56 -11.96
N ARG B 386 -3.12 -11.44 -12.60
CA ARG B 386 -2.15 -10.36 -12.77
C ARG B 386 -1.74 -9.81 -11.41
N GLY B 387 -0.45 -9.55 -11.26
CA GLY B 387 0.09 -9.30 -9.92
C GLY B 387 -0.60 -8.18 -9.18
N ASN B 388 -0.86 -7.07 -9.86
CA ASN B 388 -1.49 -5.93 -9.19
C ASN B 388 -2.89 -6.24 -8.69
N GLU B 389 -3.49 -7.33 -9.15
CA GLU B 389 -4.82 -7.71 -8.75
C GLU B 389 -4.82 -8.75 -7.63
N VAL B 390 -3.65 -9.11 -7.12
CA VAL B 390 -3.57 -10.11 -6.06
C VAL B 390 -4.30 -9.62 -4.81
N SER B 391 -4.17 -8.34 -4.50
CA SER B 391 -4.87 -7.78 -3.36
C SER B 391 -6.37 -7.85 -3.52
N GLN B 392 -6.85 -8.09 -4.74
CA GLN B 392 -8.28 -8.20 -5.01
C GLN B 392 -8.91 -9.41 -4.36
N ILE B 393 -8.11 -10.38 -3.91
CA ILE B 393 -8.61 -11.61 -3.29
C ILE B 393 -8.55 -11.38 -1.79
N ALA B 394 -9.68 -11.06 -1.19
CA ALA B 394 -9.82 -10.81 0.23
C ALA B 394 -11.29 -10.70 0.58
N PRO B 395 -11.72 -11.12 1.76
CA PRO B 395 -13.13 -11.03 2.11
C PRO B 395 -13.61 -9.58 2.08
N GLY B 396 -14.83 -9.40 1.59
CA GLY B 396 -15.42 -8.06 1.55
C GLY B 396 -14.65 -7.08 0.69
N GLN B 397 -14.24 -7.49 -0.50
CA GLN B 397 -13.50 -6.62 -1.40
C GLN B 397 -14.25 -6.51 -2.73
N THR B 398 -13.97 -5.44 -3.47
CA THR B 398 -14.65 -5.17 -4.72
C THR B 398 -13.64 -5.08 -5.86
N GLY B 399 -14.12 -5.34 -7.06
CA GLY B 399 -13.28 -5.41 -8.25
C GLY B 399 -13.88 -6.36 -9.23
N ASN B 400 -13.36 -6.29 -10.47
CA ASN B 400 -13.94 -7.09 -11.55
C ASN B 400 -13.95 -8.57 -11.20
N ILE B 401 -12.80 -9.11 -10.79
CA ILE B 401 -12.77 -10.51 -10.41
C ILE B 401 -13.32 -10.73 -9.01
N ALA B 402 -13.40 -9.70 -8.19
CA ALA B 402 -14.01 -9.86 -6.87
C ALA B 402 -15.48 -10.21 -6.99
N ASP B 403 -16.19 -9.56 -7.91
CA ASP B 403 -17.63 -9.75 -8.02
C ASP B 403 -18.04 -10.54 -9.25
N TYR B 404 -17.12 -10.85 -10.16
CA TYR B 404 -17.47 -11.46 -11.43
C TYR B 404 -16.77 -12.77 -11.71
N ASN B 405 -15.64 -13.05 -11.06
CA ASN B 405 -14.87 -14.26 -11.35
C ASN B 405 -14.66 -15.15 -10.14
N TYR B 406 -14.44 -14.58 -8.96
CA TYR B 406 -14.13 -15.39 -7.78
C TYR B 406 -14.48 -14.57 -6.54
N LYS B 407 -15.52 -14.98 -5.83
CA LYS B 407 -16.02 -14.25 -4.67
C LYS B 407 -15.68 -15.02 -3.39
N LEU B 408 -15.07 -14.32 -2.44
CA LEU B 408 -14.74 -14.90 -1.15
C LEU B 408 -15.74 -14.46 -0.09
N PRO B 409 -16.19 -15.36 0.76
CA PRO B 409 -17.19 -14.99 1.77
C PRO B 409 -16.58 -14.06 2.82
N ASP B 410 -17.46 -13.28 3.45
CA ASP B 410 -17.01 -12.33 4.46
C ASP B 410 -16.42 -13.03 5.68
N ASP B 411 -16.87 -14.26 5.96
CA ASP B 411 -16.42 -15.02 7.12
C ASP B 411 -15.36 -16.05 6.76
N PHE B 412 -14.46 -15.70 5.84
CA PHE B 412 -13.45 -16.64 5.39
C PHE B 412 -12.57 -17.09 6.54
N THR B 413 -12.21 -18.37 6.55
CA THR B 413 -11.32 -18.95 7.56
C THR B 413 -10.31 -19.83 6.82
N GLY B 414 -9.20 -19.24 6.40
CA GLY B 414 -8.20 -19.98 5.68
C GLY B 414 -6.95 -19.18 5.34
N CYS B 415 -6.22 -19.63 4.32
CA CYS B 415 -4.97 -19.00 3.93
C CYS B 415 -4.98 -18.75 2.43
N VAL B 416 -4.19 -17.77 2.02
CA VAL B 416 -4.01 -17.44 0.60
C VAL B 416 -2.53 -17.29 0.33
N ILE B 417 -2.07 -17.90 -0.77
CA ILE B 417 -0.68 -17.89 -1.19
C ILE B 417 -0.62 -17.40 -2.62
N ALA B 418 0.28 -16.47 -2.90
CA ALA B 418 0.42 -15.93 -4.25
C ALA B 418 1.88 -15.68 -4.53
N TRP B 419 2.40 -16.24 -5.62
CA TRP B 419 3.81 -16.05 -5.94
C TRP B 419 4.00 -15.83 -7.43
N ASN B 420 5.05 -15.08 -7.75
CA ASN B 420 5.34 -14.70 -9.13
C ASN B 420 5.61 -15.91 -10.00
N SER B 421 5.20 -15.81 -11.26
CA SER B 421 5.41 -16.86 -12.25
C SER B 421 5.86 -16.27 -13.57
N ASN B 422 6.45 -15.08 -13.54
CA ASN B 422 6.77 -14.35 -14.77
C ASN B 422 7.74 -15.11 -15.65
N LYS B 423 8.56 -15.98 -15.06
CA LYS B 423 9.55 -16.72 -15.81
C LYS B 423 8.96 -17.96 -16.48
N LEU B 424 7.77 -18.38 -16.09
CA LEU B 424 7.18 -19.61 -16.62
C LEU B 424 5.93 -19.39 -17.45
N ASP B 425 5.15 -18.36 -17.16
CA ASP B 425 3.88 -18.12 -17.83
C ASP B 425 3.89 -16.82 -18.62
N SER B 426 4.98 -16.55 -19.34
CA SER B 426 5.05 -15.40 -20.22
C SER B 426 5.81 -15.80 -21.48
N LYS B 427 5.47 -15.14 -22.59
CA LYS B 427 6.08 -15.42 -23.87
C LYS B 427 6.29 -14.12 -24.61
N PRO B 428 7.38 -13.98 -25.36
CA PRO B 428 7.59 -12.74 -26.13
C PRO B 428 6.48 -12.43 -27.10
N SER B 429 5.94 -13.45 -27.78
CA SER B 429 4.83 -13.23 -28.70
C SER B 429 3.52 -13.01 -27.96
N GLY B 430 3.44 -13.43 -26.70
CA GLY B 430 2.23 -13.27 -25.91
C GLY B 430 1.56 -14.58 -25.55
N ASN B 431 1.81 -15.06 -24.34
CA ASN B 431 1.16 -16.25 -23.82
C ASN B 431 -0.22 -15.87 -23.34
N TYR B 432 -1.24 -16.12 -24.16
CA TYR B 432 -2.58 -15.73 -23.75
C TYR B 432 -3.19 -16.76 -22.81
N ASN B 433 -3.57 -17.93 -23.34
CA ASN B 433 -3.80 -19.16 -22.58
C ASN B 433 -4.43 -18.98 -21.21
N TYR B 434 -5.16 -17.89 -20.99
CA TYR B 434 -5.67 -17.53 -19.67
C TYR B 434 -6.73 -16.47 -19.89
N LEU B 435 -7.94 -16.70 -19.40
CA LEU B 435 -9.04 -15.79 -19.63
C LEU B 435 -9.64 -15.32 -18.32
N TYR B 436 -10.40 -14.23 -18.39
CA TYR B 436 -11.11 -13.70 -17.24
C TYR B 436 -12.38 -13.02 -17.72
N ARG B 437 -13.43 -13.09 -16.90
CA ARG B 437 -14.73 -12.55 -17.25
C ARG B 437 -14.90 -11.16 -16.63
N LEU B 438 -15.41 -10.21 -17.42
CA LEU B 438 -15.65 -8.87 -16.94
C LEU B 438 -17.06 -8.36 -17.15
N PHE B 439 -17.87 -9.06 -17.96
CA PHE B 439 -19.27 -8.71 -18.17
C PHE B 439 -20.14 -9.83 -17.59
N ARG B 440 -21.05 -9.47 -16.71
CA ARG B 440 -21.90 -10.44 -16.02
C ARG B 440 -23.11 -9.71 -15.48
N LYS B 441 -24.29 -10.31 -15.66
CA LYS B 441 -25.54 -9.61 -15.36
C LYS B 441 -25.68 -9.32 -13.87
N SER B 442 -25.22 -10.24 -13.01
CA SER B 442 -25.44 -10.10 -11.58
C SER B 442 -24.15 -10.41 -10.83
N LYS B 443 -24.08 -9.89 -9.60
CA LYS B 443 -22.92 -10.11 -8.76
C LYS B 443 -22.82 -11.58 -8.36
N LEU B 444 -21.59 -12.03 -8.12
CA LEU B 444 -21.35 -13.44 -7.80
C LEU B 444 -21.56 -13.70 -6.32
N LYS B 445 -22.39 -14.70 -6.00
CA LYS B 445 -22.48 -15.18 -4.64
C LYS B 445 -21.19 -15.90 -4.25
N PRO B 446 -20.83 -15.88 -2.97
CA PRO B 446 -19.52 -16.42 -2.57
C PRO B 446 -19.34 -17.87 -2.95
N PHE B 447 -18.12 -18.22 -3.36
CA PHE B 447 -17.75 -19.57 -3.74
C PHE B 447 -18.64 -20.11 -4.86
N GLU B 448 -18.95 -19.24 -5.81
CA GLU B 448 -19.61 -19.63 -7.04
C GLU B 448 -18.58 -19.74 -8.15
N ARG B 449 -18.95 -20.47 -9.19
CA ARG B 449 -18.19 -20.53 -10.42
C ARG B 449 -19.17 -20.36 -11.58
N ASP B 450 -18.77 -19.61 -12.60
CA ASP B 450 -19.60 -19.37 -13.76
C ASP B 450 -18.82 -19.73 -15.01
N ILE B 451 -19.41 -20.51 -15.89
CA ILE B 451 -18.68 -21.09 -17.00
C ILE B 451 -19.36 -20.80 -18.33
N SER B 452 -20.44 -20.05 -18.33
CA SER B 452 -21.18 -19.80 -19.57
C SER B 452 -20.41 -18.88 -20.50
N THR B 453 -20.59 -19.13 -21.81
CA THR B 453 -20.00 -18.32 -22.86
C THR B 453 -21.05 -17.53 -23.64
N GLU B 454 -22.23 -17.34 -23.08
CA GLU B 454 -23.31 -16.63 -23.76
C GLU B 454 -22.97 -15.14 -23.89
N ILE B 455 -23.41 -14.55 -25.00
CA ILE B 455 -23.04 -13.19 -25.40
C ILE B 455 -23.87 -12.18 -24.60
N TYR B 456 -23.19 -11.27 -23.89
CA TYR B 456 -23.86 -10.40 -22.93
C TYR B 456 -24.87 -9.49 -23.63
N GLN B 457 -26.10 -9.50 -23.13
CA GLN B 457 -27.15 -8.64 -23.66
C GLN B 457 -27.13 -7.29 -22.94
N ALA B 458 -27.10 -6.21 -23.72
CA ALA B 458 -26.98 -4.87 -23.16
C ALA B 458 -28.33 -4.22 -22.86
N GLY B 459 -29.44 -4.85 -23.22
CA GLY B 459 -30.74 -4.24 -22.93
C GLY B 459 -31.55 -3.95 -24.17
N ASN B 460 -31.34 -4.73 -25.22
CA ASN B 460 -31.91 -4.47 -26.53
C ASN B 460 -32.38 -5.81 -27.10
N LYS B 461 -32.59 -5.85 -28.41
CA LYS B 461 -32.98 -7.07 -29.09
C LYS B 461 -31.92 -8.15 -28.84
N PRO B 462 -32.30 -9.43 -28.80
CA PRO B 462 -31.35 -10.46 -28.40
C PRO B 462 -30.29 -10.75 -29.45
N CYS B 463 -29.05 -10.37 -29.15
CA CYS B 463 -27.93 -10.57 -30.05
C CYS B 463 -27.36 -11.99 -29.92
N ASN B 464 -28.21 -12.99 -30.12
CA ASN B 464 -27.74 -14.37 -30.10
C ASN B 464 -26.61 -14.56 -31.10
N GLY B 465 -26.62 -13.78 -32.17
CA GLY B 465 -25.58 -13.82 -33.17
C GLY B 465 -24.19 -13.44 -32.68
N VAL B 466 -24.02 -12.17 -32.31
CA VAL B 466 -22.69 -11.63 -32.04
C VAL B 466 -22.86 -10.35 -31.22
N ALA B 467 -21.76 -9.91 -30.58
CA ALA B 467 -21.78 -8.65 -29.85
C ALA B 467 -22.34 -7.52 -30.70
N GLY B 468 -21.79 -7.33 -31.90
CA GLY B 468 -22.31 -6.37 -32.85
C GLY B 468 -22.37 -4.96 -32.30
N PRO B 469 -23.57 -4.46 -32.09
CA PRO B 469 -23.73 -3.11 -31.55
C PRO B 469 -23.61 -3.07 -30.03
N ASN B 470 -24.72 -2.78 -29.36
CA ASN B 470 -24.70 -2.64 -27.91
C ASN B 470 -24.34 -3.94 -27.20
N CYS B 471 -24.66 -5.09 -27.78
CA CYS B 471 -24.35 -6.35 -27.11
C CYS B 471 -22.84 -6.58 -27.10
N TYR B 472 -22.37 -7.37 -26.13
CA TYR B 472 -20.94 -7.63 -25.98
C TYR B 472 -20.69 -9.10 -25.70
N SER B 473 -19.45 -9.52 -25.98
CA SER B 473 -18.96 -10.86 -25.70
C SER B 473 -17.94 -10.83 -24.58
N PRO B 474 -18.07 -11.70 -23.57
CA PRO B 474 -17.18 -11.63 -22.42
C PRO B 474 -15.86 -12.35 -22.63
N LEU B 475 -15.11 -12.53 -21.54
CA LEU B 475 -13.90 -13.36 -21.50
C LEU B 475 -12.80 -12.82 -22.43
N GLN B 476 -12.29 -11.64 -22.09
CA GLN B 476 -11.03 -11.25 -22.70
C GLN B 476 -9.90 -12.11 -22.16
N SER B 477 -8.80 -12.15 -22.89
CA SER B 477 -7.65 -12.94 -22.49
C SER B 477 -6.70 -12.10 -21.64
N TYR B 478 -5.55 -12.66 -21.32
CA TYR B 478 -4.45 -11.93 -20.71
C TYR B 478 -3.28 -11.94 -21.69
N GLY B 479 -2.39 -10.96 -21.54
CA GLY B 479 -1.20 -10.93 -22.35
C GLY B 479 0.03 -10.83 -21.48
N PHE B 480 0.90 -11.85 -21.52
CA PHE B 480 2.07 -11.88 -20.67
C PHE B 480 3.32 -11.97 -21.54
N ARG B 481 4.18 -10.96 -21.40
CA ARG B 481 5.51 -10.93 -22.00
C ARG B 481 6.51 -10.67 -20.88
N PRO B 482 7.73 -11.16 -21.02
CA PRO B 482 8.76 -10.84 -20.00
C PRO B 482 9.02 -9.36 -19.89
N THR B 483 8.67 -8.57 -20.91
CA THR B 483 8.91 -7.14 -20.90
C THR B 483 7.99 -6.39 -19.95
N TYR B 484 6.81 -6.92 -19.65
CA TYR B 484 5.92 -6.24 -18.72
C TYR B 484 6.55 -6.16 -17.34
N GLY B 485 6.27 -5.07 -16.64
CA GLY B 485 6.75 -4.89 -15.29
C GLY B 485 5.85 -5.54 -14.27
N VAL B 486 6.27 -5.44 -13.00
CA VAL B 486 5.47 -5.97 -11.91
C VAL B 486 4.15 -5.21 -11.86
N GLY B 487 3.07 -5.95 -11.57
CA GLY B 487 1.73 -5.43 -11.70
C GLY B 487 1.04 -5.82 -12.98
N HIS B 488 1.75 -6.50 -13.90
CA HIS B 488 1.14 -7.13 -15.05
C HIS B 488 1.66 -8.53 -15.31
N GLN B 489 2.70 -8.96 -14.61
CA GLN B 489 3.20 -10.31 -14.77
C GLN B 489 2.26 -11.32 -14.10
N PRO B 490 2.25 -12.57 -14.56
CA PRO B 490 1.36 -13.56 -13.96
C PRO B 490 1.86 -14.00 -12.60
N TYR B 491 0.90 -14.20 -11.68
CA TYR B 491 1.15 -14.74 -10.35
C TYR B 491 0.26 -15.94 -10.15
N ARG B 492 0.84 -17.05 -9.72
CA ARG B 492 0.06 -18.23 -9.39
C ARG B 492 -0.48 -18.08 -7.98
N VAL B 493 -1.77 -18.34 -7.80
CA VAL B 493 -2.47 -18.15 -6.54
C VAL B 493 -3.11 -19.46 -6.14
N VAL B 494 -2.94 -19.84 -4.88
CA VAL B 494 -3.58 -21.01 -4.29
C VAL B 494 -4.25 -20.58 -2.99
N VAL B 495 -5.51 -20.92 -2.84
CA VAL B 495 -6.30 -20.55 -1.67
C VAL B 495 -6.72 -21.82 -0.95
N LEU B 496 -6.42 -21.89 0.35
CA LEU B 496 -6.81 -23.01 1.19
C LEU B 496 -7.93 -22.57 2.10
N SER B 497 -9.05 -23.27 2.07
CA SER B 497 -10.19 -23.00 2.93
C SER B 497 -10.41 -24.17 3.87
N PHE B 498 -10.78 -23.86 5.11
CA PHE B 498 -10.82 -24.82 6.19
C PHE B 498 -12.25 -25.06 6.65
N GLU B 499 -12.46 -26.18 7.34
CA GLU B 499 -13.76 -26.53 7.89
C GLU B 499 -13.61 -26.80 9.38
N LEU B 500 -14.38 -26.07 10.20
CA LEU B 500 -14.27 -26.16 11.65
C LEU B 500 -15.62 -26.53 12.26
N LEU B 501 -15.55 -27.19 13.42
CA LEU B 501 -16.72 -27.48 14.25
C LEU B 501 -17.76 -28.30 13.46
N HIS B 502 -17.36 -29.52 13.12
CA HIS B 502 -18.17 -30.39 12.30
C HIS B 502 -17.94 -31.84 12.72
N ALA B 503 -18.38 -32.77 11.88
CA ALA B 503 -18.24 -34.22 12.05
C ALA B 503 -16.77 -34.56 12.26
N PRO B 504 -16.43 -35.75 12.75
CA PRO B 504 -15.12 -35.90 13.41
C PRO B 504 -13.97 -35.67 12.44
N ALA B 505 -13.14 -34.69 12.78
CA ALA B 505 -12.14 -34.16 11.86
C ALA B 505 -11.14 -35.23 11.45
N THR B 506 -10.55 -35.05 10.27
CA THR B 506 -9.66 -36.05 9.70
C THR B 506 -8.29 -35.54 9.30
N VAL B 507 -8.14 -34.27 8.94
CA VAL B 507 -6.85 -33.76 8.46
C VAL B 507 -6.12 -33.17 9.66
N CYS B 508 -5.46 -34.05 10.42
CA CYS B 508 -4.49 -33.62 11.42
C CYS B 508 -3.61 -34.80 11.77
N GLY B 509 -2.32 -34.72 11.44
CA GLY B 509 -1.38 -35.71 11.89
C GLY B 509 0.06 -35.28 12.21
N PRO B 510 0.31 -33.99 12.47
CA PRO B 510 1.70 -33.59 12.72
C PRO B 510 2.19 -33.93 14.12
N LYS B 511 1.31 -34.41 15.00
CA LYS B 511 1.68 -34.72 16.37
C LYS B 511 1.29 -36.15 16.69
N LYS B 512 2.02 -36.75 17.63
CA LYS B 512 1.69 -38.07 18.12
C LYS B 512 0.70 -37.94 19.28
N THR C 9 -10.32 56.67 6.12
CA THR C 9 -11.55 57.31 6.57
C THR C 9 -12.28 56.45 7.60
N GLN C 10 -11.51 55.72 8.40
CA GLN C 10 -12.05 54.72 9.29
C GLN C 10 -12.84 55.34 10.43
N SER C 11 -13.69 54.53 11.04
CA SER C 11 -14.31 54.81 12.32
C SER C 11 -14.77 53.49 12.90
N TYR C 12 -15.06 53.48 14.20
CA TYR C 12 -15.53 52.28 14.86
C TYR C 12 -16.97 52.48 15.31
N THR C 13 -17.74 51.39 15.32
CA THR C 13 -19.11 51.48 15.79
C THR C 13 -19.54 50.12 16.33
N ASN C 14 -20.68 50.12 17.00
CA ASN C 14 -21.21 48.95 17.68
C ASN C 14 -22.18 48.22 16.76
N SER C 15 -22.13 46.89 16.81
CA SER C 15 -22.87 46.07 15.86
C SER C 15 -24.29 45.80 16.27
N PHE C 16 -24.63 45.99 17.54
CA PHE C 16 -25.94 45.58 18.07
C PHE C 16 -26.15 44.11 17.70
N THR C 17 -27.40 43.71 17.52
CA THR C 17 -27.72 42.32 17.18
C THR C 17 -28.07 42.22 15.69
N ARG C 18 -27.03 41.98 14.90
CA ARG C 18 -27.19 41.76 13.47
C ARG C 18 -26.35 40.57 13.04
N GLY C 19 -26.63 40.06 11.85
CA GLY C 19 -25.80 39.04 11.26
C GLY C 19 -26.12 37.62 11.70
N VAL C 20 -27.38 37.21 11.52
CA VAL C 20 -27.81 35.86 11.84
C VAL C 20 -28.43 35.24 10.61
N TYR C 21 -27.92 34.09 10.20
CA TYR C 21 -28.32 33.45 8.96
C TYR C 21 -28.74 32.02 9.24
N TYR C 22 -29.65 31.52 8.40
CA TYR C 22 -30.16 30.18 8.58
C TYR C 22 -29.01 29.18 8.39
N PRO C 23 -28.68 28.38 9.40
CA PRO C 23 -27.53 27.47 9.25
C PRO C 23 -27.67 26.47 8.14
N ASP C 24 -28.89 26.04 7.81
CA ASP C 24 -29.08 25.01 6.80
C ASP C 24 -30.43 25.25 6.12
N LYS C 25 -30.89 24.24 5.39
CA LYS C 25 -32.12 24.34 4.61
C LYS C 25 -33.27 23.56 5.24
N VAL C 26 -33.22 23.37 6.55
CA VAL C 26 -34.20 22.56 7.27
C VAL C 26 -35.32 23.46 7.77
N PHE C 27 -36.54 22.97 7.70
CA PHE C 27 -37.71 23.72 8.15
C PHE C 27 -38.13 23.26 9.54
N ARG C 28 -38.29 24.20 10.46
CA ARG C 28 -38.72 23.91 11.81
C ARG C 28 -39.78 24.92 12.22
N SER C 29 -40.61 24.54 13.19
CA SER C 29 -41.73 25.37 13.61
C SER C 29 -41.80 25.44 15.13
N SER C 30 -41.81 26.66 15.65
CA SER C 30 -42.12 26.93 17.05
C SER C 30 -41.22 26.14 18.01
N VAL C 31 -39.99 25.86 17.57
CA VAL C 31 -39.05 25.09 18.36
C VAL C 31 -37.75 25.87 18.46
N LEU C 32 -37.24 26.00 19.68
CA LEU C 32 -35.94 26.63 19.89
C LEU C 32 -34.84 25.63 19.57
N HIS C 33 -33.83 26.07 18.82
CA HIS C 33 -32.77 25.19 18.40
C HIS C 33 -31.43 25.75 18.82
N SER C 34 -30.44 24.88 18.99
CA SER C 34 -29.10 25.26 19.37
C SER C 34 -28.14 24.91 18.25
N THR C 35 -27.28 25.87 17.88
CA THR C 35 -26.37 25.67 16.76
C THR C 35 -24.97 26.11 17.15
N GLN C 36 -23.97 25.45 16.57
CA GLN C 36 -22.56 25.75 16.79
C GLN C 36 -21.94 26.04 15.42
N ASP C 37 -21.65 27.30 15.13
CA ASP C 37 -21.18 27.64 13.79
C ASP C 37 -20.58 29.04 13.83
N LEU C 38 -20.25 29.58 12.66
CA LEU C 38 -19.64 30.90 12.58
C LEU C 38 -20.72 31.97 12.58
N PHE C 39 -20.56 32.96 13.46
CA PHE C 39 -21.52 34.05 13.59
C PHE C 39 -20.77 35.30 13.98
N LEU C 40 -21.43 36.45 13.82
CA LEU C 40 -20.87 37.71 14.25
C LEU C 40 -21.35 38.00 15.67
N PRO C 41 -20.48 37.97 16.67
CA PRO C 41 -20.95 38.06 18.05
C PRO C 41 -21.66 39.36 18.37
N PHE C 42 -22.61 39.28 19.30
CA PHE C 42 -23.40 40.44 19.67
C PHE C 42 -22.53 41.52 20.27
N PHE C 43 -22.85 42.78 19.95
CA PHE C 43 -22.16 43.93 20.50
C PHE C 43 -20.64 43.80 20.35
N SER C 44 -20.21 43.76 19.10
CA SER C 44 -18.79 43.78 18.76
C SER C 44 -18.46 45.08 18.05
N ASN C 45 -17.19 45.22 17.70
CA ASN C 45 -16.76 46.38 16.94
C ASN C 45 -16.82 46.10 15.45
N VAL C 46 -17.38 47.04 14.70
CA VAL C 46 -17.43 46.96 13.25
C VAL C 46 -16.93 48.28 12.69
N THR C 47 -16.26 48.22 11.55
CA THR C 47 -15.59 49.39 11.00
C THR C 47 -16.47 50.10 9.98
N TRP C 48 -16.41 51.43 10.01
CA TRP C 48 -17.17 52.31 9.14
C TRP C 48 -16.20 53.05 8.24
N PHE C 49 -16.45 53.03 6.93
CA PHE C 49 -15.50 53.66 6.01
C PHE C 49 -16.08 54.86 5.28
N LEU C 68 -7.94 44.63 3.32
CA LEU C 68 -8.88 44.03 4.26
C LEU C 68 -8.71 42.52 4.30
N PRO C 69 -8.23 42.01 5.44
CA PRO C 69 -8.09 40.56 5.58
C PRO C 69 -9.44 39.87 5.64
N PHE C 70 -9.44 38.58 5.31
CA PHE C 70 -10.67 37.82 5.21
C PHE C 70 -10.92 36.92 6.42
N ASN C 71 -9.87 36.35 6.99
CA ASN C 71 -9.98 35.45 8.14
C ASN C 71 -10.88 34.26 7.84
N ASP C 72 -12.11 34.29 8.36
CA ASP C 72 -13.02 33.15 8.24
C ASP C 72 -14.36 33.47 7.60
N GLY C 73 -14.74 34.73 7.53
CA GLY C 73 -16.01 35.11 6.93
C GLY C 73 -16.17 36.59 7.09
N VAL C 74 -17.20 37.13 6.47
CA VAL C 74 -17.38 38.58 6.47
C VAL C 74 -18.86 38.93 6.59
N TYR C 75 -19.14 39.94 7.42
CA TYR C 75 -20.41 40.64 7.41
C TYR C 75 -20.20 41.98 6.74
N PHE C 76 -20.95 42.26 5.69
CA PHE C 76 -20.79 43.46 4.88
C PHE C 76 -22.12 44.20 4.84
N ALA C 77 -22.08 45.52 4.95
CA ALA C 77 -23.34 46.25 4.96
C ALA C 77 -23.17 47.62 4.33
N SER C 78 -24.21 48.08 3.64
CA SER C 78 -24.20 49.42 3.07
C SER C 78 -25.60 50.01 3.12
N THR C 79 -25.67 51.33 2.96
CA THR C 79 -26.95 52.01 3.13
C THR C 79 -27.21 53.11 2.09
N GLU C 80 -26.62 53.02 0.91
CA GLU C 80 -26.83 54.04 -0.11
C GLU C 80 -27.94 53.60 -1.08
N LYS C 81 -28.74 54.56 -1.50
CA LYS C 81 -29.84 54.28 -2.44
C LYS C 81 -29.42 54.40 -3.90
N SER C 82 -28.27 55.01 -4.19
CA SER C 82 -27.88 55.25 -5.57
C SER C 82 -27.27 54.02 -6.24
N ASN C 83 -27.04 52.94 -5.51
CA ASN C 83 -26.48 51.70 -6.05
C ASN C 83 -25.11 51.93 -6.69
N ILE C 84 -24.36 52.91 -6.17
CA ILE C 84 -23.02 53.17 -6.69
C ILE C 84 -22.10 51.99 -6.40
N ILE C 85 -22.17 51.42 -5.19
CA ILE C 85 -21.44 50.19 -4.89
C ILE C 85 -21.95 49.08 -5.81
N ARG C 86 -21.02 48.34 -6.40
CA ARG C 86 -21.38 47.21 -7.25
C ARG C 86 -20.18 46.28 -7.39
N GLY C 87 -20.23 45.14 -6.71
CA GLY C 87 -19.25 44.09 -6.94
C GLY C 87 -18.10 44.02 -5.96
N TRP C 88 -17.81 42.80 -5.51
CA TRP C 88 -16.70 42.52 -4.60
C TRP C 88 -15.65 41.73 -5.35
N ILE C 89 -14.39 42.12 -5.18
CA ILE C 89 -13.28 41.51 -5.90
C ILE C 89 -12.51 40.65 -4.92
N PHE C 90 -12.80 39.37 -4.88
CA PHE C 90 -12.11 38.46 -3.98
C PHE C 90 -10.82 38.03 -4.65
N GLY C 91 -9.71 38.19 -3.96
CA GLY C 91 -8.42 37.86 -4.53
C GLY C 91 -7.46 37.37 -3.47
N THR C 92 -6.59 36.44 -3.88
CA THR C 92 -5.50 35.98 -3.02
C THR C 92 -4.22 36.74 -3.33
N THR C 93 -3.96 37.02 -4.60
CA THR C 93 -2.81 37.82 -4.99
C THR C 93 -3.21 39.22 -5.45
N LEU C 94 -4.49 39.48 -5.67
CA LEU C 94 -4.98 40.81 -6.06
C LEU C 94 -4.30 41.29 -7.35
N ASP C 95 -4.14 40.39 -8.31
CA ASP C 95 -3.53 40.73 -9.58
C ASP C 95 -3.96 39.69 -10.61
N SER C 96 -3.29 39.68 -11.75
CA SER C 96 -3.57 38.69 -12.78
C SER C 96 -2.82 37.38 -12.55
N LYS C 97 -2.04 37.28 -11.47
CA LYS C 97 -1.21 36.11 -11.25
C LYS C 97 -2.01 34.89 -10.79
N THR C 98 -2.93 35.07 -9.85
CA THR C 98 -3.63 33.94 -9.23
C THR C 98 -5.13 34.12 -9.36
N GLN C 99 -5.87 33.03 -9.15
CA GLN C 99 -7.31 33.02 -9.34
C GLN C 99 -7.98 34.04 -8.42
N SER C 100 -8.88 34.83 -9.00
CA SER C 100 -9.66 35.81 -8.27
C SER C 100 -11.11 35.69 -8.68
N LEU C 101 -12.01 35.76 -7.71
CA LEU C 101 -13.43 35.83 -7.99
C LEU C 101 -13.83 37.28 -8.24
N LEU C 102 -14.53 37.50 -9.34
CA LEU C 102 -15.06 38.81 -9.67
C LEU C 102 -16.57 38.68 -9.77
N ILE C 103 -17.27 39.52 -9.03
CA ILE C 103 -18.73 39.59 -9.09
C ILE C 103 -19.09 40.95 -9.63
N VAL C 104 -19.79 40.98 -10.75
CA VAL C 104 -20.23 42.23 -11.35
C VAL C 104 -21.75 42.25 -11.36
N ASN C 105 -22.32 43.43 -11.16
CA ASN C 105 -23.75 43.63 -11.10
C ASN C 105 -24.12 44.77 -12.03
N ASN C 106 -25.17 44.59 -12.82
CA ASN C 106 -25.73 45.66 -13.63
C ASN C 106 -27.24 45.58 -13.54
N ALA C 107 -27.94 46.46 -14.25
CA ALA C 107 -29.39 46.52 -14.15
C ALA C 107 -30.07 45.27 -14.67
N THR C 108 -29.35 44.41 -15.41
CA THR C 108 -29.97 43.25 -16.03
C THR C 108 -29.52 41.92 -15.43
N ASN C 109 -28.28 41.81 -14.96
CA ASN C 109 -27.77 40.50 -14.59
C ASN C 109 -26.66 40.64 -13.55
N VAL C 110 -26.21 39.50 -13.04
CA VAL C 110 -25.01 39.41 -12.22
C VAL C 110 -24.12 38.32 -12.81
N VAL C 111 -22.83 38.64 -12.91
CA VAL C 111 -21.85 37.74 -13.51
C VAL C 111 -20.79 37.41 -12.49
N ILE C 112 -20.52 36.12 -12.32
CA ILE C 112 -19.48 35.62 -11.43
C ILE C 112 -18.42 34.94 -12.29
N LYS C 113 -17.18 35.38 -12.12
CA LYS C 113 -16.05 34.91 -12.91
C LYS C 113 -14.90 34.53 -11.99
N VAL C 114 -14.08 33.58 -12.43
CA VAL C 114 -12.86 33.21 -11.73
C VAL C 114 -11.62 33.64 -12.52
N CYS C 115 -11.75 34.61 -13.41
CA CYS C 115 -10.61 35.07 -14.21
C CYS C 115 -9.74 36.05 -13.42
N GLU C 116 -8.43 35.92 -13.63
CA GLU C 116 -7.43 36.69 -12.91
C GLU C 116 -7.12 37.95 -13.71
N PHE C 117 -7.96 38.96 -13.53
CA PHE C 117 -7.81 40.20 -14.28
C PHE C 117 -6.60 40.97 -13.79
N GLN C 118 -6.14 41.90 -14.62
CA GLN C 118 -5.03 42.78 -14.26
C GLN C 118 -5.64 44.06 -13.69
N PHE C 119 -5.73 44.12 -12.36
CA PHE C 119 -6.41 45.20 -11.69
C PHE C 119 -5.50 46.44 -11.58
N CYS C 120 -6.10 47.55 -11.18
CA CYS C 120 -5.42 48.83 -11.01
C CYS C 120 -5.43 49.23 -9.54
N ASN C 121 -4.92 50.44 -9.27
CA ASN C 121 -4.86 50.93 -7.89
C ASN C 121 -6.25 51.28 -7.37
N ASP C 122 -7.05 51.98 -8.18
CA ASP C 122 -8.40 52.39 -7.81
C ASP C 122 -9.37 51.91 -8.89
N PRO C 123 -9.73 50.64 -8.87
CA PRO C 123 -10.68 50.13 -9.87
C PRO C 123 -12.06 50.73 -9.67
N PHE C 124 -12.59 51.34 -10.72
CA PHE C 124 -13.91 51.95 -10.64
C PHE C 124 -14.53 51.99 -12.04
N LEU C 125 -15.85 51.87 -12.09
CA LEU C 125 -16.55 51.85 -13.37
C LEU C 125 -16.68 53.27 -13.94
N ASP C 126 -17.00 53.33 -15.22
CA ASP C 126 -17.05 54.59 -15.95
C ASP C 126 -18.46 55.09 -16.21
N VAL C 127 -19.40 54.18 -16.46
CA VAL C 127 -20.78 54.48 -16.89
C VAL C 127 -20.90 55.76 -17.72
N GLU C 137 -19.58 53.11 -19.82
CA GLU C 137 -19.72 51.80 -19.19
C GLU C 137 -18.43 50.99 -19.33
N SER C 138 -17.35 51.68 -19.66
CA SER C 138 -16.07 51.00 -19.90
C SER C 138 -15.51 50.46 -18.59
N GLU C 139 -14.94 49.25 -18.67
CA GLU C 139 -14.39 48.56 -17.52
C GLU C 139 -12.86 48.52 -17.53
N PHE C 140 -12.21 49.25 -18.45
CA PHE C 140 -10.75 49.31 -18.45
C PHE C 140 -10.22 49.97 -17.18
N ARG C 141 -10.98 50.91 -16.61
CA ARG C 141 -10.56 51.55 -15.36
C ARG C 141 -10.46 50.53 -14.24
N VAL C 142 -11.42 49.60 -14.15
CA VAL C 142 -11.39 48.59 -13.10
C VAL C 142 -10.19 47.67 -13.28
N TYR C 143 -9.94 47.22 -14.50
CA TYR C 143 -8.85 46.29 -14.75
C TYR C 143 -8.28 46.57 -16.15
N SER C 144 -6.96 46.51 -16.25
CA SER C 144 -6.31 46.80 -17.53
C SER C 144 -6.55 45.69 -18.54
N SER C 145 -6.36 44.43 -18.13
CA SER C 145 -6.42 43.32 -19.07
C SER C 145 -7.10 42.13 -18.41
N ALA C 146 -7.42 41.14 -19.23
CA ALA C 146 -8.10 39.92 -18.81
C ALA C 146 -7.25 38.71 -19.15
N ASN C 147 -7.68 37.54 -18.69
CA ASN C 147 -7.04 36.28 -19.02
C ASN C 147 -8.08 35.17 -18.98
N ASN C 148 -7.61 33.93 -18.93
CA ASN C 148 -8.48 32.76 -18.96
C ASN C 148 -8.92 32.37 -17.56
N CYS C 149 -9.98 31.57 -17.51
CA CYS C 149 -10.42 30.95 -16.25
C CYS C 149 -11.38 29.81 -16.57
N THR C 150 -11.79 29.11 -15.51
CA THR C 150 -12.50 27.84 -15.62
C THR C 150 -13.84 27.87 -14.89
N PHE C 151 -14.55 29.00 -14.95
CA PHE C 151 -15.87 29.10 -14.35
C PHE C 151 -16.58 30.31 -14.91
N GLU C 152 -17.91 30.20 -15.00
CA GLU C 152 -18.77 31.26 -15.49
C GLU C 152 -20.13 31.06 -14.85
N TYR C 153 -20.69 32.13 -14.27
CA TYR C 153 -22.01 32.01 -13.69
C TYR C 153 -22.76 33.31 -13.95
N VAL C 154 -24.03 33.21 -14.31
CA VAL C 154 -24.84 34.39 -14.59
C VAL C 154 -26.22 34.17 -14.00
N SER C 155 -26.76 35.21 -13.36
CA SER C 155 -28.07 35.06 -12.73
C SER C 155 -28.72 36.43 -12.58
N GLN C 156 -29.85 36.46 -11.90
CA GLN C 156 -30.51 37.72 -11.58
C GLN C 156 -29.64 38.53 -10.64
N PRO C 157 -29.51 39.84 -10.85
CA PRO C 157 -28.54 40.62 -10.07
C PRO C 157 -28.85 40.60 -8.59
N PHE C 158 -27.78 40.70 -7.78
CA PHE C 158 -27.92 40.66 -6.34
C PHE C 158 -28.80 41.81 -5.84
N LEU C 159 -28.59 43.01 -6.38
CA LEU C 159 -29.23 44.20 -5.85
C LEU C 159 -30.54 44.49 -6.57
N MET C 160 -31.33 45.36 -5.97
CA MET C 160 -32.61 45.76 -6.54
C MET C 160 -32.58 47.22 -6.99
N ASN C 171 -32.54 52.52 2.57
CA ASN C 171 -32.58 51.07 2.77
C ASN C 171 -31.18 50.51 2.98
N LEU C 172 -31.09 49.44 3.76
CA LEU C 172 -29.82 48.83 4.11
C LEU C 172 -29.71 47.48 3.42
N ARG C 173 -28.54 47.18 2.91
CA ARG C 173 -28.26 45.88 2.30
C ARG C 173 -27.15 45.19 3.06
N GLU C 174 -27.41 43.95 3.46
CA GLU C 174 -26.47 43.17 4.27
C GLU C 174 -26.13 41.87 3.55
N PHE C 175 -24.86 41.51 3.57
CA PHE C 175 -24.39 40.26 3.02
C PHE C 175 -23.48 39.55 4.02
N VAL C 176 -23.47 38.24 3.96
CA VAL C 176 -22.55 37.42 4.72
C VAL C 176 -21.85 36.49 3.75
N PHE C 177 -20.52 36.57 3.71
CA PHE C 177 -19.69 35.75 2.83
C PHE C 177 -19.00 34.70 3.66
N LYS C 178 -19.15 33.43 3.29
CA LYS C 178 -18.49 32.37 4.04
C LYS C 178 -17.96 31.31 3.09
N ASN C 179 -16.67 31.05 3.14
CA ASN C 179 -16.02 30.05 2.30
C ASN C 179 -15.50 28.93 3.19
N ILE C 180 -15.77 27.69 2.81
CA ILE C 180 -15.34 26.53 3.58
C ILE C 180 -15.45 25.30 2.69
N ASP C 181 -14.48 24.40 2.85
CA ASP C 181 -14.42 23.08 2.19
C ASP C 181 -14.87 23.13 0.73
N GLY C 182 -14.20 24.00 -0.03
CA GLY C 182 -14.47 24.09 -1.46
C GLY C 182 -15.87 24.54 -1.77
N TYR C 183 -16.42 25.45 -0.97
CA TYR C 183 -17.76 25.96 -1.19
C TYR C 183 -17.81 27.40 -0.72
N PHE C 184 -18.31 28.26 -1.60
CA PHE C 184 -18.45 29.68 -1.32
C PHE C 184 -19.94 29.98 -1.21
N LYS C 185 -20.37 30.45 -0.05
CA LYS C 185 -21.78 30.67 0.22
C LYS C 185 -22.02 32.15 0.51
N ILE C 186 -23.09 32.69 -0.08
CA ILE C 186 -23.47 34.07 0.12
C ILE C 186 -24.87 34.11 0.70
N TYR C 187 -25.04 34.86 1.78
CA TYR C 187 -26.36 35.13 2.34
C TYR C 187 -26.64 36.62 2.23
N SER C 188 -27.89 36.98 1.97
CA SER C 188 -28.21 38.36 1.68
C SER C 188 -29.53 38.78 2.29
N LYS C 189 -29.69 40.08 2.47
CA LYS C 189 -30.96 40.62 2.93
C LYS C 189 -31.05 42.11 2.62
N HIS C 190 -32.21 42.53 2.14
CA HIS C 190 -32.54 43.94 1.96
C HIS C 190 -33.52 44.32 3.05
N THR C 191 -33.13 45.27 3.90
CA THR C 191 -34.02 45.72 4.96
C THR C 191 -34.33 47.21 4.81
N PRO C 192 -35.60 47.58 4.62
CA PRO C 192 -35.96 49.00 4.57
C PRO C 192 -35.91 49.59 5.97
N ILE C 193 -35.12 50.64 6.13
CA ILE C 193 -34.98 51.29 7.43
C ILE C 193 -35.56 52.69 7.32
N ASN C 194 -36.17 53.13 8.41
CA ASN C 194 -36.64 54.50 8.49
C ASN C 194 -35.46 55.47 8.47
N LEU C 195 -35.78 56.75 8.35
CA LEU C 195 -34.75 57.78 8.37
C LEU C 195 -33.98 57.67 9.68
N GLU C 196 -32.74 57.20 9.60
CA GLU C 196 -31.97 56.88 10.80
C GLU C 196 -30.50 56.89 10.42
N ARG C 197 -29.65 56.95 11.45
CA ARG C 197 -28.21 57.07 11.23
C ARG C 197 -27.53 55.70 11.18
N ASP C 198 -27.69 54.89 12.22
CA ASP C 198 -26.89 53.70 12.42
C ASP C 198 -27.72 52.45 12.13
N LEU C 199 -27.10 51.29 12.36
CA LEU C 199 -27.80 50.02 12.18
C LEU C 199 -28.95 49.93 13.16
N PRO C 200 -30.15 49.58 12.71
CA PRO C 200 -31.34 49.68 13.57
C PRO C 200 -31.32 48.66 14.69
N GLN C 201 -32.03 49.01 15.77
CA GLN C 201 -32.28 48.10 16.89
C GLN C 201 -33.40 47.14 16.46
N GLY C 202 -33.02 46.12 15.73
CA GLY C 202 -34.00 45.16 15.25
C GLY C 202 -33.35 43.82 15.00
N PHE C 203 -34.13 42.91 14.47
CA PHE C 203 -33.64 41.58 14.11
C PHE C 203 -34.15 41.21 12.73
N SER C 204 -33.25 40.69 11.90
CA SER C 204 -33.62 40.23 10.57
C SER C 204 -32.69 39.10 10.19
N ALA C 205 -33.26 37.95 9.85
CA ALA C 205 -32.47 36.80 9.47
C ALA C 205 -31.84 37.02 8.10
N LEU C 206 -30.88 36.17 7.77
CA LEU C 206 -30.17 36.24 6.50
C LEU C 206 -30.43 34.96 5.72
N GLU C 207 -31.00 35.09 4.54
CA GLU C 207 -31.37 33.90 3.80
C GLU C 207 -30.29 33.55 2.78
N PRO C 208 -30.10 32.26 2.49
CA PRO C 208 -29.09 31.88 1.51
C PRO C 208 -29.41 32.44 0.13
N LEU C 209 -28.35 32.78 -0.60
CA LEU C 209 -28.48 33.32 -1.94
C LEU C 209 -27.89 32.38 -2.99
N VAL C 210 -26.67 31.91 -2.80
CA VAL C 210 -26.02 31.05 -3.78
C VAL C 210 -24.85 30.35 -3.12
N ASP C 211 -24.64 29.09 -3.52
CA ASP C 211 -23.46 28.30 -3.20
C ASP C 211 -22.71 28.01 -4.49
N LEU C 212 -21.39 28.13 -4.45
CA LEU C 212 -20.55 27.85 -5.61
C LEU C 212 -19.44 26.89 -5.21
N PRO C 213 -19.26 25.77 -5.91
CA PRO C 213 -18.13 24.86 -5.62
C PRO C 213 -16.85 25.25 -6.35
N ILE C 214 -16.19 26.30 -5.87
CA ILE C 214 -15.00 26.81 -6.54
C ILE C 214 -13.72 26.16 -5.98
N GLY C 215 -13.62 26.03 -4.66
CA GLY C 215 -12.48 25.36 -4.05
C GLY C 215 -11.16 26.07 -4.17
N ILE C 216 -11.13 27.39 -4.05
CA ILE C 216 -9.88 28.14 -4.01
C ILE C 216 -9.85 28.99 -2.75
N ASN C 217 -8.66 29.17 -2.20
CA ASN C 217 -8.49 29.99 -1.00
C ASN C 217 -8.60 31.47 -1.35
N ILE C 218 -8.98 32.27 -0.36
CA ILE C 218 -9.17 33.71 -0.57
C ILE C 218 -8.79 34.44 0.71
N THR C 219 -8.29 35.67 0.57
CA THR C 219 -7.84 36.44 1.72
C THR C 219 -8.21 37.93 1.69
N ARG C 220 -8.56 38.51 0.55
CA ARG C 220 -8.83 39.94 0.50
C ARG C 220 -9.99 40.24 -0.44
N PHE C 221 -10.49 41.47 -0.33
CA PHE C 221 -11.56 41.96 -1.18
C PHE C 221 -11.56 43.49 -1.13
N GLN C 222 -12.27 44.11 -2.06
CA GLN C 222 -12.22 45.55 -2.20
C GLN C 222 -13.61 46.08 -2.51
N THR C 223 -13.67 47.33 -2.97
CA THR C 223 -14.90 48.09 -3.19
C THR C 223 -14.84 48.77 -4.55
N LEU C 224 -15.95 48.72 -5.28
CA LEU C 224 -16.07 49.38 -6.57
C LEU C 224 -17.04 50.56 -6.51
N LEU C 225 -16.72 51.60 -7.27
CA LEU C 225 -17.53 52.79 -7.35
C LEU C 225 -17.69 53.17 -8.81
N ALA C 226 -18.80 53.85 -9.13
CA ALA C 226 -19.13 54.19 -10.51
C ALA C 226 -19.25 55.70 -10.65
N LEU C 227 -18.63 56.24 -11.70
CA LEU C 227 -18.72 57.66 -11.99
C LEU C 227 -19.09 57.91 -13.45
N THR C 242 -17.04 63.12 -11.65
CA THR C 242 -17.90 63.85 -10.72
C THR C 242 -17.66 63.35 -9.29
N ALA C 243 -17.80 64.25 -8.32
CA ALA C 243 -17.61 63.88 -6.93
C ALA C 243 -18.76 63.01 -6.44
N GLY C 244 -18.42 62.07 -5.54
CA GLY C 244 -19.42 61.19 -4.96
C GLY C 244 -19.01 60.80 -3.55
N ALA C 245 -19.99 60.29 -2.81
CA ALA C 245 -19.81 59.90 -1.42
C ALA C 245 -20.19 58.44 -1.23
N ALA C 246 -19.35 57.71 -0.50
CA ALA C 246 -19.58 56.30 -0.21
C ALA C 246 -19.32 56.03 1.26
N ALA C 247 -19.98 55.00 1.78
CA ALA C 247 -19.87 54.65 3.20
C ALA C 247 -20.40 53.25 3.39
N TYR C 248 -19.63 52.40 4.05
CA TYR C 248 -20.08 51.04 4.31
C TYR C 248 -19.43 50.49 5.57
N TYR C 249 -20.08 49.48 6.15
CA TYR C 249 -19.66 48.84 7.38
C TYR C 249 -19.15 47.44 7.10
N VAL C 250 -18.15 47.03 7.88
CA VAL C 250 -17.52 45.73 7.70
C VAL C 250 -17.26 45.13 9.07
N GLY C 251 -17.56 43.84 9.22
CA GLY C 251 -17.31 43.14 10.45
C GLY C 251 -16.89 41.71 10.18
N TYR C 252 -16.32 41.10 11.21
CA TYR C 252 -15.69 39.79 11.07
C TYR C 252 -16.53 38.72 11.76
N LEU C 253 -16.31 37.47 11.36
CA LEU C 253 -17.01 36.34 11.93
C LEU C 253 -16.15 35.65 12.97
N GLN C 254 -16.78 34.82 13.78
CA GLN C 254 -16.09 34.03 14.79
C GLN C 254 -16.90 32.77 15.07
N PRO C 255 -16.24 31.67 15.45
CA PRO C 255 -16.99 30.47 15.82
C PRO C 255 -17.64 30.64 17.18
N ARG C 256 -18.96 30.49 17.24
CA ARG C 256 -19.71 30.67 18.47
C ARG C 256 -20.85 29.67 18.49
N THR C 257 -21.65 29.74 19.55
CA THR C 257 -22.84 28.92 19.71
C THR C 257 -24.04 29.82 19.93
N PHE C 258 -25.07 29.64 19.12
CA PHE C 258 -26.25 30.47 19.16
C PHE C 258 -27.46 29.64 19.52
N LEU C 259 -28.47 30.29 20.09
CA LEU C 259 -29.77 29.67 20.29
C LEU C 259 -30.78 30.47 19.47
N LEU C 260 -31.42 29.80 18.51
CA LEU C 260 -32.29 30.43 17.54
C LEU C 260 -33.73 30.03 17.79
N LYS C 261 -34.65 30.98 17.68
CA LYS C 261 -36.06 30.73 17.93
C LYS C 261 -36.83 30.85 16.62
N TYR C 262 -37.44 29.75 16.20
CA TYR C 262 -38.29 29.73 15.01
C TYR C 262 -39.73 29.98 15.41
N ASN C 263 -40.46 30.70 14.57
CA ASN C 263 -41.90 30.83 14.77
C ASN C 263 -42.59 29.72 13.98
N GLU C 264 -43.92 29.80 13.87
CA GLU C 264 -44.66 28.69 13.27
C GLU C 264 -44.67 28.72 11.74
N ASN C 265 -44.09 29.75 11.13
CA ASN C 265 -43.96 29.77 9.68
C ASN C 265 -42.55 29.47 9.21
N GLY C 266 -41.61 29.26 10.13
CA GLY C 266 -40.25 28.93 9.77
C GLY C 266 -39.27 30.07 9.74
N THR C 267 -39.70 31.28 10.10
CA THR C 267 -38.84 32.47 10.07
C THR C 267 -38.25 32.72 11.44
N ILE C 268 -36.94 32.85 11.50
CA ILE C 268 -36.26 33.15 12.75
C ILE C 268 -36.71 34.52 13.25
N THR C 269 -36.99 34.61 14.55
CA THR C 269 -37.45 35.85 15.13
C THR C 269 -36.56 36.37 16.25
N ASP C 270 -35.89 35.49 16.98
CA ASP C 270 -34.99 35.92 18.05
C ASP C 270 -33.84 34.95 18.15
N ALA C 271 -32.75 35.42 18.74
CA ALA C 271 -31.59 34.57 18.97
C ALA C 271 -30.80 35.13 20.13
N VAL C 272 -30.17 34.23 20.87
CA VAL C 272 -29.34 34.62 22.00
C VAL C 272 -27.98 33.96 21.86
N ASP C 273 -26.93 34.78 22.03
CA ASP C 273 -25.57 34.25 22.08
C ASP C 273 -25.38 33.47 23.38
N CYS C 274 -24.46 32.53 23.35
CA CYS C 274 -24.22 31.66 24.49
C CYS C 274 -23.02 32.07 25.32
N ALA C 275 -22.41 33.21 25.02
CA ALA C 275 -21.28 33.65 25.83
C ALA C 275 -21.29 35.16 26.08
N LEU C 276 -22.34 35.87 25.71
CA LEU C 276 -22.33 37.32 25.83
C LEU C 276 -22.26 37.75 27.29
N ASP C 277 -23.11 37.18 28.14
CA ASP C 277 -23.17 37.52 29.55
C ASP C 277 -23.81 36.35 30.28
N PRO C 278 -23.58 36.23 31.60
CA PRO C 278 -24.01 35.00 32.28
C PRO C 278 -25.49 34.73 32.17
N LEU C 279 -26.33 35.75 32.05
CA LEU C 279 -27.75 35.49 31.85
C LEU C 279 -27.98 34.76 30.54
N SER C 280 -27.28 35.16 29.48
CA SER C 280 -27.39 34.45 28.21
C SER C 280 -26.84 33.04 28.32
N GLU C 281 -25.80 32.84 29.11
CA GLU C 281 -25.31 31.49 29.35
C GLU C 281 -26.39 30.63 30.00
N THR C 282 -27.10 31.20 30.97
CA THR C 282 -28.21 30.49 31.60
C THR C 282 -29.29 30.16 30.59
N LYS C 283 -29.64 31.13 29.74
CA LYS C 283 -30.67 30.88 28.73
C LYS C 283 -30.26 29.75 27.81
N CYS C 284 -28.99 29.73 27.38
CA CYS C 284 -28.53 28.67 26.49
C CYS C 284 -28.57 27.31 27.18
N THR C 285 -28.08 27.23 28.41
CA THR C 285 -28.02 25.92 29.05
C THR C 285 -29.40 25.41 29.44
N LEU C 286 -30.32 26.31 29.78
CA LEU C 286 -31.67 25.91 30.13
C LEU C 286 -32.56 25.71 28.91
N LYS C 287 -32.12 26.16 27.75
CA LYS C 287 -32.86 26.03 26.49
C LYS C 287 -34.25 26.65 26.60
N SER C 288 -34.30 27.89 27.07
CA SER C 288 -35.53 28.65 27.09
C SER C 288 -35.19 30.13 27.14
N PHE C 289 -36.19 30.95 26.86
CA PHE C 289 -35.99 32.39 26.73
C PHE C 289 -36.43 33.16 27.96
N THR C 290 -36.64 32.49 29.09
CA THR C 290 -37.11 33.18 30.29
C THR C 290 -36.37 32.71 31.54
N SER C 308 1.72 27.61 33.86
CA SER C 308 2.99 26.92 33.76
C SER C 308 4.09 27.74 34.41
N ILE C 309 4.83 27.10 35.31
CA ILE C 309 5.97 27.71 35.99
C ILE C 309 7.19 26.85 35.69
N VAL C 310 8.30 27.50 35.36
CA VAL C 310 9.51 26.81 34.90
C VAL C 310 10.65 27.11 35.85
N ARG C 311 11.28 26.05 36.36
CA ARG C 311 12.42 26.13 37.27
C ARG C 311 13.49 25.14 36.84
N PHE C 312 14.74 25.46 37.17
CA PHE C 312 15.88 24.64 36.75
C PHE C 312 17.04 24.92 37.69
N PRO C 313 18.02 24.01 37.77
CA PRO C 313 19.13 24.19 38.71
C PRO C 313 19.95 25.44 38.39
N ASN C 314 20.57 25.97 39.43
CA ASN C 314 21.24 27.27 39.37
C ASN C 314 22.67 27.21 38.81
N ILE C 315 23.17 26.01 38.47
CA ILE C 315 24.50 25.94 37.88
C ILE C 315 24.50 26.63 36.52
N THR C 316 25.60 27.34 36.23
CA THR C 316 25.68 28.17 35.03
C THR C 316 26.85 27.77 34.14
N ASN C 317 27.43 26.59 34.37
CA ASN C 317 28.58 26.16 33.60
C ASN C 317 28.19 25.88 32.14
N LEU C 318 29.05 26.33 31.22
CA LEU C 318 28.85 26.05 29.81
C LEU C 318 29.44 24.69 29.45
N CYS C 319 28.69 23.91 28.68
CA CYS C 319 29.16 22.58 28.30
C CYS C 319 30.32 22.69 27.32
N PRO C 320 31.35 21.86 27.47
CA PRO C 320 32.56 21.98 26.63
C PRO C 320 32.38 21.36 25.24
N PHE C 321 31.38 21.84 24.50
CA PHE C 321 31.20 21.40 23.12
C PHE C 321 32.19 22.07 22.18
N HIS C 322 32.63 23.30 22.50
CA HIS C 322 33.58 23.99 21.64
C HIS C 322 34.96 23.34 21.69
N GLU C 323 35.36 22.79 22.85
CA GLU C 323 36.66 22.14 22.95
C GLU C 323 36.72 20.88 22.09
N VAL C 324 35.63 20.11 22.06
CA VAL C 324 35.59 18.91 21.21
C VAL C 324 35.72 19.31 19.74
N PHE C 325 35.01 20.36 19.33
CA PHE C 325 35.04 20.82 17.95
C PHE C 325 36.30 21.62 17.69
N ASN C 326 36.59 21.83 16.40
CA ASN C 326 37.72 22.63 15.90
C ASN C 326 39.00 22.40 16.69
N ALA C 327 39.27 21.14 17.04
CA ALA C 327 40.45 20.81 17.83
C ALA C 327 41.72 20.78 16.99
N THR C 328 41.61 20.90 15.66
CA THR C 328 42.72 20.84 14.72
C THR C 328 43.48 19.52 14.78
N THR C 329 42.96 18.52 15.50
CA THR C 329 43.58 17.21 15.59
C THR C 329 42.49 16.20 15.92
N PHE C 330 42.01 15.49 14.89
CA PHE C 330 41.02 14.44 15.07
C PHE C 330 41.70 13.09 14.95
N ALA C 331 41.36 12.17 15.85
CA ALA C 331 42.00 10.87 15.89
C ALA C 331 41.60 10.02 14.69
N SER C 332 42.29 8.90 14.53
CA SER C 332 41.94 7.95 13.48
C SER C 332 40.58 7.34 13.77
N VAL C 333 39.95 6.80 12.71
CA VAL C 333 38.62 6.23 12.87
C VAL C 333 38.67 4.98 13.74
N TYR C 334 39.75 4.20 13.64
CA TYR C 334 39.84 2.96 14.40
C TYR C 334 40.06 3.21 15.89
N ALA C 335 40.46 4.42 16.28
CA ALA C 335 40.54 4.84 17.68
C ALA C 335 39.86 6.20 17.79
N TRP C 336 38.54 6.19 17.94
CA TRP C 336 37.77 7.42 17.99
C TRP C 336 37.79 8.01 19.39
N ASN C 337 37.85 9.34 19.45
CA ASN C 337 37.91 10.04 20.74
C ASN C 337 36.53 10.04 21.40
N ARG C 338 36.49 9.64 22.67
CA ARG C 338 35.25 9.62 23.44
C ARG C 338 35.35 10.61 24.58
N LYS C 339 34.40 11.53 24.65
CA LYS C 339 34.36 12.57 25.68
C LYS C 339 33.02 12.52 26.39
N ARG C 340 33.06 12.71 27.71
CA ARG C 340 31.87 12.70 28.54
C ARG C 340 31.54 14.13 28.96
N ILE C 341 30.33 14.57 28.67
CA ILE C 341 29.86 15.93 28.96
C ILE C 341 28.71 15.83 29.94
N SER C 342 28.84 16.51 31.08
CA SER C 342 27.84 16.50 32.13
C SER C 342 28.03 17.70 33.04
N ASN C 343 27.00 17.99 33.83
CA ASN C 343 27.02 19.06 34.83
C ASN C 343 27.39 20.41 34.20
N CYS C 344 26.59 20.81 33.22
CA CYS C 344 26.78 22.08 32.54
C CYS C 344 25.50 22.41 31.78
N VAL C 345 25.46 23.62 31.25
CA VAL C 345 24.36 24.04 30.38
C VAL C 345 24.78 23.78 28.94
N ALA C 346 24.00 22.96 28.24
CA ALA C 346 24.30 22.58 26.86
C ALA C 346 23.60 23.54 25.90
N ASP C 347 24.37 24.15 25.01
CA ASP C 347 23.84 25.04 23.99
C ASP C 347 24.27 24.52 22.63
N TYR C 348 23.31 24.41 21.72
CA TYR C 348 23.55 23.84 20.39
C TYR C 348 23.53 24.89 19.28
N SER C 349 23.65 26.17 19.64
CA SER C 349 23.83 27.19 18.61
C SER C 349 25.21 27.10 17.98
N VAL C 350 26.20 26.64 18.74
CA VAL C 350 27.53 26.40 18.18
C VAL C 350 27.46 25.32 17.10
N ILE C 351 26.51 24.38 17.25
CA ILE C 351 26.32 23.34 16.22
C ILE C 351 26.02 23.97 14.88
N TYR C 352 25.14 24.98 14.85
CA TYR C 352 24.72 25.57 13.59
C TYR C 352 25.67 26.65 13.10
N ASN C 353 26.28 27.42 14.00
CA ASN C 353 27.22 28.44 13.54
C ASN C 353 28.60 27.87 13.25
N PHE C 354 28.84 26.60 13.59
CA PHE C 354 30.16 26.00 13.39
C PHE C 354 30.53 25.98 11.91
N ALA C 355 29.67 25.41 11.08
CA ALA C 355 29.92 25.26 9.66
C ALA C 355 28.66 24.79 8.98
N PRO C 356 28.59 24.87 7.64
CA PRO C 356 27.47 24.23 6.92
C PRO C 356 27.64 22.71 6.85
N PHE C 357 27.20 22.02 7.89
CA PHE C 357 27.42 20.58 8.00
C PHE C 357 26.85 19.84 6.79
N PHE C 358 27.63 18.89 6.26
CA PHE C 358 27.16 18.09 5.15
C PHE C 358 26.05 17.14 5.58
N ALA C 359 26.22 16.46 6.71
CA ALA C 359 25.23 15.52 7.22
C ALA C 359 24.86 15.90 8.64
N PHE C 360 23.57 15.97 8.92
CA PHE C 360 23.08 16.27 10.27
C PHE C 360 21.82 15.45 10.47
N LYS C 361 21.94 14.34 11.22
CA LYS C 361 20.81 13.46 11.45
C LYS C 361 20.67 13.19 12.94
N CYS C 362 19.44 12.94 13.36
CA CYS C 362 19.17 12.55 14.74
C CYS C 362 18.10 11.46 14.73
N TYR C 363 18.21 10.54 15.70
CA TYR C 363 17.36 9.36 15.73
C TYR C 363 16.34 9.40 16.87
N GLY C 364 16.78 9.59 18.10
CA GLY C 364 15.88 9.55 19.24
C GLY C 364 15.28 10.90 19.61
N VAL C 365 15.88 11.98 19.13
CA VAL C 365 15.45 13.33 19.47
C VAL C 365 15.31 14.13 18.19
N SER C 366 14.24 14.90 18.09
CA SER C 366 14.09 15.81 16.96
C SER C 366 15.21 16.83 16.98
N PRO C 367 15.92 17.04 15.86
CA PRO C 367 17.05 17.98 15.86
C PRO C 367 16.66 19.39 16.28
N THR C 368 15.47 19.85 15.92
CA THR C 368 15.03 21.20 16.25
C THR C 368 14.52 21.33 17.68
N LYS C 369 14.30 20.22 18.39
CA LYS C 369 13.77 20.26 19.74
C LYS C 369 14.80 19.86 20.79
N LEU C 370 16.09 19.96 20.48
CA LEU C 370 17.13 19.66 21.45
C LEU C 370 17.27 20.73 22.52
N ASN C 371 16.55 21.84 22.39
CA ASN C 371 16.72 23.01 23.25
C ASN C 371 15.75 23.02 24.42
N ASP C 372 14.82 22.06 24.49
CA ASP C 372 13.73 22.15 25.47
C ASP C 372 13.64 20.96 26.42
N LEU C 373 14.68 20.15 26.55
CA LEU C 373 14.60 18.95 27.37
C LEU C 373 15.71 18.94 28.43
N CYS C 374 15.58 18.00 29.36
CA CYS C 374 16.57 17.73 30.39
C CYS C 374 17.27 16.41 30.10
N PHE C 375 18.60 16.41 30.24
CA PHE C 375 19.43 15.25 29.93
C PHE C 375 20.36 14.95 31.08
N THR C 376 20.72 13.68 31.21
CA THR C 376 21.60 13.24 32.29
C THR C 376 23.07 13.26 31.89
N ASN C 377 23.44 12.50 30.86
CA ASN C 377 24.81 12.45 30.37
C ASN C 377 24.84 12.63 28.86
N VAL C 378 25.96 13.15 28.38
CA VAL C 378 26.20 13.30 26.95
C VAL C 378 27.53 12.65 26.60
N TYR C 379 27.58 11.89 25.52
CA TYR C 379 28.82 11.29 25.05
C TYR C 379 29.11 11.80 23.64
N ALA C 380 30.36 12.16 23.38
CA ALA C 380 30.77 12.66 22.08
C ALA C 380 31.91 11.80 21.55
N ASP C 381 31.65 11.09 20.46
CA ASP C 381 32.65 10.25 19.80
C ASP C 381 33.02 10.91 18.48
N SER C 382 34.27 11.30 18.34
CA SER C 382 34.75 12.03 17.17
C SER C 382 35.79 11.20 16.43
N PHE C 383 35.69 11.18 15.11
CA PHE C 383 36.63 10.45 14.27
C PHE C 383 36.57 11.03 12.85
N VAL C 384 37.34 10.43 11.94
CA VAL C 384 37.44 10.88 10.56
C VAL C 384 37.19 9.69 9.64
N ILE C 385 36.30 9.86 8.67
CA ILE C 385 35.91 8.80 7.75
C ILE C 385 35.89 9.35 6.33
N ARG C 386 35.90 8.45 5.36
CA ARG C 386 35.84 8.87 3.97
C ARG C 386 34.47 9.45 3.64
N GLY C 387 34.43 10.22 2.55
CA GLY C 387 33.19 10.90 2.19
C GLY C 387 32.05 9.96 1.87
N ASN C 388 32.35 8.86 1.18
CA ASN C 388 31.32 7.91 0.77
C ASN C 388 30.93 6.94 1.89
N GLU C 389 31.70 6.88 2.97
CA GLU C 389 31.43 5.97 4.07
C GLU C 389 30.67 6.64 5.22
N VAL C 390 30.27 7.89 5.05
CA VAL C 390 29.54 8.59 6.11
C VAL C 390 28.22 7.89 6.41
N SER C 391 27.56 7.36 5.37
CA SER C 391 26.32 6.62 5.57
C SER C 391 26.53 5.33 6.37
N GLN C 392 27.78 4.88 6.51
CA GLN C 392 28.05 3.68 7.27
C GLN C 392 27.86 3.88 8.77
N ILE C 393 27.79 5.12 9.23
CA ILE C 393 27.53 5.43 10.64
C ILE C 393 26.01 5.49 10.81
N ALA C 394 25.41 4.38 11.20
CA ALA C 394 23.98 4.26 11.38
C ALA C 394 23.64 3.00 12.15
N PRO C 395 22.68 3.04 13.07
CA PRO C 395 22.29 1.83 13.79
C PRO C 395 21.72 0.78 12.85
N GLY C 396 22.05 -0.48 13.13
CA GLY C 396 21.55 -1.58 12.32
C GLY C 396 21.98 -1.54 10.87
N GLN C 397 23.23 -1.17 10.61
CA GLN C 397 23.74 -1.09 9.25
C GLN C 397 25.00 -1.93 9.12
N THR C 398 25.23 -2.44 7.91
CA THR C 398 26.36 -3.31 7.63
C THR C 398 27.39 -2.58 6.78
N GLY C 399 28.64 -2.97 6.95
CA GLY C 399 29.75 -2.36 6.25
C GLY C 399 31.05 -2.56 7.00
N ASN C 400 32.15 -2.40 6.27
CA ASN C 400 33.47 -2.61 6.87
C ASN C 400 33.68 -1.68 8.07
N ILE C 401 33.37 -0.40 7.89
CA ILE C 401 33.46 0.54 9.00
C ILE C 401 32.46 0.18 10.08
N ALA C 402 31.31 -0.39 9.68
CA ALA C 402 30.28 -0.75 10.65
C ALA C 402 30.68 -1.97 11.46
N ASP C 403 31.22 -3.00 10.81
CA ASP C 403 31.43 -4.28 11.48
C ASP C 403 32.83 -4.43 12.08
N TYR C 404 33.83 -3.71 11.56
CA TYR C 404 35.19 -3.86 12.06
C TYR C 404 35.77 -2.60 12.69
N ASN C 405 35.10 -1.46 12.58
CA ASN C 405 35.62 -0.21 13.11
C ASN C 405 34.76 0.35 14.24
N TYR C 406 33.47 0.57 13.99
CA TYR C 406 32.59 1.19 14.98
C TYR C 406 31.16 0.85 14.62
N LYS C 407 30.42 0.29 15.57
CA LYS C 407 29.04 -0.12 15.36
C LYS C 407 28.14 0.56 16.38
N LEU C 408 26.97 1.05 15.91
CA LEU C 408 26.00 1.67 16.78
C LEU C 408 24.90 0.68 17.14
N PRO C 409 24.43 0.69 18.39
CA PRO C 409 23.35 -0.23 18.77
C PRO C 409 22.06 0.11 18.05
N ASP C 410 21.23 -0.92 17.86
CA ASP C 410 19.97 -0.73 17.15
C ASP C 410 19.05 0.25 17.89
N ASP C 411 19.17 0.32 19.21
CA ASP C 411 18.38 1.23 20.03
C ASP C 411 19.16 2.49 20.42
N PHE C 412 20.17 2.85 19.62
CA PHE C 412 20.99 4.01 19.94
C PHE C 412 20.17 5.28 19.93
N THR C 413 20.39 6.12 20.93
CA THR C 413 19.74 7.43 21.05
C THR C 413 20.81 8.51 20.97
N GLY C 414 20.59 9.49 20.11
CA GLY C 414 21.52 10.59 19.96
C GLY C 414 21.45 11.17 18.56
N CYS C 415 22.59 11.71 18.13
CA CYS C 415 22.69 12.37 16.83
C CYS C 415 24.01 12.03 16.16
N VAL C 416 24.04 12.21 14.84
CA VAL C 416 25.25 12.05 14.04
C VAL C 416 25.43 13.31 13.21
N ILE C 417 26.65 13.87 13.23
CA ILE C 417 26.99 15.06 12.46
C ILE C 417 28.27 14.77 11.68
N ALA C 418 28.34 15.32 10.47
CA ALA C 418 29.47 15.07 9.59
C ALA C 418 29.72 16.29 8.73
N TRP C 419 30.96 16.77 8.70
CA TRP C 419 31.31 17.88 7.82
C TRP C 419 32.61 17.58 7.07
N ASN C 420 32.72 18.19 5.89
CA ASN C 420 33.91 18.04 5.06
C ASN C 420 35.11 18.70 5.72
N SER C 421 36.28 18.06 5.59
CA SER C 421 37.53 18.60 6.07
C SER C 421 38.62 18.48 5.02
N ASN C 422 38.25 18.65 3.74
CA ASN C 422 39.22 18.52 2.66
C ASN C 422 40.28 19.61 2.72
N LYS C 423 39.88 20.84 3.05
CA LYS C 423 40.82 21.95 3.11
C LYS C 423 41.69 21.94 4.36
N LEU C 424 41.53 20.95 5.23
CA LEU C 424 42.30 20.84 6.46
C LEU C 424 43.23 19.64 6.51
N ASP C 425 42.75 18.47 6.10
CA ASP C 425 43.54 17.24 6.25
C ASP C 425 43.79 16.56 4.91
N SER C 426 44.19 17.32 3.90
CA SER C 426 44.53 16.78 2.58
C SER C 426 45.89 17.34 2.17
N LYS C 427 46.95 16.62 2.51
CA LYS C 427 48.30 17.04 2.14
C LYS C 427 48.49 16.95 0.64
N PRO C 428 49.32 17.82 0.06
CA PRO C 428 49.58 17.73 -1.39
C PRO C 428 50.16 16.40 -1.82
N SER C 429 51.02 15.80 -1.00
CA SER C 429 51.57 14.48 -1.28
C SER C 429 50.74 13.36 -0.67
N GLY C 430 49.72 13.68 0.11
CA GLY C 430 48.88 12.69 0.75
C GLY C 430 49.14 12.62 2.24
N ASN C 431 48.07 12.49 3.01
CA ASN C 431 48.15 12.37 4.46
C ASN C 431 47.91 10.92 4.85
N TYR C 432 48.87 10.33 5.56
CA TYR C 432 48.81 8.94 5.97
C TYR C 432 48.70 8.78 7.49
N ASN C 433 48.27 9.83 8.18
CA ASN C 433 48.10 9.78 9.63
C ASN C 433 46.77 9.18 10.04
N TYR C 434 45.92 8.82 9.10
CA TYR C 434 44.63 8.20 9.37
C TYR C 434 44.62 6.79 8.80
N LEU C 435 44.13 5.83 9.58
CA LEU C 435 44.15 4.44 9.18
C LEU C 435 42.86 3.75 9.65
N TYR C 436 42.50 2.69 8.94
CA TYR C 436 41.27 1.96 9.20
C TYR C 436 41.52 0.46 9.12
N ARG C 437 40.58 -0.30 9.68
CA ARG C 437 40.71 -1.76 9.76
C ARG C 437 39.98 -2.42 8.61
N LEU C 438 40.56 -3.52 8.12
CA LEU C 438 39.94 -4.31 7.05
C LEU C 438 39.80 -5.77 7.46
N PHE C 439 40.73 -6.26 8.28
CA PHE C 439 40.78 -7.67 8.65
C PHE C 439 40.62 -7.82 10.15
N ARG C 440 39.67 -8.65 10.56
CA ARG C 440 39.50 -9.05 11.95
C ARG C 440 38.74 -10.36 11.99
N LYS C 441 38.91 -11.10 13.08
CA LYS C 441 38.30 -12.42 13.19
C LYS C 441 36.80 -12.32 13.44
N SER C 442 36.38 -11.41 14.31
CA SER C 442 34.99 -11.34 14.75
C SER C 442 34.43 -9.95 14.51
N LYS C 443 33.10 -9.89 14.44
CA LYS C 443 32.42 -8.60 14.31
C LYS C 443 32.54 -7.80 15.60
N LEU C 444 32.25 -6.51 15.49
CA LEU C 444 32.34 -5.60 16.63
C LEU C 444 30.94 -5.34 17.19
N LYS C 445 30.72 -5.80 18.41
CA LYS C 445 29.49 -5.49 19.13
C LYS C 445 29.46 -3.99 19.42
N PRO C 446 28.28 -3.36 19.41
CA PRO C 446 28.22 -1.90 19.49
C PRO C 446 28.96 -1.31 20.68
N PHE C 447 29.52 -0.12 20.47
CA PHE C 447 30.19 0.68 21.51
C PHE C 447 31.46 0.01 22.03
N GLU C 448 32.34 -0.39 21.11
CA GLU C 448 33.69 -0.82 21.47
C GLU C 448 34.58 -0.75 20.25
N ARG C 449 35.83 -0.37 20.46
CA ARG C 449 36.79 -0.17 19.38
C ARG C 449 38.02 -1.04 19.61
N ASP C 450 38.76 -1.29 18.52
CA ASP C 450 39.95 -2.14 18.52
C ASP C 450 41.20 -1.27 18.55
N ILE C 451 42.10 -1.57 19.49
CA ILE C 451 43.35 -0.85 19.63
C ILE C 451 44.53 -1.66 19.11
N SER C 452 44.46 -2.98 19.25
CA SER C 452 45.59 -3.85 18.88
C SER C 452 45.95 -3.68 17.40
N THR C 453 47.25 -3.68 17.14
CA THR C 453 47.77 -3.50 15.79
C THR C 453 48.54 -4.73 15.34
N SER C 473 48.95 -6.67 6.39
CA SER C 473 48.70 -5.58 7.34
C SER C 473 47.20 -5.44 7.62
N PRO C 474 46.78 -5.81 8.83
CA PRO C 474 45.35 -5.71 9.18
C PRO C 474 44.82 -4.28 9.20
N LEU C 475 45.68 -3.27 9.30
CA LEU C 475 45.27 -1.87 9.33
C LEU C 475 45.95 -1.14 8.18
N GLN C 476 45.17 -0.37 7.43
CA GLN C 476 45.66 0.31 6.24
C GLN C 476 45.47 1.82 6.39
N SER C 477 46.49 2.58 6.06
CA SER C 477 46.44 4.03 6.20
C SER C 477 45.61 4.67 5.09
N TYR C 478 45.03 5.82 5.40
CA TYR C 478 44.22 6.57 4.45
C TYR C 478 45.11 7.36 3.50
N GLY C 479 44.50 7.83 2.42
CA GLY C 479 45.17 8.73 1.49
C GLY C 479 44.26 9.87 1.07
N PHE C 480 44.67 11.10 1.37
CA PHE C 480 43.87 12.29 1.09
C PHE C 480 44.73 13.31 0.37
N ARG C 481 44.29 13.76 -0.80
CA ARG C 481 44.96 14.76 -1.59
C ARG C 481 43.96 15.79 -2.08
N PRO C 482 44.40 17.03 -2.32
CA PRO C 482 43.47 18.04 -2.85
C PRO C 482 42.89 17.67 -4.21
N THR C 483 43.62 16.87 -5.00
CA THR C 483 43.13 16.48 -6.32
C THR C 483 41.98 15.50 -6.25
N TYR C 484 41.76 14.85 -5.11
CA TYR C 484 40.68 13.88 -4.98
C TYR C 484 39.33 14.57 -5.08
N GLY C 485 38.40 13.92 -5.76
CA GLY C 485 37.05 14.44 -5.93
C GLY C 485 36.16 14.08 -4.75
N VAL C 486 34.87 14.37 -4.93
CA VAL C 486 33.89 14.09 -3.89
C VAL C 486 33.77 12.57 -3.69
N GLY C 487 33.40 12.18 -2.48
CA GLY C 487 33.31 10.78 -2.12
C GLY C 487 34.60 10.16 -1.63
N HIS C 488 35.71 10.90 -1.67
CA HIS C 488 36.99 10.41 -1.19
C HIS C 488 37.73 11.39 -0.29
N GLN C 489 37.28 12.64 -0.18
CA GLN C 489 37.90 13.59 0.71
C GLN C 489 37.59 13.22 2.17
N PRO C 490 38.48 13.56 3.10
CA PRO C 490 38.22 13.23 4.50
C PRO C 490 37.03 14.02 5.04
N TYR C 491 36.32 13.41 5.99
CA TYR C 491 35.15 14.02 6.61
C TYR C 491 35.21 13.75 8.11
N ARG C 492 34.99 14.79 8.90
CA ARG C 492 34.98 14.64 10.34
C ARG C 492 33.56 14.32 10.80
N VAL C 493 33.44 13.22 11.56
CA VAL C 493 32.14 12.70 11.98
C VAL C 493 32.13 12.63 13.50
N VAL C 494 31.09 13.18 14.11
CA VAL C 494 30.90 13.16 15.56
C VAL C 494 29.53 12.59 15.86
N VAL C 495 29.49 11.59 16.73
CA VAL C 495 28.23 11.02 17.20
C VAL C 495 28.03 11.44 18.66
N LEU C 496 26.81 11.88 18.95
CA LEU C 496 26.40 12.25 20.31
C LEU C 496 25.50 11.15 20.82
N SER C 497 26.03 10.36 21.75
CA SER C 497 25.28 9.32 22.43
C SER C 497 24.55 9.91 23.63
N PHE C 498 23.26 9.60 23.73
CA PHE C 498 22.37 10.18 24.72
C PHE C 498 21.71 9.07 25.51
N GLU C 499 21.30 9.39 26.73
CA GLU C 499 20.59 8.45 27.58
C GLU C 499 19.52 9.18 28.36
N LEU C 500 18.40 8.50 28.60
CA LEU C 500 17.24 9.05 29.29
C LEU C 500 16.81 8.07 30.38
N LEU C 501 15.80 8.49 31.16
CA LEU C 501 15.22 7.69 32.23
C LEU C 501 16.29 7.25 33.24
N HIS C 502 16.88 8.25 33.88
CA HIS C 502 17.92 8.04 34.88
C HIS C 502 17.70 9.04 36.02
N ALA C 503 18.71 9.21 36.86
CA ALA C 503 18.67 10.11 38.00
C ALA C 503 18.33 11.54 37.54
N PRO C 504 17.82 12.39 38.44
CA PRO C 504 17.49 13.78 38.06
C PRO C 504 18.53 14.45 37.16
N ALA C 505 18.05 14.99 36.04
CA ALA C 505 18.95 15.52 35.02
C ALA C 505 19.64 16.81 35.49
N THR C 506 20.86 17.00 35.03
CA THR C 506 21.67 18.16 35.37
C THR C 506 22.00 19.03 34.18
N VAL C 507 22.18 18.43 33.00
CA VAL C 507 22.52 19.20 31.79
C VAL C 507 21.19 19.63 31.18
N CYS C 508 20.62 20.68 31.76
CA CYS C 508 19.50 21.37 31.14
C CYS C 508 19.35 22.75 31.78
N GLY C 509 19.86 23.77 31.09
CA GLY C 509 19.47 25.12 31.38
C GLY C 509 19.25 25.97 30.13
N PRO C 510 18.76 25.38 29.02
CA PRO C 510 18.58 26.21 27.82
C PRO C 510 17.48 27.24 27.98
N LYS C 511 16.49 26.97 28.80
CA LYS C 511 15.45 27.92 29.16
C LYS C 511 15.55 28.25 30.65
N LYS C 512 14.90 29.34 31.03
CA LYS C 512 14.91 29.77 32.41
C LYS C 512 13.65 29.28 33.12
N GLN D 1 -15.82 31.83 -36.09
CA GLN D 1 -15.49 31.53 -37.48
C GLN D 1 -14.20 32.22 -37.89
N VAL D 2 -13.29 31.46 -38.48
CA VAL D 2 -12.05 31.99 -39.02
C VAL D 2 -12.19 32.12 -40.53
N GLN D 3 -12.12 33.34 -41.02
CA GLN D 3 -12.10 33.61 -42.46
C GLN D 3 -10.75 34.22 -42.82
N LEU D 4 -10.11 33.66 -43.84
CA LEU D 4 -8.88 34.22 -44.38
C LEU D 4 -9.17 34.74 -45.78
N GLN D 5 -8.79 35.98 -46.04
CA GLN D 5 -9.09 36.63 -47.30
C GLN D 5 -7.85 36.59 -48.18
N GLU D 6 -8.00 36.05 -49.38
CA GLU D 6 -6.93 35.90 -50.35
C GLU D 6 -7.15 36.88 -51.51
N SER D 7 -6.07 37.50 -51.97
CA SER D 7 -6.18 38.45 -53.07
C SER D 7 -4.85 38.56 -53.78
N GLY D 8 -4.89 39.07 -55.01
CA GLY D 8 -3.70 39.42 -55.75
C GLY D 8 -3.34 38.55 -56.93
N GLY D 9 -4.21 37.62 -57.33
CA GLY D 9 -3.94 36.76 -58.46
C GLY D 9 -4.39 37.37 -59.77
N GLY D 10 -4.28 36.56 -60.82
CA GLY D 10 -4.74 36.97 -62.14
C GLY D 10 -3.81 36.48 -63.22
N LEU D 11 -3.88 37.16 -64.37
CA LEU D 11 -3.11 36.83 -65.56
C LEU D 11 -1.88 37.73 -65.62
N VAL D 12 -0.72 37.14 -65.91
CA VAL D 12 0.51 37.91 -66.03
C VAL D 12 1.41 37.21 -67.05
N GLN D 13 2.08 38.01 -67.88
CA GLN D 13 2.96 37.46 -68.88
C GLN D 13 4.21 36.85 -68.23
N ALA D 14 4.92 36.05 -69.01
CA ALA D 14 6.12 35.38 -68.51
C ALA D 14 7.17 36.40 -68.07
N GLY D 15 7.80 36.13 -66.94
CA GLY D 15 8.79 37.02 -66.37
C GLY D 15 8.23 38.13 -65.51
N GLY D 16 6.91 38.19 -65.33
CA GLY D 16 6.29 39.21 -64.53
C GLY D 16 6.32 38.89 -63.05
N SER D 17 5.64 39.74 -62.29
CA SER D 17 5.59 39.60 -60.84
C SER D 17 4.14 39.73 -60.39
N LEU D 18 3.79 38.96 -59.37
CA LEU D 18 2.44 39.03 -58.80
C LEU D 18 2.55 39.23 -57.30
N ARG D 19 1.43 39.61 -56.69
CA ARG D 19 1.42 40.08 -55.30
C ARG D 19 0.20 39.50 -54.60
N LEU D 20 0.34 38.32 -54.01
CA LEU D 20 -0.77 37.73 -53.26
C LEU D 20 -0.68 38.14 -51.79
N SER D 21 -1.83 38.13 -51.13
CA SER D 21 -1.90 38.39 -49.70
C SER D 21 -3.12 37.69 -49.14
N CYS D 22 -2.97 37.05 -47.98
CA CYS D 22 -4.13 36.60 -47.22
C CYS D 22 -4.06 37.17 -45.81
N ALA D 23 -5.19 37.71 -45.38
CA ALA D 23 -5.37 38.26 -44.04
C ALA D 23 -6.32 37.34 -43.27
N ALA D 24 -5.92 36.93 -42.07
CA ALA D 24 -6.69 35.99 -41.27
C ALA D 24 -7.49 36.75 -40.22
N SER D 25 -8.76 36.38 -40.06
CA SER D 25 -9.62 36.94 -39.04
C SER D 25 -10.38 35.80 -38.35
N GLY D 26 -10.73 36.02 -37.08
CA GLY D 26 -11.34 35.00 -36.28
C GLY D 26 -10.63 34.80 -34.95
N SER D 27 -10.28 33.55 -34.62
CA SER D 27 -9.63 33.29 -33.34
C SER D 27 -8.14 33.61 -33.41
N ILE D 28 -7.41 32.87 -34.25
CA ILE D 28 -5.98 33.01 -34.49
C ILE D 28 -5.25 33.18 -33.16
N PHE D 29 -5.05 32.09 -32.43
CA PHE D 29 -4.18 32.14 -31.27
C PHE D 29 -2.77 32.53 -31.71
N SER D 30 -2.05 33.21 -30.81
CA SER D 30 -0.77 33.83 -31.15
C SER D 30 0.24 32.85 -31.76
N PRO D 31 0.45 31.64 -31.24
CA PRO D 31 1.43 30.76 -31.92
C PRO D 31 0.88 30.21 -33.23
N ASN D 32 0.81 31.07 -34.24
CA ASN D 32 0.24 30.73 -35.53
C ASN D 32 1.34 30.45 -36.55
N THR D 33 1.06 29.50 -37.45
CA THR D 33 1.95 29.19 -38.56
C THR D 33 1.13 29.23 -39.84
N MET D 34 1.52 30.09 -40.77
CA MET D 34 0.78 30.27 -42.02
C MET D 34 1.69 29.98 -43.20
N GLY D 35 1.18 29.20 -44.15
CA GLY D 35 1.93 28.84 -45.34
C GLY D 35 1.09 28.99 -46.59
N TRP D 36 1.69 28.64 -47.71
CA TRP D 36 1.05 28.66 -49.01
C TRP D 36 1.29 27.33 -49.71
N PHE D 37 0.26 26.88 -50.44
CA PHE D 37 0.26 25.63 -51.18
C PHE D 37 -0.17 25.90 -52.61
N ARG D 38 0.34 25.08 -53.52
CA ARG D 38 0.08 25.18 -54.95
C ARG D 38 -0.73 23.98 -55.41
N GLN D 39 -1.69 24.21 -56.31
CA GLN D 39 -2.45 23.11 -56.88
C GLN D 39 -2.84 23.47 -58.31
N ALA D 40 -2.44 22.64 -59.27
CA ALA D 40 -2.82 22.81 -60.65
C ALA D 40 -3.85 21.76 -61.04
N LEU D 41 -4.59 22.06 -62.11
CA LEU D 41 -5.61 21.13 -62.60
C LEU D 41 -4.97 19.81 -63.03
N GLY D 42 -5.27 18.74 -62.31
CA GLY D 42 -4.67 17.45 -62.55
C GLY D 42 -3.58 17.05 -61.57
N LYS D 43 -3.06 18.00 -60.80
CA LYS D 43 -2.05 17.71 -59.78
C LYS D 43 -2.60 18.07 -58.41
N GLN D 44 -1.97 17.49 -57.39
CA GLN D 44 -2.45 17.58 -56.02
C GLN D 44 -1.95 18.87 -55.37
N ARG D 45 -2.21 19.02 -54.07
CA ARG D 45 -1.75 20.19 -53.33
C ARG D 45 -0.25 20.11 -53.11
N GLU D 46 0.50 21.07 -53.65
CA GLU D 46 1.93 21.15 -53.50
C GLU D 46 2.28 22.34 -52.62
N GLY D 47 3.00 22.09 -51.53
CA GLY D 47 3.42 23.15 -50.64
C GLY D 47 4.30 24.18 -51.31
N VAL D 48 3.95 25.45 -51.18
CA VAL D 48 4.75 26.55 -51.73
C VAL D 48 5.75 27.06 -50.71
N ALA D 49 5.28 27.38 -49.51
CA ALA D 49 6.15 27.98 -48.50
C ALA D 49 5.45 27.98 -47.15
N PHE D 50 6.19 28.37 -46.12
CA PHE D 50 5.65 28.47 -44.76
C PHE D 50 6.39 29.56 -43.99
N ILE D 51 5.69 30.15 -43.03
CA ILE D 51 6.30 30.98 -42.00
C ILE D 51 5.63 30.67 -40.68
N SER D 52 6.41 30.60 -39.61
CA SER D 52 5.90 30.39 -38.28
C SER D 52 5.81 31.71 -37.54
N SER D 53 5.39 31.65 -36.26
CA SER D 53 5.36 32.83 -35.43
C SER D 53 6.77 33.36 -35.14
N ILE D 54 7.80 32.54 -35.35
CA ILE D 54 9.18 32.99 -35.20
C ILE D 54 9.65 33.83 -36.38
N ALA D 55 8.78 34.05 -37.37
CA ALA D 55 9.05 34.79 -38.60
C ALA D 55 10.04 34.09 -39.51
N SER D 56 10.38 32.84 -39.22
CA SER D 56 11.27 32.08 -40.10
C SER D 56 10.56 31.72 -41.39
N THR D 57 11.26 31.88 -42.51
CA THR D 57 10.72 31.60 -43.83
C THR D 57 11.27 30.28 -44.33
N SER D 58 10.38 29.41 -44.83
CA SER D 58 10.77 28.13 -45.41
C SER D 58 10.16 28.03 -46.80
N TYR D 59 10.98 27.63 -47.78
CA TYR D 59 10.57 27.54 -49.16
C TYR D 59 10.93 26.17 -49.74
N TRP D 60 10.18 25.76 -50.76
CA TRP D 60 10.36 24.46 -51.38
C TRP D 60 11.30 24.56 -52.59
N LEU D 61 11.68 23.38 -53.10
CA LEU D 61 12.66 23.31 -54.18
C LEU D 61 12.22 23.93 -55.50
N PRO D 62 11.01 23.69 -56.02
CA PRO D 62 10.69 24.19 -57.36
C PRO D 62 10.71 25.70 -57.49
N VAL D 63 10.69 26.43 -56.37
CA VAL D 63 10.55 27.88 -56.40
C VAL D 63 11.72 28.57 -55.72
N LYS D 64 12.90 27.96 -55.80
CA LYS D 64 14.09 28.47 -55.12
C LYS D 64 14.36 29.94 -55.47
N GLY D 65 14.32 30.78 -54.45
CA GLY D 65 14.72 32.17 -54.59
C GLY D 65 13.87 32.99 -55.53
N ARG D 66 12.64 32.57 -55.79
CA ARG D 66 11.76 33.29 -56.70
C ARG D 66 10.48 33.80 -56.05
N PHE D 67 10.06 33.22 -54.93
CA PHE D 67 8.91 33.71 -54.18
C PHE D 67 9.36 34.09 -52.77
N THR D 68 8.77 35.16 -52.23
CA THR D 68 9.15 35.66 -50.92
C THR D 68 7.91 35.87 -50.07
N ILE D 69 8.12 35.92 -48.75
CA ILE D 69 7.03 36.12 -47.79
C ILE D 69 7.38 37.28 -46.87
N THR D 70 6.39 38.13 -46.61
CA THR D 70 6.46 39.15 -45.57
C THR D 70 5.29 38.97 -44.62
N ARG D 71 5.53 39.24 -43.34
CA ARG D 71 4.55 39.04 -42.28
C ARG D 71 4.28 40.38 -41.60
N ASP D 72 3.00 40.69 -41.40
CA ASP D 72 2.59 41.88 -40.66
C ASP D 72 2.11 41.45 -39.28
N ASN D 73 2.84 41.88 -38.24
CA ASN D 73 2.43 41.59 -36.88
C ASN D 73 1.30 42.47 -36.40
N THR D 74 1.25 43.74 -36.87
CA THR D 74 0.19 44.64 -36.45
C THR D 74 -1.18 44.12 -36.88
N LYS D 75 -1.34 43.81 -38.16
CA LYS D 75 -2.55 43.18 -38.65
C LYS D 75 -2.42 41.66 -38.76
N ASN D 76 -1.23 41.12 -38.49
CA ASN D 76 -1.02 39.67 -38.49
C ASN D 76 -1.41 39.03 -39.82
N THR D 77 -0.98 39.65 -40.91
CA THR D 77 -1.35 39.22 -42.25
C THR D 77 -0.12 38.66 -42.96
N VAL D 78 -0.35 37.94 -44.06
CA VAL D 78 0.75 37.32 -44.79
C VAL D 78 0.70 37.81 -46.23
N HIS D 79 1.85 38.27 -46.73
CA HIS D 79 2.00 38.80 -48.07
C HIS D 79 3.03 37.95 -48.80
N LEU D 80 2.62 37.33 -49.90
CA LEU D 80 3.50 36.52 -50.72
C LEU D 80 3.78 37.27 -52.01
N GLN D 81 5.05 37.35 -52.39
CA GLN D 81 5.47 38.06 -53.60
C GLN D 81 6.03 37.05 -54.59
N MET D 82 5.50 37.06 -55.82
CA MET D 82 5.98 36.24 -56.92
C MET D 82 6.87 37.09 -57.83
N ASN D 83 8.10 36.65 -58.05
CA ASN D 83 9.02 37.27 -58.97
C ASN D 83 9.64 36.21 -59.86
N SER D 84 9.98 36.61 -61.08
CA SER D 84 10.52 35.70 -62.10
C SER D 84 9.57 34.52 -62.33
N LEU D 85 8.36 34.85 -62.79
CA LEU D 85 7.33 33.85 -63.01
C LEU D 85 7.58 33.09 -64.31
N ILE D 86 7.22 31.81 -64.29
CA ILE D 86 7.35 30.92 -65.44
C ILE D 86 6.08 30.10 -65.58
N PRO D 87 5.79 29.59 -66.78
CA PRO D 87 4.53 28.87 -66.99
C PRO D 87 4.36 27.64 -66.11
N GLU D 88 5.44 27.09 -65.57
CA GLU D 88 5.32 25.98 -64.63
C GLU D 88 4.57 26.39 -63.36
N ASP D 89 4.55 27.68 -63.04
CA ASP D 89 3.85 28.20 -61.87
C ASP D 89 2.35 28.37 -62.09
N THR D 90 1.81 27.88 -63.20
CA THR D 90 0.39 28.02 -63.49
C THR D 90 -0.45 27.11 -62.62
N ALA D 91 -0.95 27.64 -61.49
CA ALA D 91 -1.72 26.86 -60.54
C ALA D 91 -2.37 27.80 -59.54
N VAL D 92 -3.50 27.36 -58.98
CA VAL D 92 -4.17 28.15 -57.96
C VAL D 92 -3.50 27.91 -56.62
N TYR D 93 -3.39 28.97 -55.83
CA TYR D 93 -2.69 28.93 -54.54
C TYR D 93 -3.67 29.08 -53.39
N TYR D 94 -3.43 28.31 -52.33
CA TYR D 94 -4.22 28.33 -51.10
C TYR D 94 -3.30 28.56 -49.92
N CYS D 95 -3.59 29.55 -49.10
CA CYS D 95 -2.78 29.77 -47.90
C CYS D 95 -3.48 29.13 -46.72
N TYR D 96 -2.69 28.50 -45.86
CA TYR D 96 -3.20 27.60 -44.84
C TYR D 96 -2.64 28.02 -43.48
N ALA D 97 -3.53 28.16 -42.49
CA ALA D 97 -3.13 28.53 -41.14
C ALA D 97 -3.09 27.29 -40.26
N VAL D 98 -1.91 26.97 -39.75
CA VAL D 98 -1.77 25.80 -38.89
C VAL D 98 -2.50 26.01 -37.56
N ASP D 99 -2.26 27.16 -36.93
CA ASP D 99 -2.88 27.54 -35.65
C ASP D 99 -2.59 26.45 -34.61
N LYS D 100 -3.48 26.29 -33.64
CA LYS D 100 -3.38 25.23 -32.63
C LYS D 100 -4.58 24.30 -32.66
N SER D 101 -5.56 24.56 -33.52
CA SER D 101 -6.85 23.88 -33.50
C SER D 101 -7.26 23.64 -34.95
N GLN D 102 -8.55 23.38 -35.15
CA GLN D 102 -9.15 23.17 -36.46
C GLN D 102 -8.53 24.09 -37.51
N ASP D 103 -8.11 23.50 -38.62
CA ASP D 103 -7.38 24.21 -39.66
C ASP D 103 -8.33 24.80 -40.70
N TYR D 104 -7.98 25.99 -41.17
CA TYR D 104 -8.80 26.74 -42.12
C TYR D 104 -8.03 26.92 -43.42
N TRP D 105 -8.71 26.72 -44.54
CA TRP D 105 -8.12 26.85 -45.86
C TRP D 105 -8.77 28.01 -46.63
N GLY D 106 -8.27 28.25 -47.83
CA GLY D 106 -8.68 29.40 -48.62
C GLY D 106 -9.63 29.04 -49.76
N GLN D 107 -10.05 30.08 -50.47
CA GLN D 107 -10.89 29.95 -51.64
C GLN D 107 -10.11 29.91 -52.94
N GLY D 108 -8.82 30.17 -52.90
CA GLY D 108 -7.98 30.04 -54.08
C GLY D 108 -7.73 31.39 -54.74
N THR D 109 -6.58 31.48 -55.42
CA THR D 109 -6.21 32.67 -56.18
C THR D 109 -5.69 32.21 -57.53
N GLN D 110 -6.26 32.75 -58.61
CA GLN D 110 -5.90 32.36 -59.96
C GLN D 110 -4.61 33.06 -60.37
N VAL D 111 -3.58 32.28 -60.65
CA VAL D 111 -2.30 32.78 -61.13
C VAL D 111 -1.99 32.09 -62.45
N THR D 112 -1.94 32.87 -63.53
CA THR D 112 -1.66 32.33 -64.86
C THR D 112 -0.46 33.05 -65.46
N VAL D 113 0.48 32.26 -65.97
CA VAL D 113 1.69 32.78 -66.61
C VAL D 113 1.88 31.99 -67.91
N SER D 114 1.70 32.65 -69.04
CA SER D 114 1.86 31.98 -70.33
C SER D 114 2.12 33.03 -71.40
N SER D 115 2.78 32.60 -72.47
CA SER D 115 3.10 33.49 -73.59
C SER D 115 2.87 32.77 -74.92
N GLN E 1 48.55 17.46 26.46
CA GLN E 1 49.41 17.55 25.28
C GLN E 1 50.62 16.65 25.46
N VAL E 2 50.78 15.69 24.57
CA VAL E 2 51.88 14.71 24.66
C VAL E 2 52.98 15.08 23.66
N GLN E 3 54.22 14.79 24.04
CA GLN E 3 55.38 15.04 23.20
C GLN E 3 56.12 13.73 22.95
N LEU E 4 56.36 13.43 21.69
CA LEU E 4 57.07 12.21 21.29
C LEU E 4 58.45 12.62 20.75
N GLN E 5 59.45 12.55 21.62
CA GLN E 5 60.80 12.93 21.22
C GLN E 5 61.43 11.79 20.43
N GLU E 6 62.03 12.14 19.28
CA GLU E 6 62.67 11.19 18.38
C GLU E 6 64.16 11.53 18.30
N SER E 7 65.01 10.51 18.33
CA SER E 7 66.45 10.76 18.24
C SER E 7 67.15 9.56 17.64
N GLY E 8 68.36 9.80 17.12
CA GLY E 8 69.25 8.74 16.70
C GLY E 8 69.37 8.51 15.21
N GLY E 9 68.85 9.40 14.36
CA GLY E 9 68.90 9.22 12.92
C GLY E 9 70.12 9.87 12.30
N GLY E 10 70.19 9.78 10.96
CA GLY E 10 71.26 10.40 10.23
C GLY E 10 71.84 9.58 9.09
N LEU E 11 73.08 9.88 8.73
CA LEU E 11 73.78 9.23 7.62
C LEU E 11 74.61 8.08 8.15
N VAL E 12 74.42 6.88 7.59
CA VAL E 12 75.24 5.72 7.92
C VAL E 12 75.57 4.98 6.64
N GLN E 13 76.80 4.48 6.54
CA GLN E 13 77.19 3.69 5.38
C GLN E 13 76.53 2.31 5.40
N ALA E 14 76.66 1.59 4.29
CA ALA E 14 76.05 0.27 4.17
C ALA E 14 76.64 -0.69 5.20
N GLY E 15 75.76 -1.47 5.82
CA GLY E 15 76.17 -2.42 6.84
C GLY E 15 76.39 -1.83 8.22
N GLY E 16 76.02 -0.58 8.43
CA GLY E 16 76.22 0.07 9.71
C GLY E 16 75.15 -0.28 10.72
N SER E 17 75.12 0.51 11.80
CA SER E 17 74.15 0.29 12.87
C SER E 17 73.83 1.62 13.53
N LEU E 18 72.62 1.72 14.06
CA LEU E 18 72.19 2.91 14.79
C LEU E 18 71.10 2.52 15.78
N ARG E 19 70.65 3.51 16.56
CA ARG E 19 69.70 3.27 17.66
C ARG E 19 68.72 4.43 17.62
N LEU E 20 67.54 4.20 17.06
CA LEU E 20 66.45 5.17 17.12
C LEU E 20 65.78 5.10 18.47
N SER E 21 65.33 6.26 18.97
CA SER E 21 64.74 6.32 20.30
C SER E 21 63.53 7.25 20.27
N CYS E 22 62.40 6.77 20.81
CA CYS E 22 61.20 7.58 20.96
C CYS E 22 60.76 7.54 22.42
N ALA E 23 60.68 8.72 23.02
CA ALA E 23 60.20 8.87 24.40
C ALA E 23 58.91 9.66 24.38
N ALA E 24 57.86 9.10 25.00
CA ALA E 24 56.54 9.71 25.01
C ALA E 24 56.29 10.30 26.38
N SER E 25 56.26 11.64 26.45
CA SER E 25 55.91 12.36 27.66
C SER E 25 54.53 12.99 27.49
N GLY E 26 53.93 13.38 28.62
CA GLY E 26 52.62 14.00 28.59
C GLY E 26 51.53 13.13 29.16
N SER E 27 50.48 12.89 28.38
CA SER E 27 49.39 12.04 28.85
C SER E 27 49.78 10.57 28.79
N ILE E 28 50.03 10.06 27.57
CA ILE E 28 50.50 8.69 27.32
C ILE E 28 49.89 7.70 28.30
N PHE E 29 48.57 7.55 28.23
CA PHE E 29 47.82 6.83 29.26
C PHE E 29 48.30 5.38 29.38
N SER E 30 47.86 4.73 30.45
CA SER E 30 48.45 3.45 30.85
C SER E 30 48.38 2.37 29.78
N PRO E 31 47.23 2.09 29.13
CA PRO E 31 47.19 1.01 28.13
C PRO E 31 47.69 1.48 26.77
N ASN E 32 48.97 1.87 26.72
CA ASN E 32 49.56 2.39 25.51
C ASN E 32 50.17 1.28 24.67
N THR E 33 50.26 1.53 23.36
CA THR E 33 51.00 0.69 22.43
C THR E 33 51.85 1.60 21.56
N MET E 34 53.14 1.30 21.46
CA MET E 34 54.10 2.15 20.78
C MET E 34 54.54 1.49 19.48
N GLY E 35 54.43 2.22 18.37
CA GLY E 35 54.78 1.67 17.08
C GLY E 35 55.74 2.57 16.32
N TRP E 36 56.25 2.03 15.22
CA TRP E 36 57.12 2.75 14.30
C TRP E 36 56.60 2.55 12.90
N PHE E 37 56.40 3.66 12.20
CA PHE E 37 56.02 3.74 10.79
C PHE E 37 57.18 4.28 9.97
N ARG E 38 57.24 3.81 8.72
CA ARG E 38 58.26 4.22 7.77
C ARG E 38 57.61 5.00 6.63
N GLN E 39 58.32 6.03 6.17
CA GLN E 39 57.89 6.89 5.07
C GLN E 39 59.03 6.99 4.07
N ALA E 40 58.89 6.28 2.94
CA ALA E 40 59.84 6.39 1.86
C ALA E 40 59.66 7.72 1.14
N LEU E 41 60.69 8.13 0.41
CA LEU E 41 60.68 9.42 -0.28
C LEU E 41 59.53 9.48 -1.28
N GLY E 42 58.53 10.31 -0.98
CA GLY E 42 57.38 10.47 -1.86
C GLY E 42 56.56 9.22 -2.09
N LYS E 43 56.45 8.37 -1.06
CA LYS E 43 55.70 7.12 -1.20
C LYS E 43 54.69 6.93 -0.07
N GLN E 44 54.03 5.77 -0.06
CA GLN E 44 53.07 5.39 0.95
C GLN E 44 53.79 5.13 2.29
N ARG E 45 53.08 5.39 3.38
CA ARG E 45 53.60 5.17 4.72
C ARG E 45 53.19 3.77 5.16
N GLU E 46 54.18 2.88 5.28
CA GLU E 46 54.00 1.56 5.85
C GLU E 46 54.57 1.51 7.26
N GLY E 47 54.25 0.43 7.97
CA GLY E 47 54.60 0.30 9.37
C GLY E 47 55.86 -0.49 9.60
N VAL E 48 56.79 0.09 10.35
CA VAL E 48 58.03 -0.62 10.69
C VAL E 48 57.72 -1.78 11.63
N ALA E 49 57.23 -1.47 12.83
CA ALA E 49 56.93 -2.51 13.80
C ALA E 49 56.29 -1.91 15.04
N PHE E 50 55.48 -2.70 15.74
CA PHE E 50 54.78 -2.22 16.93
C PHE E 50 55.14 -3.10 18.13
N ILE E 51 55.34 -2.47 19.28
CA ILE E 51 55.48 -3.14 20.56
C ILE E 51 54.33 -2.70 21.45
N SER E 52 53.76 -3.66 22.17
CA SER E 52 52.64 -3.41 23.06
C SER E 52 53.14 -3.25 24.50
N SER E 53 52.22 -3.03 25.42
CA SER E 53 52.54 -2.84 26.82
C SER E 53 52.71 -4.15 27.58
N ILE E 54 52.43 -5.28 26.94
CA ILE E 54 52.59 -6.59 27.57
C ILE E 54 53.75 -7.30 26.90
N ALA E 55 54.69 -6.50 26.35
CA ALA E 55 55.92 -6.95 25.71
C ALA E 55 55.68 -7.71 24.41
N SER E 56 54.44 -7.85 23.97
CA SER E 56 54.17 -8.52 22.70
C SER E 56 54.61 -7.64 21.53
N THR E 57 55.29 -8.25 20.56
CA THR E 57 55.82 -7.54 19.41
C THR E 57 55.14 -8.01 18.14
N SER E 58 54.82 -7.07 17.24
CA SER E 58 54.19 -7.35 15.96
C SER E 58 54.95 -6.57 14.90
N TYR E 59 55.80 -7.26 14.14
CA TYR E 59 56.54 -6.64 13.05
C TYR E 59 55.71 -6.75 11.78
N TRP E 60 55.53 -5.62 11.08
CA TRP E 60 54.72 -5.58 9.87
C TRP E 60 55.56 -5.71 8.60
N LEU E 61 56.69 -6.40 8.67
CA LEU E 61 57.57 -6.60 7.53
C LEU E 61 58.37 -7.87 7.76
N PRO E 62 58.68 -8.63 6.70
CA PRO E 62 59.57 -9.79 6.86
C PRO E 62 60.99 -9.33 7.16
N VAL E 63 61.17 -8.74 8.35
CA VAL E 63 62.33 -7.90 8.62
C VAL E 63 62.95 -8.30 9.96
N LYS E 64 62.47 -9.40 10.54
CA LYS E 64 62.98 -9.84 11.84
C LYS E 64 64.49 -10.00 11.81
N GLY E 65 65.15 -9.56 12.88
CA GLY E 65 66.59 -9.50 12.90
C GLY E 65 67.13 -8.12 12.59
N ARG E 66 66.55 -7.45 11.59
CA ARG E 66 66.97 -6.11 11.22
C ARG E 66 66.60 -5.10 12.30
N PHE E 67 65.31 -4.93 12.57
CA PHE E 67 64.91 -4.09 13.69
C PHE E 67 64.78 -4.95 14.94
N THR E 68 65.26 -4.43 16.06
CA THR E 68 64.97 -5.06 17.35
C THR E 68 64.41 -4.00 18.29
N ILE E 69 63.35 -4.36 19.01
CA ILE E 69 62.62 -3.41 19.84
C ILE E 69 62.95 -3.66 21.30
N THR E 70 63.33 -2.61 22.02
CA THR E 70 63.58 -2.66 23.45
C THR E 70 62.68 -1.65 24.15
N ARG E 71 62.20 -2.02 25.33
CA ARG E 71 61.24 -1.24 26.09
C ARG E 71 61.87 -0.75 27.38
N ASP E 72 61.49 0.46 27.81
CA ASP E 72 61.91 1.02 29.08
C ASP E 72 60.62 1.29 29.87
N ASN E 73 60.33 0.40 30.82
CA ASN E 73 59.11 0.53 31.61
C ASN E 73 59.24 1.63 32.66
N THR E 74 60.45 1.84 33.18
CA THR E 74 60.65 2.88 34.18
C THR E 74 60.32 4.26 33.61
N LYS E 75 60.76 4.53 32.38
CA LYS E 75 60.47 5.78 31.71
C LYS E 75 59.46 5.63 30.57
N ASN E 76 59.04 4.39 30.27
CA ASN E 76 58.03 4.12 29.25
C ASN E 76 58.46 4.65 27.88
N THR E 77 59.68 4.29 27.48
CA THR E 77 60.23 4.71 26.19
C THR E 77 60.49 3.47 25.33
N VAL E 78 60.66 3.70 24.02
CA VAL E 78 60.83 2.60 23.08
C VAL E 78 62.04 2.88 22.20
N HIS E 79 62.90 1.87 22.08
CA HIS E 79 64.15 2.00 21.33
C HIS E 79 64.22 0.96 20.24
N LEU E 80 64.55 1.40 19.02
CA LEU E 80 64.70 0.53 17.86
C LEU E 80 66.18 0.42 17.53
N GLN E 81 66.71 -0.80 17.61
CA GLN E 81 68.09 -1.07 17.22
C GLN E 81 68.11 -1.48 15.76
N MET E 82 68.90 -0.76 14.97
CA MET E 82 69.02 -0.91 13.53
C MET E 82 70.38 -1.50 13.23
N ASN E 83 70.42 -2.66 12.58
CA ASN E 83 71.66 -3.33 12.25
C ASN E 83 71.59 -3.91 10.84
N SER E 84 72.78 -4.08 10.25
CA SER E 84 72.92 -4.66 8.90
C SER E 84 72.10 -3.87 7.88
N LEU E 85 72.45 -2.59 7.75
CA LEU E 85 71.67 -1.69 6.92
C LEU E 85 71.84 -1.99 5.45
N ILE E 86 70.73 -1.92 4.71
CA ILE E 86 70.70 -2.10 3.26
C ILE E 86 70.01 -0.88 2.66
N PRO E 87 70.32 -0.49 1.41
CA PRO E 87 69.82 0.80 0.89
C PRO E 87 68.31 0.90 0.77
N GLU E 88 67.58 -0.21 0.77
CA GLU E 88 66.13 -0.17 0.59
C GLU E 88 65.36 0.27 1.83
N ASP E 89 66.03 0.46 2.97
CA ASP E 89 65.36 1.01 4.15
C ASP E 89 65.59 2.51 4.30
N THR E 90 66.08 3.18 3.25
CA THR E 90 66.33 4.61 3.30
C THR E 90 65.01 5.37 3.30
N ALA E 91 64.51 5.69 4.49
CA ALA E 91 63.21 6.32 4.64
C ALA E 91 63.14 6.99 6.00
N VAL E 92 62.33 8.04 6.09
CA VAL E 92 62.18 8.71 7.38
C VAL E 92 61.29 7.85 8.28
N TYR E 93 61.46 8.00 9.59
CA TYR E 93 60.78 7.15 10.55
C TYR E 93 60.03 7.98 11.57
N TYR E 94 58.79 7.59 11.84
CA TYR E 94 57.98 8.22 12.88
C TYR E 94 57.54 7.17 13.88
N CYS E 95 57.34 7.60 15.12
CA CYS E 95 56.73 6.72 16.11
C CYS E 95 55.29 7.12 16.38
N TYR E 96 54.49 6.11 16.71
CA TYR E 96 53.03 6.20 16.76
C TYR E 96 52.58 5.77 18.15
N ALA E 97 52.03 6.71 18.91
CA ALA E 97 51.56 6.46 20.27
C ALA E 97 50.04 6.41 20.25
N VAL E 98 49.48 5.20 20.23
CA VAL E 98 48.03 5.05 20.16
C VAL E 98 47.39 5.54 21.46
N ASP E 99 48.10 5.44 22.57
CA ASP E 99 47.59 5.80 23.90
C ASP E 99 46.39 4.90 24.14
N LYS E 100 45.22 5.44 24.51
CA LYS E 100 44.02 4.63 24.63
C LYS E 100 42.86 5.29 23.89
N SER E 101 42.88 6.62 23.83
CA SER E 101 41.82 7.39 23.18
C SER E 101 42.31 8.17 21.97
N GLN E 102 43.38 8.96 22.12
CA GLN E 102 43.88 9.83 21.07
C GLN E 102 45.27 9.36 20.67
N ASP E 103 45.37 8.81 19.46
CA ASP E 103 46.67 8.45 18.91
C ASP E 103 47.46 9.69 18.49
N TYR E 104 48.78 9.57 18.53
CA TYR E 104 49.67 10.68 18.21
C TYR E 104 50.66 10.28 17.12
N TRP E 105 51.57 11.20 16.80
CA TRP E 105 52.59 10.97 15.80
C TRP E 105 53.86 11.69 16.22
N GLY E 106 55.00 11.24 15.68
CA GLY E 106 56.27 11.84 15.98
C GLY E 106 56.57 13.05 15.09
N GLN E 107 57.79 13.57 15.24
CA GLN E 107 58.22 14.68 14.39
C GLN E 107 58.96 14.19 13.16
N GLY E 108 59.82 13.19 13.32
CA GLY E 108 60.53 12.63 12.18
C GLY E 108 62.02 12.50 12.38
N THR E 109 62.60 11.41 11.89
CA THR E 109 64.04 11.19 11.93
C THR E 109 64.50 10.76 10.56
N GLN E 110 65.56 11.40 10.06
CA GLN E 110 66.12 11.07 8.76
C GLN E 110 67.11 9.92 8.92
N VAL E 111 66.80 8.78 8.32
CA VAL E 111 67.68 7.63 8.29
C VAL E 111 68.09 7.43 6.83
N THR E 112 69.39 7.49 6.56
CA THR E 112 69.88 7.37 5.20
C THR E 112 71.09 6.44 5.17
N VAL E 113 71.10 5.55 4.17
CA VAL E 113 72.19 4.61 3.97
C VAL E 113 72.46 4.51 2.48
N SER E 114 73.73 4.57 2.09
CA SER E 114 74.12 4.50 0.69
C SER E 114 75.61 4.19 0.64
N SER E 115 76.06 3.80 -0.55
CA SER E 115 77.48 3.49 -0.76
C SER E 115 77.85 3.66 -2.23
N GLN F 1 -5.79 -36.83 -17.46
CA GLN F 1 -5.05 -36.16 -18.52
C GLN F 1 -5.86 -36.19 -19.80
N VAL F 2 -6.05 -35.03 -20.42
CA VAL F 2 -6.94 -34.87 -21.57
C VAL F 2 -6.13 -34.59 -22.82
N GLN F 3 -6.42 -35.34 -23.88
CA GLN F 3 -5.84 -35.12 -25.19
C GLN F 3 -6.93 -34.63 -26.13
N LEU F 4 -6.65 -33.52 -26.83
CA LEU F 4 -7.56 -32.97 -27.82
C LEU F 4 -6.93 -33.21 -29.19
N GLN F 5 -7.60 -33.98 -30.03
CA GLN F 5 -7.14 -34.23 -31.39
C GLN F 5 -7.79 -33.22 -32.32
N GLU F 6 -6.99 -32.52 -33.10
CA GLU F 6 -7.47 -31.60 -34.13
C GLU F 6 -7.09 -32.15 -35.49
N SER F 7 -7.97 -31.95 -36.47
CA SER F 7 -7.68 -32.39 -37.82
C SER F 7 -8.44 -31.52 -38.83
N GLY F 8 -7.90 -31.47 -40.04
CA GLY F 8 -8.58 -30.86 -41.16
C GLY F 8 -7.99 -29.58 -41.72
N GLY F 9 -6.80 -29.16 -41.28
CA GLY F 9 -6.22 -27.89 -41.69
C GLY F 9 -5.39 -28.01 -42.96
N GLY F 10 -4.85 -26.87 -43.38
CA GLY F 10 -3.95 -26.85 -44.52
C GLY F 10 -4.13 -25.69 -45.49
N LEU F 11 -3.69 -25.91 -46.73
CA LEU F 11 -3.74 -24.89 -47.78
C LEU F 11 -5.01 -25.07 -48.60
N VAL F 12 -5.79 -24.00 -48.75
CA VAL F 12 -6.95 -24.02 -49.63
C VAL F 12 -7.02 -22.67 -50.35
N GLN F 13 -7.39 -22.70 -51.63
CA GLN F 13 -7.54 -21.47 -52.39
C GLN F 13 -8.76 -20.68 -51.90
N ALA F 14 -8.91 -19.48 -52.45
CA ALA F 14 -10.00 -18.61 -52.05
C ALA F 14 -11.36 -19.24 -52.36
N GLY F 15 -12.32 -19.02 -51.47
CA GLY F 15 -13.66 -19.53 -51.67
C GLY F 15 -13.81 -21.02 -51.47
N GLY F 16 -12.84 -21.68 -50.88
CA GLY F 16 -12.85 -23.12 -50.71
C GLY F 16 -13.71 -23.56 -49.55
N SER F 17 -13.47 -24.80 -49.12
CA SER F 17 -14.21 -25.39 -48.02
C SER F 17 -13.35 -26.46 -47.35
N LEU F 18 -13.56 -26.66 -46.06
CA LEU F 18 -12.89 -27.71 -45.31
C LEU F 18 -13.68 -27.99 -44.03
N ARG F 19 -13.16 -28.93 -43.24
CA ARG F 19 -13.86 -29.36 -42.03
C ARG F 19 -12.84 -29.60 -40.93
N LEU F 20 -12.73 -28.65 -40.01
CA LEU F 20 -11.92 -28.84 -38.82
C LEU F 20 -12.68 -29.72 -37.83
N SER F 21 -11.95 -30.48 -37.03
CA SER F 21 -12.57 -31.39 -36.08
C SER F 21 -11.69 -31.55 -34.87
N CYS F 22 -12.28 -31.42 -33.68
CA CYS F 22 -11.59 -31.67 -32.42
C CYS F 22 -12.35 -32.72 -31.62
N ALA F 23 -11.63 -33.75 -31.20
CA ALA F 23 -12.16 -34.83 -30.38
C ALA F 23 -11.40 -34.85 -29.06
N ALA F 24 -12.14 -34.87 -27.95
CA ALA F 24 -11.53 -34.81 -26.62
C ALA F 24 -11.60 -36.19 -25.99
N SER F 25 -10.44 -36.75 -25.64
CA SER F 25 -10.37 -38.02 -24.93
C SER F 25 -9.64 -37.83 -23.60
N GLY F 26 -10.03 -38.65 -22.62
CA GLY F 26 -9.47 -38.53 -21.30
C GLY F 26 -10.54 -38.36 -20.24
N SER F 27 -10.38 -37.37 -19.35
CA SER F 27 -11.35 -37.18 -18.29
C SER F 27 -12.59 -36.46 -18.82
N ILE F 28 -12.43 -35.21 -19.24
CA ILE F 28 -13.45 -34.41 -19.93
C ILE F 28 -14.85 -34.67 -19.37
N PHE F 29 -15.12 -34.14 -18.18
CA PHE F 29 -16.34 -34.43 -17.46
C PHE F 29 -17.58 -34.00 -18.26
N SER F 30 -18.74 -34.44 -17.78
CA SER F 30 -19.94 -34.44 -18.61
C SER F 30 -20.42 -33.06 -19.04
N PRO F 31 -20.59 -32.05 -18.16
CA PRO F 31 -21.24 -30.81 -18.60
C PRO F 31 -20.27 -29.85 -19.28
N ASN F 32 -19.55 -30.36 -20.27
CA ASN F 32 -18.48 -29.61 -20.88
C ASN F 32 -19.01 -28.56 -21.85
N THR F 33 -18.11 -27.66 -22.26
CA THR F 33 -18.38 -26.69 -23.30
C THR F 33 -17.14 -26.59 -24.19
N MET F 34 -17.31 -26.75 -25.49
CA MET F 34 -16.20 -26.78 -26.42
C MET F 34 -16.23 -25.55 -27.31
N GLY F 35 -15.09 -25.18 -27.86
CA GLY F 35 -15.02 -24.03 -28.73
C GLY F 35 -13.77 -24.01 -29.57
N TRP F 36 -13.68 -22.98 -30.41
CA TRP F 36 -12.54 -22.76 -31.29
C TRP F 36 -12.09 -21.31 -31.16
N PHE F 37 -10.78 -21.13 -30.97
CA PHE F 37 -10.08 -19.86 -30.89
C PHE F 37 -9.16 -19.69 -32.09
N ARG F 38 -9.02 -18.44 -32.51
CA ARG F 38 -8.22 -18.06 -33.67
C ARG F 38 -7.00 -17.25 -33.24
N GLN F 39 -5.85 -17.54 -33.85
CA GLN F 39 -4.60 -16.83 -33.62
C GLN F 39 -4.06 -16.37 -34.96
N ALA F 40 -4.16 -15.07 -35.23
CA ALA F 40 -3.55 -14.51 -36.43
C ALA F 40 -2.05 -14.36 -36.23
N LEU F 41 -1.33 -14.27 -37.35
CA LEU F 41 0.13 -14.27 -37.31
C LEU F 41 0.67 -13.08 -36.55
N GLY F 42 1.20 -13.32 -35.35
CA GLY F 42 1.75 -12.27 -34.51
C GLY F 42 0.74 -11.27 -34.00
N LYS F 43 -0.50 -11.72 -33.76
CA LYS F 43 -1.54 -10.87 -33.19
C LYS F 43 -2.19 -11.54 -31.98
N GLN F 44 -3.27 -10.97 -31.46
CA GLN F 44 -3.95 -11.52 -30.29
C GLN F 44 -4.74 -12.77 -30.68
N ARG F 45 -5.33 -13.41 -29.68
CA ARG F 45 -6.11 -14.63 -29.88
C ARG F 45 -7.58 -14.30 -29.65
N GLU F 46 -8.40 -14.55 -30.65
CA GLU F 46 -9.83 -14.30 -30.54
C GLU F 46 -10.59 -15.62 -30.60
N GLY F 47 -11.81 -15.58 -30.07
CA GLY F 47 -12.64 -16.76 -30.00
C GLY F 47 -13.53 -16.86 -31.21
N VAL F 48 -13.29 -17.88 -32.03
CA VAL F 48 -14.08 -18.06 -33.24
C VAL F 48 -15.51 -18.40 -32.87
N ALA F 49 -15.71 -19.48 -32.10
CA ALA F 49 -17.09 -19.90 -31.86
C ALA F 49 -17.13 -20.92 -30.73
N PHE F 50 -18.28 -20.99 -30.05
CA PHE F 50 -18.43 -21.86 -28.89
C PHE F 50 -19.73 -22.65 -28.99
N ILE F 51 -19.66 -23.94 -28.67
CA ILE F 51 -20.84 -24.78 -28.55
C ILE F 51 -20.86 -25.37 -27.15
N SER F 52 -22.06 -25.45 -26.58
CA SER F 52 -22.26 -25.97 -25.24
C SER F 52 -22.62 -27.45 -25.30
N SER F 53 -22.99 -28.00 -24.15
CA SER F 53 -23.48 -29.37 -24.07
C SER F 53 -24.99 -29.48 -24.25
N ILE F 54 -25.68 -28.34 -24.33
CA ILE F 54 -27.12 -28.33 -24.53
C ILE F 54 -27.38 -27.78 -25.92
N ALA F 55 -26.40 -27.95 -26.81
CA ALA F 55 -26.44 -27.56 -28.22
C ALA F 55 -26.53 -26.05 -28.41
N SER F 56 -26.54 -25.26 -27.34
CA SER F 56 -26.56 -23.81 -27.49
C SER F 56 -25.24 -23.34 -28.08
N THR F 57 -25.32 -22.46 -29.08
CA THR F 57 -24.14 -21.97 -29.77
C THR F 57 -23.99 -20.47 -29.54
N SER F 58 -22.75 -20.03 -29.42
CA SER F 58 -22.41 -18.61 -29.26
C SER F 58 -21.25 -18.31 -30.20
N TYR F 59 -21.55 -17.63 -31.30
CA TYR F 59 -20.52 -17.22 -32.24
C TYR F 59 -20.00 -15.85 -31.81
N TRP F 60 -18.71 -15.76 -31.51
CA TRP F 60 -18.13 -14.52 -31.01
C TRP F 60 -17.65 -13.60 -32.12
N LEU F 61 -18.20 -13.74 -33.32
CA LEU F 61 -17.83 -12.93 -34.48
C LEU F 61 -19.04 -12.87 -35.41
N PRO F 62 -19.26 -11.74 -36.11
CA PRO F 62 -20.44 -11.66 -36.98
C PRO F 62 -20.21 -12.47 -38.25
N VAL F 63 -20.17 -13.79 -38.16
CA VAL F 63 -19.55 -14.53 -39.25
C VAL F 63 -20.41 -15.70 -39.68
N LYS F 64 -21.64 -15.80 -39.15
CA LYS F 64 -22.46 -16.95 -39.49
C LYS F 64 -22.63 -17.11 -41.00
N GLY F 65 -22.80 -18.35 -41.42
CA GLY F 65 -22.71 -18.70 -42.82
C GLY F 65 -21.33 -19.26 -43.14
N ARG F 66 -20.29 -18.62 -42.60
CA ARG F 66 -18.93 -19.06 -42.83
C ARG F 66 -18.54 -20.26 -41.99
N PHE F 67 -18.71 -20.19 -40.67
CA PHE F 67 -18.52 -21.37 -39.85
C PHE F 67 -19.87 -21.97 -39.49
N THR F 68 -19.90 -23.29 -39.38
CA THR F 68 -21.02 -23.97 -38.75
C THR F 68 -20.51 -25.03 -37.79
N ILE F 69 -21.07 -25.08 -36.59
CA ILE F 69 -20.65 -26.03 -35.55
C ILE F 69 -21.62 -27.20 -35.54
N THR F 70 -21.08 -28.41 -35.57
CA THR F 70 -21.84 -29.63 -35.39
C THR F 70 -21.28 -30.40 -34.22
N ARG F 71 -22.17 -31.05 -33.48
CA ARG F 71 -21.83 -31.78 -32.26
C ARG F 71 -22.05 -33.28 -32.47
N ASP F 72 -21.10 -34.08 -32.00
CA ASP F 72 -21.22 -35.55 -32.01
C ASP F 72 -21.34 -35.97 -30.56
N ASN F 73 -22.56 -36.27 -30.13
CA ASN F 73 -22.82 -36.63 -28.73
C ASN F 73 -22.22 -37.98 -28.41
N THR F 74 -22.33 -38.93 -29.34
CA THR F 74 -21.90 -40.31 -29.07
C THR F 74 -20.40 -40.39 -28.80
N LYS F 75 -19.58 -39.66 -29.55
CA LYS F 75 -18.15 -39.56 -29.29
C LYS F 75 -17.74 -38.26 -28.60
N ASN F 76 -18.67 -37.35 -28.36
CA ASN F 76 -18.38 -36.09 -27.66
C ASN F 76 -17.31 -35.29 -28.40
N THR F 77 -17.55 -35.05 -29.69
CA THR F 77 -16.60 -34.32 -30.53
C THR F 77 -17.28 -33.13 -31.18
N VAL F 78 -16.48 -32.23 -31.75
CA VAL F 78 -16.99 -31.01 -32.35
C VAL F 78 -16.38 -30.83 -33.73
N HIS F 79 -17.23 -30.52 -34.71
CA HIS F 79 -16.79 -30.26 -36.08
C HIS F 79 -17.13 -28.83 -36.46
N LEU F 80 -16.16 -28.14 -37.04
CA LEU F 80 -16.35 -26.80 -37.59
C LEU F 80 -16.28 -26.90 -39.10
N GLN F 81 -17.39 -26.60 -39.76
CA GLN F 81 -17.46 -26.62 -41.22
C GLN F 81 -17.12 -25.23 -41.72
N MET F 82 -16.14 -25.18 -42.62
CA MET F 82 -15.54 -23.98 -43.21
C MET F 82 -16.00 -23.87 -44.65
N ASN F 83 -16.69 -22.79 -44.99
CA ASN F 83 -17.09 -22.55 -46.37
C ASN F 83 -16.80 -21.10 -46.76
N SER F 84 -16.64 -20.89 -48.06
CA SER F 84 -16.43 -19.56 -48.63
C SER F 84 -15.26 -18.84 -47.97
N LEU F 85 -14.08 -19.45 -48.09
CA LEU F 85 -12.91 -18.94 -47.40
C LEU F 85 -12.43 -17.64 -48.03
N ILE F 86 -12.06 -16.70 -47.17
CA ILE F 86 -11.57 -15.37 -47.57
C ILE F 86 -10.25 -15.10 -46.86
N PRO F 87 -9.34 -14.35 -47.46
CA PRO F 87 -7.93 -14.36 -47.01
C PRO F 87 -7.69 -13.80 -45.62
N GLU F 88 -8.57 -12.96 -45.10
CA GLU F 88 -8.42 -12.40 -43.75
C GLU F 88 -8.69 -13.43 -42.65
N ASP F 89 -9.12 -14.64 -42.98
CA ASP F 89 -9.23 -15.69 -41.98
C ASP F 89 -8.00 -16.61 -41.93
N THR F 90 -6.92 -16.24 -42.61
CA THR F 90 -5.71 -17.06 -42.62
C THR F 90 -5.01 -16.95 -41.27
N ALA F 91 -5.27 -17.92 -40.39
CA ALA F 91 -4.73 -17.89 -39.04
C ALA F 91 -4.80 -19.30 -38.47
N VAL F 92 -3.98 -19.56 -37.45
CA VAL F 92 -4.00 -20.87 -36.84
C VAL F 92 -5.18 -20.97 -35.88
N TYR F 93 -5.58 -22.20 -35.59
CA TYR F 93 -6.76 -22.45 -34.76
C TYR F 93 -6.44 -23.43 -33.66
N TYR F 94 -6.99 -23.18 -32.48
CA TYR F 94 -6.95 -24.14 -31.40
C TYR F 94 -8.37 -24.42 -30.92
N CYS F 95 -8.59 -25.61 -30.40
CA CYS F 95 -9.87 -25.90 -29.76
C CYS F 95 -9.72 -25.82 -28.25
N TYR F 96 -10.83 -25.48 -27.60
CA TYR F 96 -10.84 -25.06 -26.20
C TYR F 96 -11.92 -25.87 -25.48
N ALA F 97 -11.52 -26.70 -24.53
CA ALA F 97 -12.44 -27.56 -23.80
C ALA F 97 -12.46 -27.10 -22.35
N VAL F 98 -13.58 -26.54 -21.92
CA VAL F 98 -13.61 -25.91 -20.60
C VAL F 98 -13.94 -26.93 -19.52
N ASP F 99 -14.70 -27.97 -19.85
CA ASP F 99 -15.00 -29.11 -18.97
C ASP F 99 -15.71 -28.53 -17.75
N LYS F 100 -15.36 -28.88 -16.53
CA LYS F 100 -16.01 -28.30 -15.36
C LYS F 100 -14.99 -27.85 -14.34
N SER F 101 -13.83 -28.50 -14.33
CA SER F 101 -12.81 -28.23 -13.33
C SER F 101 -11.73 -27.28 -13.81
N GLN F 102 -11.08 -27.60 -14.92
CA GLN F 102 -9.95 -26.84 -15.43
C GLN F 102 -9.90 -26.96 -16.95
N ASP F 103 -9.99 -25.84 -17.64
CA ASP F 103 -10.04 -25.84 -19.09
C ASP F 103 -8.74 -26.37 -19.70
N TYR F 104 -8.77 -26.64 -21.00
CA TYR F 104 -7.64 -27.22 -21.70
C TYR F 104 -7.38 -26.45 -23.00
N TRP F 105 -6.43 -26.95 -23.78
CA TRP F 105 -6.09 -26.33 -25.06
C TRP F 105 -5.60 -27.40 -26.02
N GLY F 106 -5.66 -27.08 -27.31
CA GLY F 106 -5.14 -27.96 -28.33
C GLY F 106 -3.69 -27.66 -28.66
N GLN F 107 -3.20 -28.31 -29.71
CA GLN F 107 -1.82 -28.11 -30.14
C GLN F 107 -1.70 -27.00 -31.18
N GLY F 108 -2.57 -26.99 -32.18
CA GLY F 108 -2.52 -25.99 -33.22
C GLY F 108 -2.65 -26.55 -34.62
N THR F 109 -3.34 -25.82 -35.48
CA THR F 109 -3.53 -26.24 -36.87
C THR F 109 -3.34 -25.04 -37.78
N GLN F 110 -2.69 -25.26 -38.91
CA GLN F 110 -2.44 -24.21 -39.89
C GLN F 110 -3.57 -24.17 -40.90
N VAL F 111 -4.27 -23.05 -40.98
CA VAL F 111 -5.32 -22.82 -41.96
C VAL F 111 -4.88 -21.65 -42.82
N THR F 112 -4.80 -21.88 -44.13
CA THR F 112 -4.28 -20.87 -45.03
C THR F 112 -5.15 -20.77 -46.27
N VAL F 113 -5.45 -19.53 -46.67
CA VAL F 113 -6.20 -19.26 -47.88
C VAL F 113 -5.59 -18.04 -48.55
N SER F 114 -5.38 -18.15 -49.86
CA SER F 114 -4.73 -17.08 -50.63
C SER F 114 -5.02 -17.32 -52.11
N SER F 115 -4.74 -16.30 -52.91
CA SER F 115 -4.93 -16.38 -54.36
C SER F 115 -4.04 -15.36 -55.07
#